data_1G0R
#
_entry.id   1G0R
#
_cell.length_a   71.274
_cell.length_b   73.084
_cell.length_c   133.652
_cell.angle_alpha   89.98
_cell.angle_beta   81.42
_cell.angle_gamma   81.56
#
_symmetry.space_group_name_H-M   'P 1'
#
loop_
_entity.id
_entity.type
_entity.pdbx_description
1 polymer 'GLUCOSE-1-PHOSPHATE THYMIDYLYLTRANSFERASE'
2 non-polymer 1-O-phosphono-alpha-D-glucopyranose
3 non-polymer 'SULFATE ION'
4 non-polymer THYMIDINE
5 water water
#
_entity_poly.entity_id   1
_entity_poly.type   'polypeptide(L)'
_entity_poly.pdbx_seq_one_letter_code
;MKRKGIILAGGSGTRLHPATLAISKQLLPVYDKPMIYYPLSTLMLAGIREILIISTPQDTPRFQQLLGDGSNWGLDLQYA
VQPSPDGLAQAFLIGESFIGNDLSALVLGDNLYYGHDFHELLGSASQRQTGASVFAYHVLDPERYGVVEFDQGGKAISLE
EKPLEPKSNYAVTGLYFYDQQVVDIARDLKPSPRGELEITDVNRAYLERGQLSVEIMGRGYAWLDTGTHDSLLEAGQFIA
TLENRQGLKVACPEEIAYRQKWIDAAQLEKLAAPLAKNGYGQYLKRLLTETVY
;
_entity_poly.pdbx_strand_id   A,B,C,D,E,F,G,H
#
# COMPACT_ATOMS: atom_id res chain seq x y z
N LYS A 2 22.01 1.61 -71.46
CA LYS A 2 22.13 2.25 -70.09
C LYS A 2 20.84 3.04 -69.71
N ARG A 3 20.37 2.74 -68.54
CA ARG A 3 19.35 3.54 -67.97
C ARG A 3 19.79 3.98 -66.63
N LYS A 4 19.55 5.25 -66.34
CA LYS A 4 19.87 5.83 -65.07
C LYS A 4 18.76 5.73 -64.09
N GLY A 5 19.11 5.57 -62.81
CA GLY A 5 18.06 5.41 -61.82
C GLY A 5 18.03 6.52 -60.80
N ILE A 6 16.84 6.70 -60.19
CA ILE A 6 16.57 7.64 -59.15
C ILE A 6 15.73 6.98 -58.05
N ILE A 7 16.19 7.18 -56.86
CA ILE A 7 15.47 6.82 -55.64
C ILE A 7 14.94 8.07 -54.97
N LEU A 8 13.58 8.25 -54.89
CA LEU A 8 13.04 9.36 -54.13
C LEU A 8 12.91 8.92 -52.67
N ALA A 9 13.84 9.39 -51.84
CA ALA A 9 13.96 9.02 -50.44
C ALA A 9 13.78 10.19 -49.48
N GLY A 10 12.91 11.09 -49.86
CA GLY A 10 12.61 12.18 -49.00
C GLY A 10 11.28 12.00 -48.36
N GLY A 11 10.53 13.09 -48.35
CA GLY A 11 9.24 13.19 -47.75
C GLY A 11 9.37 13.50 -46.26
N SER A 12 8.22 13.78 -45.65
N SER A 12 8.22 13.78 -45.63
CA SER A 12 8.14 14.06 -44.21
CA SER A 12 8.18 14.07 -44.21
C SER A 12 7.88 12.80 -43.38
C SER A 12 7.87 12.81 -43.37
N GLY A 13 7.29 11.80 -44.01
CA GLY A 13 6.92 10.58 -43.28
C GLY A 13 5.98 10.86 -42.08
N THR A 14 5.16 11.89 -42.28
CA THR A 14 4.10 12.27 -41.33
C THR A 14 3.35 11.08 -40.72
N ARG A 15 2.99 10.08 -41.53
CA ARG A 15 2.16 8.97 -41.01
C ARG A 15 2.94 8.14 -39.97
N LEU A 16 4.26 8.22 -39.99
CA LEU A 16 5.07 7.48 -39.03
C LEU A 16 5.53 8.21 -37.77
N HIS A 17 5.33 9.53 -37.71
CA HIS A 17 5.42 10.23 -36.50
C HIS A 17 4.85 9.48 -35.27
N PRO A 18 5.58 9.52 -34.18
CA PRO A 18 6.82 10.29 -34.06
C PRO A 18 8.13 9.59 -34.36
N ALA A 19 8.03 8.32 -34.76
CA ALA A 19 9.15 7.55 -35.18
C ALA A 19 10.01 8.29 -36.19
N THR A 20 9.38 9.00 -37.13
CA THR A 20 10.14 9.78 -38.12
C THR A 20 10.54 11.18 -37.72
N LEU A 21 10.28 11.59 -36.50
CA LEU A 21 10.87 12.84 -36.06
C LEU A 21 12.40 12.41 -35.87
N ALA A 22 12.59 11.13 -35.45
CA ALA A 22 13.92 10.58 -35.20
C ALA A 22 14.82 10.59 -36.52
N ILE A 23 14.35 9.91 -37.53
CA ILE A 23 15.08 10.07 -38.75
C ILE A 23 14.19 9.81 -40.00
N SER A 24 14.72 9.97 -41.21
CA SER A 24 13.96 9.74 -42.41
C SER A 24 13.41 8.32 -42.42
N LYS A 25 12.18 8.15 -42.85
CA LYS A 25 11.56 6.85 -42.99
C LYS A 25 12.42 5.89 -43.78
N GLN A 26 13.15 6.38 -44.78
CA GLN A 26 13.95 5.48 -45.59
C GLN A 26 15.24 5.07 -44.91
N LEU A 27 15.47 5.57 -43.70
CA LEU A 27 16.62 5.10 -42.94
C LEU A 27 16.19 4.13 -41.82
N LEU A 28 14.89 3.84 -41.72
CA LEU A 28 14.37 2.97 -40.64
C LEU A 28 14.51 1.58 -41.17
N PRO A 29 14.58 0.63 -40.29
CA PRO A 29 14.84 -0.68 -40.81
C PRO A 29 13.62 -1.40 -41.22
N VAL A 30 13.81 -2.34 -42.18
CA VAL A 30 12.80 -3.34 -42.48
C VAL A 30 13.39 -4.65 -42.12
N TYR A 31 13.09 -5.05 -40.89
CA TYR A 31 13.51 -6.27 -40.26
C TYR A 31 14.95 -6.21 -39.91
N ASP A 32 15.84 -6.34 -40.86
CA ASP A 32 17.25 -6.48 -40.59
C ASP A 32 18.21 -5.47 -41.33
N LYS A 33 17.70 -4.65 -42.26
CA LYS A 33 18.52 -3.75 -43.03
C LYS A 33 17.72 -2.49 -43.33
N PRO A 34 18.41 -1.39 -43.59
CA PRO A 34 17.71 -0.14 -43.82
C PRO A 34 16.80 -0.15 -45.03
N MET A 35 15.66 0.51 -44.87
CA MET A 35 14.61 0.53 -45.86
C MET A 35 15.16 0.77 -47.25
N ILE A 36 16.05 1.73 -47.36
CA ILE A 36 16.59 2.13 -48.67
C ILE A 36 17.27 0.98 -49.40
N TYR A 37 17.74 -0.06 -48.65
CA TYR A 37 18.39 -1.20 -49.33
C TYR A 37 17.44 -1.83 -50.35
N TYR A 38 16.16 -1.80 -50.01
CA TYR A 38 15.17 -2.47 -50.85
C TYR A 38 14.94 -1.84 -52.25
N PRO A 39 14.60 -0.55 -52.32
CA PRO A 39 14.52 0.09 -53.63
C PRO A 39 15.85 0.13 -54.36
N LEU A 40 16.92 0.20 -53.62
CA LEU A 40 18.23 0.26 -54.23
C LEU A 40 18.39 -1.07 -54.92
N SER A 41 18.05 -2.16 -54.22
CA SER A 41 18.23 -3.47 -54.81
C SER A 41 17.39 -3.70 -56.07
N THR A 42 16.19 -3.15 -56.05
CA THR A 42 15.29 -3.14 -57.19
C THR A 42 15.91 -2.54 -58.44
N LEU A 43 16.47 -1.33 -58.31
CA LEU A 43 17.19 -0.79 -59.41
C LEU A 43 18.36 -1.68 -59.87
N MET A 44 19.11 -2.22 -58.92
CA MET A 44 20.23 -3.10 -59.20
C MET A 44 19.80 -4.35 -60.02
N LEU A 45 18.64 -4.90 -59.65
CA LEU A 45 18.13 -6.05 -60.25
C LEU A 45 17.59 -5.64 -61.59
N ALA A 46 17.36 -4.35 -61.81
CA ALA A 46 17.02 -3.95 -63.18
C ALA A 46 18.25 -3.65 -64.01
N GLY A 47 19.41 -3.95 -63.53
CA GLY A 47 20.65 -3.74 -64.29
C GLY A 47 21.16 -2.31 -64.19
N ILE A 48 20.61 -1.54 -63.28
CA ILE A 48 21.02 -0.11 -63.19
C ILE A 48 22.05 0.11 -62.17
N ARG A 49 23.14 0.74 -62.58
CA ARG A 49 24.25 0.98 -61.61
C ARG A 49 24.56 2.47 -61.29
N GLU A 50 24.01 3.40 -62.07
CA GLU A 50 24.23 4.84 -61.91
C GLU A 50 22.93 5.40 -61.35
N ILE A 51 22.96 5.75 -60.09
CA ILE A 51 21.71 6.02 -59.38
C ILE A 51 21.84 7.33 -58.59
N LEU A 52 20.84 8.14 -58.71
CA LEU A 52 20.74 9.39 -57.96
C LEU A 52 19.82 9.21 -56.72
N ILE A 53 20.34 9.47 -55.52
CA ILE A 53 19.48 9.46 -54.31
C ILE A 53 19.08 10.85 -53.87
N ILE A 54 17.76 11.07 -53.88
CA ILE A 54 17.16 12.30 -53.50
C ILE A 54 16.51 12.22 -52.15
N SER A 55 16.80 13.20 -51.32
CA SER A 55 16.20 13.27 -49.96
C SER A 55 16.11 14.66 -49.48
N THR A 56 15.77 14.85 -48.22
CA THR A 56 15.57 16.17 -47.70
C THR A 56 16.93 16.80 -47.45
N PRO A 57 16.90 18.10 -47.20
CA PRO A 57 18.11 18.79 -46.82
C PRO A 57 18.74 18.16 -45.55
N GLN A 58 17.99 17.77 -44.55
CA GLN A 58 18.64 17.23 -43.41
C GLN A 58 19.19 15.79 -43.61
N ASP A 59 18.51 14.95 -44.37
CA ASP A 59 18.88 13.57 -44.48
C ASP A 59 19.72 13.20 -45.67
N THR A 60 19.73 14.00 -46.71
CA THR A 60 20.49 13.58 -47.88
C THR A 60 21.93 13.19 -47.47
N PRO A 61 22.54 13.97 -46.62
CA PRO A 61 23.88 13.61 -46.15
C PRO A 61 23.98 12.37 -45.34
N ARG A 62 22.91 12.01 -44.66
CA ARG A 62 23.03 10.81 -43.90
C ARG A 62 23.03 9.57 -44.86
N PHE A 63 22.30 9.68 -45.98
CA PHE A 63 22.28 8.57 -46.95
C PHE A 63 23.69 8.49 -47.56
N GLN A 64 24.29 9.64 -47.77
CA GLN A 64 25.67 9.72 -48.25
C GLN A 64 26.55 9.06 -47.22
N GLN A 65 26.30 9.35 -45.96
CA GLN A 65 27.06 8.71 -44.91
C GLN A 65 26.91 7.17 -44.95
N LEU A 66 25.69 6.68 -45.16
CA LEU A 66 25.43 5.24 -45.20
C LEU A 66 26.00 4.48 -46.40
N LEU A 67 25.86 5.03 -47.58
CA LEU A 67 26.19 4.32 -48.84
C LEU A 67 27.34 4.84 -49.66
N GLY A 68 27.83 6.02 -49.29
CA GLY A 68 28.93 6.65 -49.99
C GLY A 68 28.71 6.71 -51.47
N ASP A 69 29.80 6.61 -52.21
CA ASP A 69 29.73 6.80 -53.69
C ASP A 69 29.33 5.56 -54.48
N GLY A 70 29.21 4.47 -53.74
CA GLY A 70 28.71 3.21 -54.26
C GLY A 70 29.75 2.29 -54.84
N SER A 71 30.97 2.79 -54.91
CA SER A 71 32.04 2.04 -55.59
C SER A 71 32.32 0.74 -54.94
N ASN A 72 32.26 0.68 -53.62
CA ASN A 72 32.47 -0.60 -52.89
C ASN A 72 31.42 -1.66 -53.35
N TRP A 73 30.32 -1.23 -53.92
CA TRP A 73 29.33 -2.19 -54.40
C TRP A 73 29.22 -2.15 -55.90
N GLY A 74 30.22 -1.55 -56.57
CA GLY A 74 30.22 -1.49 -58.03
C GLY A 74 29.18 -0.58 -58.64
N LEU A 75 28.71 0.36 -57.84
CA LEU A 75 27.74 1.30 -58.31
C LEU A 75 28.33 2.70 -58.40
N ASP A 76 27.57 3.58 -59.00
CA ASP A 76 27.92 5.00 -59.08
C ASP A 76 26.73 5.75 -58.48
N LEU A 77 26.82 6.03 -57.19
CA LEU A 77 25.76 6.74 -56.46
C LEU A 77 26.09 8.28 -56.38
N GLN A 78 25.08 9.07 -56.65
CA GLN A 78 25.09 10.49 -56.52
C GLN A 78 23.86 10.94 -55.66
N TYR A 79 23.94 12.17 -55.17
CA TYR A 79 23.00 12.71 -54.25
C TYR A 79 22.51 14.07 -54.63
N ALA A 80 21.21 14.29 -54.46
CA ALA A 80 20.63 15.63 -54.59
C ALA A 80 19.57 15.90 -53.53
N VAL A 81 19.45 17.17 -53.15
CA VAL A 81 18.48 17.62 -52.16
C VAL A 81 17.16 18.06 -52.83
N GLN A 82 16.05 17.65 -52.26
CA GLN A 82 14.72 18.18 -52.63
C GLN A 82 14.35 19.12 -51.47
N PRO A 83 14.36 20.45 -51.65
CA PRO A 83 14.04 21.40 -50.57
C PRO A 83 12.70 21.16 -49.86
N SER A 84 11.63 20.75 -50.57
CA SER A 84 10.31 20.49 -49.99
C SER A 84 9.62 19.33 -50.76
N PRO A 85 8.85 18.47 -50.06
CA PRO A 85 8.25 17.30 -50.73
C PRO A 85 7.04 17.74 -51.52
N ASP A 86 7.36 18.41 -52.58
CA ASP A 86 6.44 19.03 -53.52
C ASP A 86 5.97 18.17 -54.69
N GLY A 87 6.23 16.84 -54.60
CA GLY A 87 5.74 15.86 -55.52
C GLY A 87 6.75 14.96 -56.20
N LEU A 88 6.31 13.73 -56.51
CA LEU A 88 7.20 12.79 -57.08
C LEU A 88 7.74 13.27 -58.35
N ALA A 89 6.93 13.96 -59.16
CA ALA A 89 7.43 14.40 -60.44
C ALA A 89 8.61 15.39 -60.36
N GLN A 90 8.84 15.95 -59.22
CA GLN A 90 9.97 16.84 -58.96
C GLN A 90 11.28 16.08 -59.06
N ALA A 91 11.22 14.77 -59.00
CA ALA A 91 12.44 14.00 -59.19
C ALA A 91 13.10 14.28 -60.54
N PHE A 92 12.29 14.61 -61.52
CA PHE A 92 12.77 14.78 -62.87
C PHE A 92 13.33 16.13 -63.11
N LEU A 93 12.93 17.09 -62.29
CA LEU A 93 13.44 18.44 -62.41
C LEU A 93 14.76 18.48 -61.60
N ILE A 94 14.73 18.00 -60.35
CA ILE A 94 15.93 17.90 -59.55
C ILE A 94 16.97 17.06 -60.28
N GLY A 95 16.53 15.98 -60.90
CA GLY A 95 17.44 15.05 -61.50
C GLY A 95 17.73 15.36 -62.96
N GLU A 96 17.23 16.50 -63.47
CA GLU A 96 17.40 16.86 -64.90
C GLU A 96 18.89 16.71 -65.44
N SER A 97 19.83 17.39 -64.77
CA SER A 97 21.24 17.25 -65.18
C SER A 97 21.72 15.84 -65.01
N PHE A 98 21.40 15.15 -63.91
CA PHE A 98 21.84 13.74 -63.80
C PHE A 98 21.41 12.86 -64.96
N ILE A 99 20.15 12.94 -65.34
CA ILE A 99 19.59 12.17 -66.45
C ILE A 99 20.25 12.42 -67.77
N GLY A 100 20.50 13.71 -68.07
CA GLY A 100 20.99 14.08 -69.37
C GLY A 100 20.03 13.55 -70.44
N ASN A 101 20.60 12.97 -71.47
CA ASN A 101 19.76 12.51 -72.54
C ASN A 101 19.62 10.99 -72.47
N ASP A 102 19.56 10.45 -71.28
CA ASP A 102 19.45 9.02 -71.10
C ASP A 102 18.03 8.55 -70.76
N LEU A 103 17.79 7.24 -70.90
CA LEU A 103 16.64 6.64 -70.34
C LEU A 103 16.74 6.66 -68.81
N SER A 104 15.62 6.69 -68.18
CA SER A 104 15.64 6.73 -66.68
C SER A 104 14.65 5.76 -65.98
N ALA A 105 14.80 5.65 -64.67
CA ALA A 105 13.82 4.90 -63.87
C ALA A 105 13.76 5.54 -62.48
N LEU A 106 12.55 5.67 -61.96
CA LEU A 106 12.33 6.18 -60.68
C LEU A 106 11.73 5.09 -59.77
N VAL A 107 12.35 4.86 -58.63
CA VAL A 107 11.75 4.01 -57.61
C VAL A 107 11.49 4.84 -56.31
N LEU A 108 10.37 4.58 -55.65
CA LEU A 108 10.05 5.27 -54.46
C LEU A 108 10.76 4.58 -53.25
N GLY A 109 11.21 5.41 -52.37
CA GLY A 109 12.01 5.01 -51.23
C GLY A 109 11.36 4.08 -50.24
N ASP A 110 10.02 4.04 -50.16
CA ASP A 110 9.44 3.24 -49.16
C ASP A 110 8.75 2.04 -49.79
N ASN A 111 9.07 1.71 -51.06
CA ASN A 111 8.42 0.60 -51.74
C ASN A 111 9.31 -0.63 -51.74
N LEU A 112 8.71 -1.75 -51.43
CA LEU A 112 9.36 -3.05 -51.34
C LEU A 112 8.69 -4.10 -52.28
N TYR A 113 9.49 -4.80 -53.06
CA TYR A 113 8.98 -5.76 -54.04
C TYR A 113 9.61 -7.06 -53.77
N TYR A 114 8.88 -8.12 -54.00
N TYR A 114 8.91 -8.12 -54.07
CA TYR A 114 9.53 -9.41 -53.95
CA TYR A 114 9.50 -9.43 -53.92
C TYR A 114 8.76 -10.43 -54.74
C TYR A 114 8.76 -10.42 -54.77
N GLY A 115 9.49 -11.26 -55.46
CA GLY A 115 8.88 -12.38 -56.14
C GLY A 115 9.70 -13.11 -57.19
N HIS A 116 9.26 -14.33 -57.50
CA HIS A 116 9.83 -15.16 -58.54
C HIS A 116 9.87 -14.45 -59.87
N ASP A 117 11.06 -14.38 -60.47
CA ASP A 117 11.24 -13.82 -61.81
C ASP A 117 11.10 -12.34 -61.85
N PHE A 118 11.23 -11.74 -60.68
CA PHE A 118 11.20 -10.26 -60.63
C PHE A 118 12.28 -9.67 -61.55
N HIS A 119 13.45 -10.32 -61.56
CA HIS A 119 14.55 -9.89 -62.42
C HIS A 119 14.10 -9.78 -63.89
N GLU A 120 13.46 -10.82 -64.41
CA GLU A 120 12.88 -10.84 -65.76
C GLU A 120 11.86 -9.74 -65.96
N LEU A 121 10.96 -9.57 -64.97
CA LEU A 121 9.95 -8.53 -65.06
C LEU A 121 10.56 -7.14 -65.17
N LEU A 122 11.60 -6.91 -64.37
CA LEU A 122 12.30 -5.69 -64.37
C LEU A 122 13.06 -5.43 -65.69
N GLY A 123 13.76 -6.46 -66.18
CA GLY A 123 14.60 -6.44 -67.38
C GLY A 123 13.80 -6.11 -68.62
N SER A 124 12.62 -6.65 -68.62
CA SER A 124 11.78 -6.33 -69.72
C SER A 124 11.43 -4.90 -69.79
N ALA A 125 11.11 -4.27 -68.64
CA ALA A 125 10.76 -2.84 -68.64
C ALA A 125 12.01 -2.03 -68.90
N SER A 126 13.09 -2.42 -68.27
CA SER A 126 14.27 -1.62 -68.34
C SER A 126 14.93 -1.69 -69.71
N GLN A 127 14.75 -2.78 -70.43
CA GLN A 127 15.43 -2.93 -71.71
C GLN A 127 14.65 -2.31 -72.84
N ARG A 128 13.45 -1.87 -72.57
CA ARG A 128 12.69 -1.17 -73.59
C ARG A 128 13.40 0.16 -73.76
N GLN A 129 13.25 0.77 -74.90
CA GLN A 129 13.97 2.01 -75.16
C GLN A 129 13.00 3.11 -75.59
N THR A 130 11.73 2.96 -75.27
CA THR A 130 10.69 3.91 -75.68
C THR A 130 9.48 3.94 -74.77
N GLY A 131 8.85 5.08 -74.71
CA GLY A 131 7.65 5.31 -73.94
C GLY A 131 7.92 5.24 -72.47
N ALA A 132 6.86 4.84 -71.75
CA ALA A 132 6.98 4.68 -70.32
C ALA A 132 6.46 3.30 -69.93
N SER A 133 7.00 2.72 -68.83
CA SER A 133 6.48 1.47 -68.27
C SER A 133 6.19 1.61 -66.76
N VAL A 134 4.99 1.14 -66.37
CA VAL A 134 4.53 1.18 -65.00
C VAL A 134 3.95 -0.19 -64.74
N PHE A 135 3.70 -0.49 -63.49
CA PHE A 135 3.23 -1.82 -63.02
C PHE A 135 1.88 -1.66 -62.23
N ALA A 136 0.90 -2.51 -62.50
CA ALA A 136 -0.47 -2.44 -62.01
C ALA A 136 -0.57 -3.65 -61.11
N TYR A 137 -0.90 -3.45 -59.84
CA TYR A 137 -1.01 -4.48 -58.85
C TYR A 137 -2.34 -4.42 -58.11
N HIS A 138 -3.07 -5.54 -58.07
CA HIS A 138 -4.34 -5.65 -57.29
C HIS A 138 -4.15 -5.46 -55.78
N VAL A 139 -4.83 -4.46 -55.23
CA VAL A 139 -4.84 -4.09 -53.84
C VAL A 139 -6.21 -3.97 -53.22
N LEU A 140 -6.26 -4.00 -51.90
CA LEU A 140 -7.47 -3.84 -51.14
C LEU A 140 -7.98 -2.45 -51.15
N ASP A 141 -7.07 -1.47 -51.05
CA ASP A 141 -7.41 -0.03 -50.88
C ASP A 141 -6.77 0.87 -51.92
N PRO A 142 -7.24 0.73 -53.17
CA PRO A 142 -6.74 1.43 -54.36
C PRO A 142 -6.92 2.94 -54.15
N GLU A 143 -7.88 3.33 -53.34
CA GLU A 143 -8.08 4.77 -53.06
C GLU A 143 -6.83 5.50 -52.59
N ARG A 144 -5.86 4.79 -52.03
CA ARG A 144 -4.66 5.40 -51.55
C ARG A 144 -3.55 5.59 -52.55
N TYR A 145 -3.77 5.20 -53.82
CA TYR A 145 -2.74 5.21 -54.82
C TYR A 145 -3.20 5.79 -56.09
N GLY A 146 -2.30 5.78 -57.06
CA GLY A 146 -2.67 5.90 -58.43
C GLY A 146 -3.37 4.62 -58.89
N VAL A 147 -4.51 4.81 -59.55
CA VAL A 147 -5.36 3.77 -60.02
C VAL A 147 -5.51 3.75 -61.49
N VAL A 148 -5.26 2.57 -62.06
CA VAL A 148 -5.38 2.36 -63.48
C VAL A 148 -6.61 1.58 -63.85
N GLU A 149 -7.39 2.10 -64.79
CA GLU A 149 -8.58 1.42 -65.25
C GLU A 149 -8.32 0.79 -66.65
N PHE A 150 -8.74 -0.47 -66.87
CA PHE A 150 -8.55 -1.16 -68.10
C PHE A 150 -9.89 -1.34 -68.89
N ASP A 151 -9.85 -1.42 -70.20
CA ASP A 151 -11.09 -1.70 -70.92
C ASP A 151 -11.35 -3.22 -70.85
N GLN A 152 -12.36 -3.67 -71.55
CA GLN A 152 -12.74 -5.12 -71.53
C GLN A 152 -11.62 -5.88 -72.20
N GLY A 153 -10.95 -5.22 -73.09
CA GLY A 153 -9.83 -5.80 -73.79
C GLY A 153 -8.49 -5.80 -73.07
N GLY A 154 -8.44 -5.26 -71.86
CA GLY A 154 -7.27 -5.33 -71.04
C GLY A 154 -6.32 -4.16 -71.26
N LYS A 155 -6.74 -3.22 -72.09
CA LYS A 155 -5.98 -2.04 -72.38
C LYS A 155 -6.27 -0.93 -71.37
N ALA A 156 -5.25 -0.28 -70.92
CA ALA A 156 -5.37 0.79 -69.91
C ALA A 156 -6.05 2.01 -70.50
N ILE A 157 -7.10 2.53 -69.84
CA ILE A 157 -7.79 3.67 -70.41
C ILE A 157 -7.93 4.88 -69.58
N SER A 158 -7.64 4.79 -68.28
CA SER A 158 -7.59 5.97 -67.47
C SER A 158 -6.66 5.80 -66.22
N LEU A 159 -6.20 6.91 -65.68
CA LEU A 159 -5.43 6.99 -64.47
C LEU A 159 -5.97 8.12 -63.59
N GLU A 160 -6.07 7.87 -62.30
CA GLU A 160 -6.54 8.84 -61.34
C GLU A 160 -5.69 8.71 -60.10
N GLU A 161 -5.32 9.82 -59.50
CA GLU A 161 -4.54 9.77 -58.31
C GLU A 161 -5.47 9.83 -57.11
N LYS A 162 -5.38 8.81 -56.31
CA LYS A 162 -6.17 8.70 -55.11
C LYS A 162 -7.66 9.04 -55.25
N PRO A 163 -8.38 8.38 -56.11
CA PRO A 163 -9.80 8.68 -56.30
C PRO A 163 -10.58 8.22 -55.12
N LEU A 164 -11.57 9.03 -54.74
CA LEU A 164 -12.48 8.58 -53.69
C LEU A 164 -13.30 7.35 -54.14
N GLU A 165 -13.64 7.23 -55.43
CA GLU A 165 -14.36 6.07 -55.98
C GLU A 165 -13.55 5.43 -57.09
N PRO A 166 -12.60 4.56 -56.71
CA PRO A 166 -11.73 3.96 -57.71
C PRO A 166 -12.46 3.22 -58.74
N LYS A 167 -11.94 3.29 -59.89
CA LYS A 167 -12.51 2.64 -61.09
C LYS A 167 -12.07 1.24 -61.21
N SER A 168 -11.06 0.85 -60.45
CA SER A 168 -10.65 -0.54 -60.34
C SER A 168 -9.87 -0.76 -59.05
N ASN A 169 -9.47 -2.02 -58.85
CA ASN A 169 -8.59 -2.36 -57.69
C ASN A 169 -7.14 -2.42 -58.07
N TYR A 170 -6.79 -1.91 -59.27
CA TYR A 170 -5.43 -1.90 -59.69
C TYR A 170 -4.62 -0.61 -59.37
N ALA A 171 -3.64 -0.75 -58.50
CA ALA A 171 -2.77 0.34 -58.13
C ALA A 171 -1.54 0.37 -59.01
N VAL A 172 -1.08 1.59 -59.38
CA VAL A 172 0.21 1.84 -60.02
C VAL A 172 1.30 1.88 -58.93
N THR A 173 2.22 0.93 -58.95
CA THR A 173 3.25 0.80 -57.87
C THR A 173 4.24 1.93 -58.05
N GLY A 174 5.06 2.10 -57.02
CA GLY A 174 6.07 3.14 -57.03
C GLY A 174 7.34 2.74 -57.73
N LEU A 175 7.23 2.31 -58.94
CA LEU A 175 8.36 2.02 -59.83
C LEU A 175 7.95 2.50 -61.24
N TYR A 176 8.77 3.29 -61.89
CA TYR A 176 8.44 3.90 -63.17
C TYR A 176 9.66 3.90 -64.10
N PHE A 177 9.52 3.44 -65.34
CA PHE A 177 10.63 3.49 -66.32
C PHE A 177 10.16 4.51 -67.46
N TYR A 178 11.06 5.44 -67.84
CA TYR A 178 10.87 6.52 -68.82
C TYR A 178 12.02 6.65 -69.84
N ASP A 179 11.58 7.03 -71.04
CA ASP A 179 12.41 7.37 -72.10
C ASP A 179 12.79 8.84 -71.98
N GLN A 180 13.30 9.46 -73.07
CA GLN A 180 13.78 10.85 -73.02
C GLN A 180 12.67 11.91 -72.93
N GLN A 181 11.42 11.54 -72.99
CA GLN A 181 10.37 12.50 -73.00
C GLN A 181 10.00 13.00 -71.58
N VAL A 182 10.45 12.34 -70.52
CA VAL A 182 9.90 12.67 -69.18
C VAL A 182 10.31 14.02 -68.62
N VAL A 183 11.54 14.42 -68.83
CA VAL A 183 11.99 15.69 -68.28
C VAL A 183 11.10 16.81 -68.81
N ASP A 184 10.91 16.91 -70.13
CA ASP A 184 10.07 17.97 -70.71
C ASP A 184 8.62 17.90 -70.26
N ILE A 185 8.09 16.70 -69.99
CA ILE A 185 6.75 16.59 -69.52
C ILE A 185 6.66 17.09 -68.06
N ALA A 186 7.66 16.80 -67.27
CA ALA A 186 7.65 17.18 -65.87
C ALA A 186 7.76 18.71 -65.75
N ARG A 187 8.59 19.29 -66.60
CA ARG A 187 8.83 20.73 -66.67
C ARG A 187 7.57 21.51 -67.04
N ASP A 188 6.54 20.86 -67.55
CA ASP A 188 5.33 21.58 -67.93
C ASP A 188 4.19 21.35 -66.99
N LEU A 189 4.41 20.53 -65.98
CA LEU A 189 3.34 20.22 -65.07
C LEU A 189 3.16 21.34 -64.17
N LYS A 190 1.90 21.48 -63.73
CA LYS A 190 1.46 22.41 -62.66
C LYS A 190 1.00 21.62 -61.44
N PRO A 191 1.09 22.17 -60.22
CA PRO A 191 0.65 21.43 -59.03
C PRO A 191 -0.77 20.93 -59.07
N SER A 192 -1.01 19.80 -58.46
CA SER A 192 -2.35 19.28 -58.44
C SER A 192 -3.10 20.04 -57.35
N PRO A 193 -4.38 19.76 -57.22
CA PRO A 193 -5.20 20.35 -56.15
C PRO A 193 -4.62 19.89 -54.85
N ARG A 194 -3.95 18.75 -54.85
CA ARG A 194 -3.24 18.29 -53.64
C ARG A 194 -2.03 19.20 -53.32
N GLY A 195 -1.69 20.08 -54.24
CA GLY A 195 -0.45 20.86 -54.13
C GLY A 195 0.79 20.01 -54.51
N GLU A 196 0.62 19.01 -55.37
CA GLU A 196 1.80 18.21 -55.71
C GLU A 196 2.01 18.16 -57.18
N LEU A 197 3.26 17.99 -57.60
CA LEU A 197 3.60 17.71 -59.02
C LEU A 197 3.58 16.19 -59.14
N GLU A 198 2.54 15.69 -59.77
CA GLU A 198 2.18 14.26 -59.74
C GLU A 198 2.74 13.36 -60.80
N ILE A 199 3.28 12.22 -60.36
CA ILE A 199 3.78 11.19 -61.27
C ILE A 199 2.60 10.74 -62.07
N THR A 200 1.44 10.71 -61.47
CA THR A 200 0.22 10.28 -62.22
C THR A 200 -0.04 11.17 -63.43
N ASP A 201 0.20 12.47 -63.30
CA ASP A 201 0.11 13.34 -64.47
C ASP A 201 1.18 13.04 -65.53
N VAL A 202 2.35 12.64 -65.12
CA VAL A 202 3.38 12.24 -66.06
C VAL A 202 2.92 11.04 -66.84
N ASN A 203 2.41 10.09 -66.10
CA ASN A 203 2.01 8.86 -66.72
C ASN A 203 0.79 9.04 -67.62
N ARG A 204 -0.07 9.96 -67.23
CA ARG A 204 -1.17 10.31 -68.12
C ARG A 204 -0.76 10.93 -69.49
N ALA A 205 0.21 11.80 -69.49
CA ALA A 205 0.73 12.40 -70.71
C ALA A 205 1.24 11.33 -71.64
N TYR A 206 1.87 10.30 -71.07
CA TYR A 206 2.32 9.19 -71.88
C TYR A 206 1.08 8.39 -72.40
N LEU A 207 0.11 8.19 -71.52
CA LEU A 207 -1.04 7.43 -71.88
C LEU A 207 -1.77 8.13 -73.06
N GLU A 208 -1.94 9.44 -72.92
CA GLU A 208 -2.53 10.27 -74.02
C GLU A 208 -1.88 10.13 -75.39
N ARG A 209 -0.57 9.90 -75.43
CA ARG A 209 0.09 9.71 -76.72
C ARG A 209 0.22 8.28 -77.15
N GLY A 210 -0.46 7.37 -76.42
CA GLY A 210 -0.38 5.94 -76.58
C GLY A 210 0.96 5.34 -76.36
N GLN A 211 1.70 5.89 -75.42
CA GLN A 211 3.05 5.47 -75.12
C GLN A 211 3.32 5.01 -73.68
N LEU A 212 2.28 4.61 -73.01
CA LEU A 212 2.39 4.08 -71.66
C LEU A 212 2.16 2.58 -71.64
N SER A 213 3.17 1.82 -71.27
CA SER A 213 2.99 0.38 -71.16
C SER A 213 2.60 0.12 -69.65
N VAL A 214 1.39 -0.40 -69.36
CA VAL A 214 1.00 -0.84 -68.08
C VAL A 214 1.15 -2.41 -68.00
N GLU A 215 2.11 -2.88 -67.22
CA GLU A 215 2.27 -4.29 -67.09
C GLU A 215 1.67 -4.72 -65.79
N ILE A 216 0.95 -5.85 -65.81
CA ILE A 216 0.41 -6.45 -64.61
C ILE A 216 1.54 -7.11 -63.83
N MET A 217 1.59 -6.77 -62.58
CA MET A 217 2.42 -7.42 -61.56
C MET A 217 1.49 -8.34 -60.80
N GLY A 218 1.57 -9.63 -61.11
CA GLY A 218 0.61 -10.61 -60.62
C GLY A 218 0.59 -10.80 -59.09
N ARG A 219 -0.49 -11.43 -58.63
CA ARG A 219 -0.76 -11.69 -57.21
C ARG A 219 0.38 -12.51 -56.52
N GLY A 220 1.09 -13.23 -57.34
CA GLY A 220 2.26 -14.00 -56.93
C GLY A 220 3.41 -13.22 -56.46
N TYR A 221 3.46 -11.94 -56.84
CA TYR A 221 4.47 -11.04 -56.29
C TYR A 221 3.96 -10.38 -55.04
N ALA A 222 4.88 -10.04 -54.12
CA ALA A 222 4.59 -9.11 -53.00
C ALA A 222 5.03 -7.70 -53.34
N TRP A 223 4.06 -6.72 -53.33
CA TRP A 223 4.35 -5.28 -53.41
C TRP A 223 3.89 -4.64 -52.11
N LEU A 224 4.79 -4.21 -51.29
CA LEU A 224 4.44 -3.53 -50.07
C LEU A 224 4.96 -2.11 -49.96
N ASP A 225 4.29 -1.34 -49.15
CA ASP A 225 4.89 -0.08 -48.84
C ASP A 225 4.84 0.17 -47.35
N THR A 226 5.86 0.81 -46.88
CA THR A 226 6.00 1.01 -45.47
C THR A 226 5.52 2.36 -45.04
N GLY A 227 4.46 2.87 -45.61
CA GLY A 227 4.06 4.23 -45.25
C GLY A 227 3.36 4.37 -43.86
N THR A 228 2.76 3.30 -43.26
CA THR A 228 2.12 3.38 -42.00
C THR A 228 2.85 2.46 -40.97
N HIS A 229 2.61 2.69 -39.69
CA HIS A 229 3.19 1.93 -38.66
C HIS A 229 2.83 0.45 -38.90
N ASP A 230 1.61 0.21 -39.23
CA ASP A 230 1.22 -1.22 -39.36
C ASP A 230 1.87 -1.85 -40.57
N SER A 231 2.05 -1.09 -41.64
CA SER A 231 2.52 -1.70 -42.87
C SER A 231 4.03 -1.91 -42.81
N LEU A 232 4.67 -1.02 -42.04
CA LEU A 232 6.08 -1.13 -41.85
C LEU A 232 6.35 -2.43 -41.08
N LEU A 233 5.57 -2.66 -40.06
CA LEU A 233 5.71 -3.89 -39.24
C LEU A 233 5.45 -5.15 -40.03
N GLU A 234 4.33 -5.16 -40.71
CA GLU A 234 4.04 -6.28 -41.55
C GLU A 234 5.11 -6.61 -42.58
N ALA A 235 5.70 -5.64 -43.28
CA ALA A 235 6.81 -5.83 -44.24
C ALA A 235 8.01 -6.43 -43.50
N GLY A 236 8.21 -6.00 -42.26
CA GLY A 236 9.32 -6.53 -41.44
C GLY A 236 9.13 -8.04 -41.21
N GLN A 237 7.93 -8.41 -40.80
N GLN A 237 7.93 -8.41 -40.80
CA GLN A 237 7.60 -9.80 -40.52
CA GLN A 237 7.59 -9.80 -40.53
C GLN A 237 7.68 -10.65 -41.80
C GLN A 237 7.66 -10.66 -41.79
N PHE A 238 7.20 -10.10 -42.92
CA PHE A 238 7.19 -10.76 -44.20
C PHE A 238 8.64 -11.11 -44.56
N ILE A 239 9.50 -10.15 -44.53
CA ILE A 239 10.88 -10.38 -44.88
C ILE A 239 11.52 -11.41 -43.89
N ALA A 240 11.22 -11.31 -42.61
CA ALA A 240 11.81 -12.16 -41.62
C ALA A 240 11.43 -13.61 -41.87
N THR A 241 10.21 -13.79 -42.31
CA THR A 241 9.71 -15.14 -42.55
C THR A 241 10.44 -15.81 -43.70
N LEU A 242 10.64 -15.08 -44.77
CA LEU A 242 11.35 -15.61 -45.89
C LEU A 242 12.78 -15.92 -45.52
N GLU A 243 13.44 -14.92 -44.97
CA GLU A 243 14.85 -15.10 -44.58
C GLU A 243 15.14 -16.24 -43.58
N ASN A 244 14.28 -16.41 -42.58
CA ASN A 244 14.47 -17.37 -41.53
C ASN A 244 14.15 -18.78 -42.08
N ARG A 245 13.30 -18.86 -43.05
CA ARG A 245 13.01 -20.09 -43.79
C ARG A 245 14.09 -20.55 -44.76
N GLN A 246 14.67 -19.62 -45.50
CA GLN A 246 15.52 -19.97 -46.56
C GLN A 246 17.00 -19.95 -46.23
N GLY A 247 17.35 -19.19 -45.22
CA GLY A 247 18.78 -18.94 -44.94
C GLY A 247 19.34 -18.04 -46.09
N LEU A 248 18.46 -17.36 -46.84
CA LEU A 248 18.86 -16.38 -47.80
C LEU A 248 18.33 -15.05 -47.40
N LYS A 249 19.00 -14.03 -47.83
CA LYS A 249 18.57 -12.69 -47.46
C LYS A 249 18.01 -11.89 -48.67
N VAL A 250 16.93 -11.12 -48.46
CA VAL A 250 16.35 -10.26 -49.50
C VAL A 250 16.97 -8.87 -49.53
N ALA A 251 17.36 -8.47 -50.70
CA ALA A 251 17.86 -7.06 -50.95
C ALA A 251 19.13 -6.74 -50.21
N CYS A 252 20.05 -7.68 -50.23
N CYS A 252 20.06 -7.70 -50.22
CA CYS A 252 21.43 -7.50 -49.77
CA CYS A 252 21.46 -7.49 -49.80
C CYS A 252 22.22 -6.98 -51.00
C CYS A 252 22.21 -6.97 -51.01
N PRO A 253 22.52 -5.67 -51.01
CA PRO A 253 23.23 -5.09 -52.15
C PRO A 253 24.55 -5.70 -52.46
N GLU A 254 25.27 -6.18 -51.44
CA GLU A 254 26.51 -6.81 -51.66
C GLU A 254 26.31 -8.08 -52.50
N GLU A 255 25.28 -8.86 -52.14
CA GLU A 255 25.03 -10.11 -52.76
C GLU A 255 24.63 -9.91 -54.25
N ILE A 256 23.78 -8.91 -54.49
CA ILE A 256 23.29 -8.70 -55.81
C ILE A 256 24.40 -8.23 -56.73
N ALA A 257 25.18 -7.28 -56.23
CA ALA A 257 26.36 -6.85 -56.97
C ALA A 257 27.31 -7.96 -57.33
N TYR A 258 27.55 -8.90 -56.42
CA TYR A 258 28.38 -10.07 -56.69
C TYR A 258 27.82 -10.97 -57.76
N ARG A 259 26.52 -11.18 -57.68
N ARG A 259 26.52 -11.19 -57.67
CA ARG A 259 25.86 -12.02 -58.58
CA ARG A 259 25.85 -12.04 -58.57
C ARG A 259 25.81 -11.42 -59.98
C ARG A 259 25.80 -11.45 -59.96
N GLN A 260 25.69 -10.12 -60.12
N GLN A 260 25.68 -10.15 -60.08
CA GLN A 260 25.73 -9.55 -61.41
CA GLN A 260 25.72 -9.56 -61.40
C GLN A 260 27.16 -9.33 -61.81
C GLN A 260 27.15 -9.33 -61.82
N LYS A 261 28.13 -9.85 -61.06
CA LYS A 261 29.52 -9.64 -61.40
C LYS A 261 29.97 -8.12 -61.45
N TRP A 262 29.32 -7.27 -60.70
CA TRP A 262 29.76 -5.94 -60.54
C TRP A 262 30.91 -5.88 -59.56
N ILE A 263 31.02 -6.91 -58.72
CA ILE A 263 32.15 -7.00 -57.83
C ILE A 263 32.58 -8.44 -57.88
N ASP A 264 33.83 -8.73 -57.53
CA ASP A 264 34.25 -10.12 -57.56
C ASP A 264 34.36 -10.70 -56.13
N ALA A 265 34.76 -11.96 -56.05
CA ALA A 265 35.00 -12.69 -54.80
C ALA A 265 35.81 -11.97 -53.74
N ALA A 266 36.86 -11.38 -54.24
CA ALA A 266 37.78 -10.69 -53.40
C ALA A 266 37.20 -9.43 -52.78
N GLN A 267 36.43 -8.69 -53.57
CA GLN A 267 35.82 -7.49 -53.11
C GLN A 267 34.78 -7.89 -52.05
N LEU A 268 34.07 -8.97 -52.30
CA LEU A 268 33.01 -9.35 -51.39
C LEU A 268 33.55 -9.84 -50.07
N GLU A 269 34.68 -10.50 -50.09
CA GLU A 269 35.30 -11.01 -48.88
C GLU A 269 35.65 -9.80 -48.05
N LYS A 270 36.20 -8.76 -48.69
CA LYS A 270 36.50 -7.47 -48.04
C LYS A 270 35.30 -6.73 -47.42
N LEU A 271 34.15 -6.79 -48.09
CA LEU A 271 32.93 -6.18 -47.54
C LEU A 271 32.45 -6.94 -46.36
N ALA A 272 32.62 -8.24 -46.38
CA ALA A 272 32.15 -9.08 -45.27
C ALA A 272 32.99 -8.88 -44.00
N ALA A 273 34.23 -8.45 -44.14
CA ALA A 273 35.12 -8.48 -42.98
C ALA A 273 34.69 -7.62 -41.83
N PRO A 274 34.37 -6.38 -42.11
CA PRO A 274 33.94 -5.53 -41.05
C PRO A 274 32.55 -5.92 -40.53
N LEU A 275 31.89 -6.82 -41.23
CA LEU A 275 30.59 -7.24 -40.78
C LEU A 275 30.57 -8.65 -40.13
N ALA A 276 31.75 -9.29 -40.04
CA ALA A 276 31.90 -10.66 -39.60
C ALA A 276 31.39 -11.04 -38.18
N LYS A 277 31.36 -10.08 -37.27
CA LYS A 277 30.87 -10.30 -35.91
C LYS A 277 29.35 -10.45 -35.80
N ASN A 278 28.62 -10.34 -36.94
CA ASN A 278 27.18 -10.58 -36.92
C ASN A 278 26.71 -11.51 -38.07
N GLY A 279 25.39 -11.79 -38.07
CA GLY A 279 24.87 -12.78 -38.97
C GLY A 279 24.95 -12.31 -40.41
N TYR A 280 24.82 -10.99 -40.63
CA TYR A 280 24.83 -10.43 -42.01
C TYR A 280 26.19 -10.61 -42.66
N GLY A 281 27.29 -10.36 -41.93
CA GLY A 281 28.64 -10.60 -42.46
C GLY A 281 29.01 -12.08 -42.69
N GLN A 282 28.58 -12.88 -41.74
CA GLN A 282 28.66 -14.32 -41.85
C GLN A 282 27.98 -14.74 -43.15
N TYR A 283 26.86 -14.12 -43.52
CA TYR A 283 26.14 -14.54 -44.70
C TYR A 283 26.87 -14.14 -45.94
N LEU A 284 27.42 -12.96 -45.97
CA LEU A 284 28.18 -12.62 -47.14
C LEU A 284 29.34 -13.59 -47.34
N LYS A 285 29.98 -14.02 -46.25
CA LYS A 285 31.10 -14.94 -46.36
C LYS A 285 30.63 -16.27 -46.95
N ARG A 286 29.50 -16.78 -46.45
CA ARG A 286 28.99 -18.06 -46.85
C ARG A 286 28.72 -18.04 -48.36
N LEU A 287 28.32 -16.89 -48.88
CA LEU A 287 28.01 -16.83 -50.33
C LEU A 287 29.23 -17.12 -51.18
N LEU A 288 30.42 -17.02 -50.62
CA LEU A 288 31.60 -17.23 -51.46
C LEU A 288 31.79 -18.67 -51.68
N THR A 289 31.16 -19.48 -50.86
CA THR A 289 31.45 -20.90 -51.01
C THR A 289 30.25 -21.82 -51.20
N GLU A 290 29.13 -21.23 -51.55
CA GLU A 290 27.91 -21.90 -51.73
C GLU A 290 27.36 -21.53 -53.08
N THR A 291 26.87 -22.47 -53.85
CA THR A 291 26.20 -22.09 -55.08
C THR A 291 24.71 -21.95 -54.72
N VAL A 292 24.14 -20.84 -55.00
CA VAL A 292 22.72 -20.65 -54.79
C VAL A 292 22.06 -20.43 -56.12
N TYR A 293 21.04 -21.23 -56.46
CA TYR A 293 20.42 -21.20 -57.80
C TYR A 293 19.33 -20.14 -57.87
N LYS B 2 14.13 13.68 -4.46
CA LYS B 2 14.48 13.65 -5.91
C LYS B 2 15.48 12.53 -6.27
N ARG B 3 15.26 11.79 -7.34
CA ARG B 3 16.29 10.96 -7.87
C ARG B 3 16.57 11.36 -9.29
N LYS B 4 17.84 11.27 -9.69
CA LYS B 4 18.28 11.58 -11.02
C LYS B 4 18.39 10.36 -11.93
N GLY B 5 17.97 10.42 -13.21
CA GLY B 5 18.08 9.21 -13.96
C GLY B 5 19.01 9.31 -15.15
N ILE B 6 19.49 8.16 -15.60
CA ILE B 6 20.33 8.07 -16.77
C ILE B 6 19.79 7.06 -17.70
N ILE B 7 19.83 7.38 -18.95
CA ILE B 7 19.52 6.38 -20.01
C ILE B 7 20.79 6.09 -20.69
N LEU B 8 21.23 4.84 -20.69
CA LEU B 8 22.39 4.48 -21.46
C LEU B 8 21.96 3.98 -22.86
N ALA B 9 22.08 4.87 -23.83
CA ALA B 9 21.53 4.73 -25.22
C ALA B 9 22.63 4.85 -26.23
N GLY B 10 23.74 4.25 -25.92
CA GLY B 10 24.83 4.12 -26.85
C GLY B 10 25.01 2.70 -27.38
N GLY B 11 26.25 2.26 -27.41
CA GLY B 11 26.58 0.98 -28.00
C GLY B 11 26.67 1.04 -29.50
N SER B 12 27.09 -0.09 -30.06
CA SER B 12 27.26 -0.26 -31.54
C SER B 12 26.05 -0.85 -32.26
N GLY B 13 25.33 -1.69 -31.57
CA GLY B 13 24.15 -2.31 -32.12
C GLY B 13 24.55 -3.23 -33.25
N THR B 14 25.69 -3.95 -33.00
CA THR B 14 26.28 -4.91 -33.95
C THR B 14 25.30 -6.05 -34.33
N ARG B 15 24.67 -6.64 -33.33
CA ARG B 15 23.66 -7.64 -33.57
C ARG B 15 22.66 -7.10 -34.59
N LEU B 16 22.40 -5.81 -34.57
CA LEU B 16 21.42 -5.25 -35.51
C LEU B 16 21.95 -4.78 -36.89
N HIS B 17 23.22 -4.91 -37.11
CA HIS B 17 23.76 -4.78 -38.47
C HIS B 17 23.04 -5.56 -39.59
N PRO B 18 22.90 -4.91 -40.78
CA PRO B 18 23.39 -3.50 -41.06
C PRO B 18 22.35 -2.36 -40.78
N ALA B 19 21.19 -2.75 -40.31
CA ALA B 19 20.19 -1.78 -39.97
C ALA B 19 20.77 -0.59 -39.18
N THR B 20 21.59 -0.88 -38.15
CA THR B 20 22.21 0.15 -37.26
C THR B 20 23.38 0.89 -37.81
N LEU B 21 23.76 0.58 -39.01
CA LEU B 21 24.75 1.41 -39.68
C LEU B 21 24.05 2.72 -39.94
N ALA B 22 22.76 2.65 -40.21
CA ALA B 22 22.04 3.87 -40.56
C ALA B 22 21.83 4.72 -39.30
N ILE B 23 21.69 4.07 -38.15
CA ILE B 23 21.60 4.84 -36.94
C ILE B 23 21.43 3.99 -35.69
N SER B 24 21.45 4.65 -34.54
CA SER B 24 21.44 4.01 -33.25
C SER B 24 20.22 3.15 -33.11
N LYS B 25 20.46 1.99 -32.53
CA LYS B 25 19.37 1.08 -32.17
C LYS B 25 18.34 1.82 -31.31
N GLN B 26 18.75 2.87 -30.60
CA GLN B 26 17.80 3.58 -29.74
C GLN B 26 16.92 4.66 -30.38
N LEU B 27 17.13 4.91 -31.67
CA LEU B 27 16.29 5.80 -32.43
C LEU B 27 15.36 5.06 -33.39
N LEU B 28 15.64 3.81 -33.70
CA LEU B 28 14.74 3.05 -34.52
C LEU B 28 13.48 2.85 -33.75
N PRO B 29 12.42 2.63 -34.46
CA PRO B 29 11.11 2.48 -33.89
C PRO B 29 10.79 1.13 -33.32
N VAL B 30 10.03 1.12 -32.20
CA VAL B 30 9.35 -0.03 -31.72
C VAL B 30 7.91 0.26 -32.06
N TYR B 31 7.44 -0.31 -33.13
CA TYR B 31 6.10 -0.10 -33.69
C TYR B 31 5.85 1.33 -34.21
N ASP B 32 5.52 2.27 -33.35
CA ASP B 32 5.12 3.58 -33.71
C ASP B 32 5.90 4.78 -33.20
N LYS B 33 6.93 4.55 -32.43
CA LYS B 33 7.68 5.57 -31.74
C LYS B 33 9.11 5.08 -31.48
N PRO B 34 10.04 5.99 -31.41
CA PRO B 34 11.44 5.65 -31.15
C PRO B 34 11.69 4.83 -29.84
N MET B 35 12.59 3.87 -29.95
N MET B 35 12.57 3.86 -29.96
CA MET B 35 12.90 2.95 -28.86
CA MET B 35 12.91 2.95 -28.89
C MET B 35 13.14 3.71 -27.60
C MET B 35 13.15 3.71 -27.60
N ILE B 36 13.85 4.83 -27.72
CA ILE B 36 14.22 5.62 -26.52
C ILE B 36 13.01 6.08 -25.70
N TYR B 37 11.89 6.39 -26.39
CA TYR B 37 10.63 6.71 -25.66
C TYR B 37 10.28 5.76 -24.55
N TYR B 38 10.54 4.49 -24.77
CA TYR B 38 10.22 3.47 -23.81
C TYR B 38 10.99 3.57 -22.46
N PRO B 39 12.34 3.54 -22.44
CA PRO B 39 13.02 3.75 -21.19
C PRO B 39 12.82 5.14 -20.64
N LEU B 40 12.67 6.16 -21.48
CA LEU B 40 12.42 7.46 -21.00
C LEU B 40 11.17 7.40 -20.16
N SER B 41 10.17 6.80 -20.74
N SER B 41 10.16 6.79 -20.72
CA SER B 41 8.91 6.68 -20.08
CA SER B 41 8.89 6.67 -20.07
C SER B 41 9.00 5.91 -18.71
C SER B 41 8.99 5.90 -18.71
N THR B 42 9.91 4.93 -18.63
CA THR B 42 10.13 4.13 -17.45
C THR B 42 10.61 4.97 -16.33
N LEU B 43 11.63 5.80 -16.66
CA LEU B 43 12.04 6.80 -15.75
C LEU B 43 10.96 7.84 -15.30
N MET B 44 10.21 8.39 -16.25
CA MET B 44 9.07 9.26 -15.96
C MET B 44 8.01 8.63 -14.96
N LEU B 45 7.67 7.36 -15.15
CA LEU B 45 6.71 6.67 -14.37
C LEU B 45 7.27 6.38 -13.01
N ALA B 46 8.58 6.46 -12.84
CA ALA B 46 9.20 6.39 -11.58
C ALA B 46 9.31 7.73 -10.88
N GLY B 47 8.67 8.76 -11.44
CA GLY B 47 8.71 10.11 -10.91
C GLY B 47 10.01 10.88 -11.12
N ILE B 48 10.84 10.42 -12.04
CA ILE B 48 12.09 11.11 -12.35
C ILE B 48 11.94 12.04 -13.55
N ARG B 49 12.26 13.32 -13.34
CA ARG B 49 12.19 14.41 -14.34
C ARG B 49 13.51 15.02 -14.87
N GLU B 50 14.57 14.75 -14.15
CA GLU B 50 15.92 15.21 -14.48
C GLU B 50 16.77 14.00 -14.93
N ILE B 51 17.10 13.96 -16.21
CA ILE B 51 17.60 12.78 -16.86
C ILE B 51 18.77 13.13 -17.83
N LEU B 52 19.78 12.32 -17.73
CA LEU B 52 20.93 12.43 -18.60
C LEU B 52 20.92 11.30 -19.55
N ILE B 53 20.98 11.63 -20.81
CA ILE B 53 21.04 10.65 -21.90
C ILE B 53 22.48 10.57 -22.39
N ILE B 54 22.97 9.39 -22.30
CA ILE B 54 24.28 9.07 -22.74
C ILE B 54 24.23 8.30 -24.02
N SER B 55 24.97 8.79 -25.05
CA SER B 55 25.06 8.03 -26.29
C SER B 55 26.45 8.08 -26.91
N THR B 56 26.56 7.54 -28.10
CA THR B 56 27.83 7.59 -28.84
C THR B 56 28.05 9.01 -29.35
N PRO B 57 29.27 9.32 -29.71
CA PRO B 57 29.55 10.67 -30.18
C PRO B 57 28.74 10.97 -31.45
N GLN B 58 28.58 9.99 -32.32
CA GLN B 58 27.82 10.26 -33.53
C GLN B 58 26.32 10.40 -33.36
N ASP B 59 25.72 9.72 -32.40
CA ASP B 59 24.27 9.71 -32.28
C ASP B 59 23.76 10.70 -31.26
N THR B 60 24.62 11.22 -30.40
CA THR B 60 24.19 12.21 -29.47
C THR B 60 23.39 13.34 -30.08
N PRO B 61 23.84 13.91 -31.19
CA PRO B 61 23.13 15.03 -31.81
C PRO B 61 21.76 14.67 -32.28
N ARG B 62 21.54 13.44 -32.68
CA ARG B 62 20.21 13.05 -33.12
C ARG B 62 19.21 12.95 -31.94
N PHE B 63 19.67 12.46 -30.79
CA PHE B 63 18.87 12.47 -29.60
C PHE B 63 18.48 13.85 -29.14
N GLN B 64 19.47 14.74 -29.20
CA GLN B 64 19.25 16.14 -28.88
C GLN B 64 18.22 16.70 -29.86
N GLN B 65 18.34 16.39 -31.13
CA GLN B 65 17.28 16.91 -32.04
C GLN B 65 15.92 16.33 -31.73
N LEU B 66 15.91 15.02 -31.51
CA LEU B 66 14.64 14.38 -31.14
C LEU B 66 13.98 14.91 -29.88
N LEU B 67 14.75 15.02 -28.80
CA LEU B 67 14.19 15.27 -27.44
C LEU B 67 14.36 16.66 -26.86
N GLY B 68 15.37 17.35 -27.33
CA GLY B 68 15.64 18.71 -26.87
C GLY B 68 15.99 18.72 -25.39
N ASP B 69 15.74 19.87 -24.75
CA ASP B 69 16.04 20.01 -23.36
C ASP B 69 14.94 19.44 -22.44
N GLY B 70 13.88 18.95 -23.08
CA GLY B 70 12.75 18.32 -22.40
C GLY B 70 11.74 19.25 -21.79
N SER B 71 12.03 20.56 -21.83
CA SER B 71 11.10 21.49 -21.22
C SER B 71 9.65 21.37 -21.73
N ASN B 72 9.47 20.98 -23.00
CA ASN B 72 8.12 20.86 -23.60
C ASN B 72 7.27 19.79 -22.93
N TRP B 73 7.96 18.93 -22.20
CA TRP B 73 7.37 17.81 -21.60
C TRP B 73 7.58 17.88 -20.10
N GLY B 74 7.92 19.04 -19.55
CA GLY B 74 8.15 19.18 -18.13
C GLY B 74 9.35 18.41 -17.56
N LEU B 75 10.33 18.12 -18.40
CA LEU B 75 11.53 17.43 -17.95
C LEU B 75 12.73 18.32 -18.04
N ASP B 76 13.85 17.85 -17.52
CA ASP B 76 15.12 18.54 -17.64
C ASP B 76 16.03 17.47 -18.18
N LEU B 77 16.26 17.53 -19.49
CA LEU B 77 17.07 16.52 -20.15
C LEU B 77 18.44 17.07 -20.42
N GLN B 78 19.43 16.27 -20.20
CA GLN B 78 20.87 16.71 -20.47
C GLN B 78 21.52 15.55 -21.23
N TYR B 79 22.70 15.78 -21.81
CA TYR B 79 23.34 14.86 -22.68
C TYR B 79 24.81 14.73 -22.41
N ALA B 80 25.29 13.51 -22.49
CA ALA B 80 26.72 13.28 -22.56
C ALA B 80 27.10 12.16 -23.52
N VAL B 81 28.38 12.17 -23.92
CA VAL B 81 28.96 11.19 -24.84
C VAL B 81 29.73 10.05 -24.11
N GLN B 82 29.51 8.79 -24.50
CA GLN B 82 30.39 7.70 -24.08
C GLN B 82 31.30 7.43 -25.31
N PRO B 83 32.59 7.64 -25.19
CA PRO B 83 33.57 7.45 -26.28
C PRO B 83 33.55 6.09 -26.89
N SER B 84 33.39 5.09 -26.06
CA SER B 84 33.33 3.74 -26.54
C SER B 84 32.51 2.89 -25.55
N PRO B 85 31.85 1.88 -26.04
CA PRO B 85 30.92 1.12 -25.19
C PRO B 85 31.66 0.16 -24.28
N ASP B 86 32.33 0.72 -23.30
CA ASP B 86 33.18 -0.05 -22.48
C ASP B 86 32.63 -0.45 -21.12
N GLY B 87 31.32 -0.39 -21.00
CA GLY B 87 30.58 -0.89 -19.88
C GLY B 87 29.48 -0.06 -19.32
N LEU B 88 28.49 -0.78 -18.83
CA LEU B 88 27.33 -0.18 -18.24
C LEU B 88 27.71 0.71 -17.12
N ALA B 89 28.64 0.24 -16.29
CA ALA B 89 29.06 1.02 -15.19
C ALA B 89 29.72 2.34 -15.54
N GLN B 90 30.17 2.49 -16.76
CA GLN B 90 30.74 3.80 -17.15
C GLN B 90 29.71 4.92 -17.03
N ALA B 91 28.45 4.57 -17.03
CA ALA B 91 27.36 5.57 -16.92
C ALA B 91 27.57 6.40 -15.65
N PHE B 92 28.13 5.75 -14.62
CA PHE B 92 28.35 6.43 -13.35
C PHE B 92 29.60 7.34 -13.29
N LEU B 93 30.56 7.10 -14.18
CA LEU B 93 31.75 7.84 -14.33
C LEU B 93 31.42 9.03 -15.20
N ILE B 94 30.83 8.79 -16.36
CA ILE B 94 30.37 9.83 -17.24
C ILE B 94 29.36 10.72 -16.60
N GLY B 95 28.44 10.15 -15.91
CA GLY B 95 27.44 10.91 -15.21
C GLY B 95 27.76 11.35 -13.79
N GLU B 96 29.01 11.32 -13.36
CA GLU B 96 29.32 11.65 -11.95
C GLU B 96 28.87 13.05 -11.55
N SER B 97 29.15 14.00 -12.41
N SER B 97 29.17 14.01 -12.40
CA SER B 97 28.89 15.36 -12.04
CA SER B 97 28.89 15.38 -12.03
C SER B 97 27.41 15.64 -12.08
C SER B 97 27.40 15.63 -12.08
N PHE B 98 26.72 14.96 -13.01
CA PHE B 98 25.27 15.13 -13.15
C PHE B 98 24.60 14.61 -11.84
N ILE B 99 25.04 13.42 -11.38
CA ILE B 99 24.48 12.85 -10.17
C ILE B 99 24.70 13.70 -9.00
N GLY B 100 25.91 14.26 -8.87
CA GLY B 100 26.22 15.00 -7.69
C GLY B 100 25.97 14.09 -6.51
N ASN B 101 25.30 14.64 -5.51
CA ASN B 101 25.11 13.91 -4.26
C ASN B 101 23.68 13.43 -4.12
N ASP B 102 23.08 13.03 -5.24
CA ASP B 102 21.73 12.52 -5.25
C ASP B 102 21.61 11.00 -5.50
N LEU B 103 20.44 10.51 -5.13
CA LEU B 103 20.02 9.19 -5.42
C LEU B 103 19.92 9.16 -6.96
N SER B 104 20.10 7.98 -7.58
CA SER B 104 20.10 7.85 -9.02
C SER B 104 19.42 6.60 -9.48
N ALA B 105 19.22 6.55 -10.79
CA ALA B 105 18.64 5.37 -11.47
C ALA B 105 19.21 5.32 -12.89
N LEU B 106 19.42 4.10 -13.36
CA LEU B 106 19.89 3.83 -14.68
C LEU B 106 19.01 2.85 -15.38
N VAL B 107 18.61 3.19 -16.63
CA VAL B 107 17.86 2.33 -17.50
C VAL B 107 18.60 2.16 -18.85
N LEU B 108 18.61 0.96 -19.38
CA LEU B 108 19.23 0.72 -20.64
C LEU B 108 18.31 1.20 -21.70
N GLY B 109 18.92 1.80 -22.71
CA GLY B 109 18.16 2.28 -23.88
C GLY B 109 17.36 1.33 -24.72
N ASP B 110 17.71 0.05 -24.80
CA ASP B 110 16.99 -0.88 -25.59
C ASP B 110 16.03 -1.78 -24.75
N ASN B 111 15.81 -1.44 -23.46
CA ASN B 111 14.87 -2.19 -22.60
C ASN B 111 13.43 -1.58 -22.61
N LEU B 112 12.49 -2.47 -22.72
CA LEU B 112 11.06 -2.17 -22.73
C LEU B 112 10.36 -2.96 -21.63
N TYR B 113 9.57 -2.29 -20.82
CA TYR B 113 8.84 -2.91 -19.74
C TYR B 113 7.36 -2.59 -19.94
N TYR B 114 6.50 -3.43 -19.46
N TYR B 114 6.49 -3.43 -19.46
CA TYR B 114 5.06 -3.22 -19.53
CA TYR B 114 5.05 -3.19 -19.53
C TYR B 114 4.37 -4.13 -18.52
C TYR B 114 4.27 -4.19 -18.67
N GLY B 115 3.22 -3.68 -17.98
CA GLY B 115 2.47 -4.47 -17.05
C GLY B 115 1.72 -3.67 -16.00
N HIS B 116 0.66 -4.35 -15.57
CA HIS B 116 -0.21 -3.87 -14.52
C HIS B 116 0.56 -3.55 -13.26
N ASP B 117 0.35 -2.34 -12.75
CA ASP B 117 0.97 -1.81 -11.54
C ASP B 117 2.47 -1.62 -11.65
N PHE B 118 2.99 -1.43 -12.87
CA PHE B 118 4.43 -1.18 -13.04
C PHE B 118 4.73 0.11 -12.31
N HIS B 119 3.79 1.08 -12.33
CA HIS B 119 3.96 2.37 -11.59
C HIS B 119 4.35 2.14 -10.10
N GLU B 120 3.61 1.27 -9.46
CA GLU B 120 3.82 0.90 -8.07
C GLU B 120 5.16 0.18 -7.85
N LEU B 121 5.50 -0.76 -8.75
CA LEU B 121 6.80 -1.45 -8.70
C LEU B 121 7.93 -0.47 -8.84
N LEU B 122 7.85 0.47 -9.78
CA LEU B 122 8.85 1.57 -9.90
C LEU B 122 8.91 2.48 -8.69
N GLY B 123 7.78 2.82 -8.13
CA GLY B 123 7.66 3.75 -7.00
C GLY B 123 8.31 3.24 -5.71
N SER B 124 8.01 1.99 -5.41
CA SER B 124 8.61 1.28 -4.36
C SER B 124 10.13 1.32 -4.40
N ALA B 125 10.73 1.03 -5.59
CA ALA B 125 12.17 1.08 -5.68
C ALA B 125 12.70 2.54 -5.59
N SER B 126 12.04 3.45 -6.30
CA SER B 126 12.42 4.82 -6.45
C SER B 126 12.38 5.55 -5.12
N GLN B 127 11.39 5.23 -4.33
CA GLN B 127 11.18 5.86 -3.00
C GLN B 127 12.06 5.38 -1.90
N ARG B 128 12.75 4.28 -2.12
CA ARG B 128 13.71 3.91 -1.13
C ARG B 128 14.84 4.93 -1.17
N GLN B 129 15.54 5.04 -0.04
CA GLN B 129 16.61 6.07 0.14
C GLN B 129 17.97 5.48 0.51
N THR B 130 18.16 4.19 0.38
CA THR B 130 19.37 3.51 0.73
C THR B 130 19.56 2.26 -0.17
N GLY B 131 20.80 1.82 -0.29
CA GLY B 131 21.14 0.63 -1.06
C GLY B 131 20.88 0.74 -2.55
N ALA B 132 20.77 -0.43 -3.12
CA ALA B 132 20.55 -0.61 -4.50
C ALA B 132 19.27 -1.49 -4.65
N SER B 133 18.52 -1.25 -5.73
CA SER B 133 17.42 -2.12 -6.13
C SER B 133 17.56 -2.46 -7.57
N VAL B 134 17.37 -3.76 -7.83
CA VAL B 134 17.34 -4.39 -9.14
C VAL B 134 16.19 -5.36 -9.18
N PHE B 135 15.84 -5.75 -10.38
CA PHE B 135 14.69 -6.63 -10.65
C PHE B 135 15.15 -7.91 -11.34
N ALA B 136 14.61 -9.04 -10.83
CA ALA B 136 14.90 -10.38 -11.35
C ALA B 136 13.70 -10.90 -12.22
N TYR B 137 13.96 -11.33 -13.45
CA TYR B 137 12.87 -11.79 -14.36
C TYR B 137 13.21 -13.14 -14.97
N HIS B 138 12.27 -14.06 -14.93
CA HIS B 138 12.53 -15.42 -15.45
C HIS B 138 12.60 -15.31 -17.00
N VAL B 139 13.70 -15.73 -17.57
CA VAL B 139 13.91 -15.78 -19.01
C VAL B 139 14.37 -17.15 -19.51
N LEU B 140 14.13 -17.39 -20.79
CA LEU B 140 14.59 -18.53 -21.46
C LEU B 140 16.12 -18.67 -21.56
N ASP B 141 16.83 -17.58 -21.86
CA ASP B 141 18.28 -17.68 -22.15
C ASP B 141 18.99 -16.80 -21.22
N PRO B 142 19.03 -17.13 -19.90
CA PRO B 142 19.69 -16.29 -18.89
C PRO B 142 21.21 -16.05 -19.18
N GLU B 143 21.81 -16.89 -19.98
CA GLU B 143 23.29 -16.78 -20.34
C GLU B 143 23.67 -15.45 -20.99
N ARG B 144 22.65 -14.77 -21.52
CA ARG B 144 22.85 -13.52 -22.11
C ARG B 144 22.82 -12.35 -21.19
N TYR B 145 22.61 -12.58 -19.91
CA TYR B 145 22.41 -11.54 -18.99
C TYR B 145 23.18 -11.70 -17.73
N GLY B 146 23.01 -10.69 -16.88
CA GLY B 146 23.36 -10.85 -15.49
C GLY B 146 22.37 -11.77 -14.86
N VAL B 147 22.84 -12.73 -14.07
CA VAL B 147 22.03 -13.81 -13.51
C VAL B 147 22.14 -13.81 -11.97
N VAL B 148 20.97 -13.79 -11.32
CA VAL B 148 20.88 -13.80 -9.87
C VAL B 148 20.47 -15.22 -9.45
N GLU B 149 21.25 -15.74 -8.54
CA GLU B 149 20.94 -16.95 -7.83
C GLU B 149 20.36 -16.69 -6.44
N PHE B 150 19.37 -17.46 -6.05
CA PHE B 150 18.71 -17.35 -4.76
C PHE B 150 18.94 -18.66 -3.96
N ASP B 151 18.84 -18.53 -2.66
CA ASP B 151 18.84 -19.72 -1.81
C ASP B 151 17.44 -20.26 -1.69
N GLN B 152 17.27 -21.29 -0.88
CA GLN B 152 15.97 -21.96 -0.74
C GLN B 152 14.93 -21.05 -0.11
N GLY B 153 15.37 -20.14 0.72
CA GLY B 153 14.48 -19.14 1.23
C GLY B 153 14.14 -17.91 0.36
N GLY B 154 14.71 -17.80 -0.84
CA GLY B 154 14.41 -16.65 -1.73
C GLY B 154 15.33 -15.43 -1.64
N LYS B 155 16.40 -15.58 -0.88
N LYS B 155 16.40 -15.58 -0.88
CA LYS B 155 17.42 -14.56 -0.76
CA LYS B 155 17.42 -14.55 -0.76
C LYS B 155 18.52 -14.71 -1.82
C LYS B 155 18.52 -14.71 -1.82
N ALA B 156 18.80 -13.63 -2.53
CA ALA B 156 19.83 -13.63 -3.55
C ALA B 156 21.15 -13.88 -2.89
N ILE B 157 21.97 -14.78 -3.46
CA ILE B 157 23.30 -15.16 -2.96
C ILE B 157 24.44 -15.00 -3.93
N SER B 158 24.18 -14.96 -5.23
CA SER B 158 25.29 -14.66 -6.12
C SER B 158 24.79 -13.99 -7.38
N LEU B 159 25.68 -13.22 -7.98
CA LEU B 159 25.48 -12.64 -9.27
C LEU B 159 26.59 -13.05 -10.20
N GLU B 160 26.23 -13.37 -11.43
CA GLU B 160 27.22 -13.65 -12.47
C GLU B 160 26.83 -12.98 -13.82
N GLU B 161 27.79 -12.42 -14.53
CA GLU B 161 27.55 -11.74 -15.78
C GLU B 161 27.75 -12.75 -16.88
N LYS B 162 26.73 -12.97 -17.67
CA LYS B 162 26.71 -13.91 -18.84
C LYS B 162 27.38 -15.21 -18.58
N PRO B 163 26.91 -15.95 -17.61
CA PRO B 163 27.54 -17.26 -17.35
C PRO B 163 27.20 -18.29 -18.39
N LEU B 164 28.18 -19.10 -18.77
CA LEU B 164 27.94 -20.19 -19.72
C LEU B 164 27.00 -21.21 -19.11
N GLU B 165 27.07 -21.32 -17.81
CA GLU B 165 26.25 -22.24 -17.07
C GLU B 165 25.48 -21.51 -15.96
N PRO B 166 24.38 -20.92 -16.33
CA PRO B 166 23.67 -20.11 -15.33
C PRO B 166 23.23 -20.89 -14.12
N LYS B 167 23.24 -20.27 -12.96
CA LYS B 167 22.82 -20.89 -11.71
C LYS B 167 21.31 -20.76 -11.51
N SER B 168 20.69 -19.95 -12.33
CA SER B 168 19.24 -19.97 -12.41
C SER B 168 18.74 -19.41 -13.76
N ASN B 169 17.42 -19.26 -13.90
CA ASN B 169 16.84 -18.62 -15.04
C ASN B 169 16.38 -17.18 -14.79
N TYR B 170 16.81 -16.61 -13.67
CA TYR B 170 16.52 -15.24 -13.35
C TYR B 170 17.57 -14.25 -13.73
N ALA B 171 17.19 -13.44 -14.70
CA ALA B 171 18.02 -12.39 -15.17
C ALA B 171 17.75 -11.13 -14.49
N VAL B 172 18.82 -10.34 -14.26
CA VAL B 172 18.74 -8.97 -13.84
C VAL B 172 18.43 -8.04 -15.00
N THR B 173 17.32 -7.29 -14.87
CA THR B 173 16.87 -6.53 -16.02
C THR B 173 17.67 -5.26 -16.07
N GLY B 174 17.49 -4.52 -17.14
CA GLY B 174 18.22 -3.27 -17.37
C GLY B 174 17.62 -2.07 -16.72
N LEU B 175 17.38 -2.12 -15.41
CA LEU B 175 16.82 -1.04 -14.63
C LEU B 175 17.39 -1.19 -13.24
N TYR B 176 18.05 -0.14 -12.73
CA TYR B 176 18.81 -0.15 -11.52
C TYR B 176 18.67 1.16 -10.72
N PHE B 177 18.35 1.04 -9.43
CA PHE B 177 18.24 2.18 -8.57
C PHE B 177 19.41 2.18 -7.52
N TYR B 178 20.03 3.32 -7.31
CA TYR B 178 21.15 3.47 -6.39
C TYR B 178 21.08 4.64 -5.45
N ASP B 179 21.70 4.44 -4.29
CA ASP B 179 21.94 5.42 -3.32
C ASP B 179 23.22 6.15 -3.66
N GLN B 180 23.74 6.93 -2.71
CA GLN B 180 24.90 7.77 -3.00
C GLN B 180 26.24 7.01 -3.00
N GLN B 181 26.20 5.69 -2.93
CA GLN B 181 27.40 4.93 -2.84
C GLN B 181 27.91 4.48 -4.21
N VAL B 182 27.07 4.55 -5.23
CA VAL B 182 27.38 4.03 -6.56
C VAL B 182 28.56 4.64 -7.26
N VAL B 183 28.67 5.99 -7.28
CA VAL B 183 29.80 6.58 -7.94
C VAL B 183 31.11 6.13 -7.45
N ASP B 184 31.22 6.04 -6.16
CA ASP B 184 32.51 5.61 -5.58
C ASP B 184 32.83 4.15 -5.83
N ILE B 185 31.81 3.32 -5.90
CA ILE B 185 31.96 1.98 -6.26
C ILE B 185 32.41 1.78 -7.74
N ALA B 186 31.75 2.52 -8.64
CA ALA B 186 32.13 2.52 -10.11
C ALA B 186 33.56 2.93 -10.32
N ARG B 187 33.96 3.97 -9.63
CA ARG B 187 35.33 4.50 -9.69
C ARG B 187 36.44 3.52 -9.28
N ASP B 188 36.09 2.53 -8.50
CA ASP B 188 37.09 1.58 -7.99
C ASP B 188 37.07 0.27 -8.80
N LEU B 189 36.13 0.18 -9.73
CA LEU B 189 36.05 -0.93 -10.63
C LEU B 189 37.15 -0.97 -11.67
N LYS B 190 37.55 -2.21 -11.97
CA LYS B 190 38.49 -2.51 -13.02
C LYS B 190 37.73 -3.29 -14.05
N PRO B 191 38.19 -3.21 -15.30
CA PRO B 191 37.58 -3.93 -16.43
C PRO B 191 37.53 -5.39 -16.20
N SER B 192 36.45 -6.00 -16.67
CA SER B 192 36.29 -7.45 -16.57
C SER B 192 37.05 -8.18 -17.70
N PRO B 193 37.18 -9.46 -17.54
CA PRO B 193 37.85 -10.24 -18.58
C PRO B 193 37.18 -9.92 -19.91
N ARG B 194 35.86 -9.70 -19.88
CA ARG B 194 35.05 -9.30 -21.05
C ARG B 194 35.59 -8.00 -21.62
N GLY B 195 36.26 -7.21 -20.81
CA GLY B 195 36.79 -5.92 -21.29
C GLY B 195 35.82 -4.75 -20.95
N GLU B 196 34.94 -4.99 -20.00
CA GLU B 196 33.95 -3.98 -19.61
C GLU B 196 33.94 -3.71 -18.12
N LEU B 197 33.57 -2.49 -17.77
CA LEU B 197 33.27 -2.08 -16.37
C LEU B 197 31.78 -2.51 -16.13
N GLU B 198 31.58 -3.60 -15.39
CA GLU B 198 30.29 -4.23 -15.37
C GLU B 198 29.36 -3.69 -14.32
N ILE B 199 28.09 -3.47 -14.71
CA ILE B 199 27.07 -3.15 -13.69
C ILE B 199 26.92 -4.35 -12.70
N THR B 200 27.08 -5.56 -13.17
CA THR B 200 27.04 -6.70 -12.26
C THR B 200 28.10 -6.58 -11.15
N ASP B 201 29.26 -6.00 -11.41
CA ASP B 201 30.23 -5.84 -10.29
C ASP B 201 29.78 -4.72 -9.33
N VAL B 202 29.11 -3.69 -9.87
CA VAL B 202 28.46 -2.68 -8.98
C VAL B 202 27.46 -3.34 -8.05
N ASN B 203 26.63 -4.19 -8.63
CA ASN B 203 25.60 -4.81 -7.88
C ASN B 203 26.16 -5.83 -6.87
N ARG B 204 27.28 -6.42 -7.19
CA ARG B 204 27.85 -7.44 -6.28
C ARG B 204 28.43 -6.76 -5.12
N ALA B 205 28.86 -5.54 -5.30
CA ALA B 205 29.45 -4.78 -4.25
C ALA B 205 28.37 -4.43 -3.24
N TYR B 206 27.16 -4.07 -3.67
CA TYR B 206 26.08 -3.83 -2.75
C TYR B 206 25.64 -5.17 -2.02
N LEU B 207 25.58 -6.25 -2.77
CA LEU B 207 25.26 -7.56 -2.28
C LEU B 207 26.19 -7.99 -1.14
N GLU B 208 27.46 -7.79 -1.34
CA GLU B 208 28.45 -8.10 -0.34
C GLU B 208 28.27 -7.37 0.98
N ARG B 209 27.77 -6.15 0.93
CA ARG B 209 27.51 -5.35 2.09
C ARG B 209 26.08 -5.49 2.51
N GLY B 210 25.37 -6.51 2.04
CA GLY B 210 24.01 -6.69 2.41
C GLY B 210 23.05 -5.57 2.02
N GLN B 211 23.30 -4.87 0.93
CA GLN B 211 22.51 -3.68 0.59
C GLN B 211 21.90 -3.68 -0.80
N LEU B 212 21.82 -4.87 -1.39
CA LEU B 212 21.18 -5.05 -2.64
C LEU B 212 19.82 -5.65 -2.41
N SER B 213 18.81 -4.90 -2.77
CA SER B 213 17.44 -5.41 -2.89
C SER B 213 17.15 -5.97 -4.29
N VAL B 214 16.87 -7.25 -4.34
CA VAL B 214 16.50 -7.89 -5.56
C VAL B 214 15.01 -8.21 -5.50
N GLU B 215 14.24 -7.57 -6.32
CA GLU B 215 12.81 -7.68 -6.31
C GLU B 215 12.38 -8.51 -7.51
N ILE B 216 11.56 -9.52 -7.30
CA ILE B 216 11.03 -10.27 -8.42
C ILE B 216 10.11 -9.40 -9.28
N MET B 217 10.34 -9.45 -10.57
CA MET B 217 9.41 -8.93 -11.57
C MET B 217 8.77 -10.15 -12.14
N GLY B 218 7.51 -10.28 -11.77
CA GLY B 218 6.73 -11.47 -12.11
C GLY B 218 6.37 -11.65 -13.59
N ARG B 219 5.97 -12.87 -13.90
CA ARG B 219 5.71 -13.30 -15.23
C ARG B 219 4.64 -12.57 -15.91
N GLY B 220 3.78 -11.94 -15.13
CA GLY B 220 2.74 -11.08 -15.66
C GLY B 220 3.23 -9.76 -16.23
N TYR B 221 4.47 -9.40 -15.97
CA TYR B 221 5.06 -8.25 -16.68
C TYR B 221 5.80 -8.76 -17.96
N ALA B 222 5.88 -7.88 -18.93
CA ALA B 222 6.77 -8.03 -20.12
C ALA B 222 8.00 -7.17 -19.95
N TRP B 223 9.13 -7.88 -20.00
CA TRP B 223 10.42 -7.28 -20.07
C TRP B 223 11.04 -7.81 -21.31
N LEU B 224 11.19 -6.91 -22.26
CA LEU B 224 11.76 -7.23 -23.49
C LEU B 224 12.94 -6.39 -23.85
N ASP B 225 13.76 -6.86 -24.77
CA ASP B 225 14.85 -6.04 -25.20
C ASP B 225 15.05 -6.20 -26.69
N THR B 226 15.41 -5.12 -27.31
CA THR B 226 15.48 -5.02 -28.74
C THR B 226 16.80 -5.29 -29.36
N GLY B 227 17.59 -6.07 -28.68
CA GLY B 227 18.92 -6.32 -29.22
C GLY B 227 19.14 -7.21 -30.45
N THR B 228 18.14 -7.98 -30.87
CA THR B 228 18.29 -8.74 -32.05
C THR B 228 17.25 -8.35 -33.03
N HIS B 229 17.48 -8.67 -34.30
CA HIS B 229 16.47 -8.44 -35.33
C HIS B 229 15.19 -9.02 -34.94
N ASP B 230 15.25 -10.28 -34.50
CA ASP B 230 14.01 -10.98 -34.11
C ASP B 230 13.36 -10.42 -32.90
N SER B 231 14.14 -9.97 -31.93
CA SER B 231 13.53 -9.49 -30.69
C SER B 231 12.90 -8.11 -30.89
N LEU B 232 13.52 -7.36 -31.75
CA LEU B 232 13.00 -6.07 -32.05
C LEU B 232 11.61 -6.22 -32.76
N LEU B 233 11.49 -7.15 -33.71
CA LEU B 233 10.22 -7.36 -34.43
C LEU B 233 9.16 -7.85 -33.44
N GLU B 234 9.53 -8.78 -32.55
CA GLU B 234 8.58 -9.22 -31.57
C GLU B 234 8.06 -8.07 -30.72
N ALA B 235 8.95 -7.23 -30.21
CA ALA B 235 8.60 -6.09 -29.36
C ALA B 235 7.60 -5.19 -30.09
N GLY B 236 7.92 -4.91 -31.32
CA GLY B 236 7.02 -4.16 -32.23
C GLY B 236 5.65 -4.72 -32.31
N GLN B 237 5.54 -6.01 -32.57
N GLN B 237 5.54 -6.02 -32.55
CA GLN B 237 4.26 -6.70 -32.63
CA GLN B 237 4.25 -6.69 -32.65
C GLN B 237 3.46 -6.68 -31.32
C GLN B 237 3.47 -6.67 -31.32
N PHE B 238 4.17 -6.87 -30.23
CA PHE B 238 3.64 -6.81 -28.86
C PHE B 238 2.96 -5.45 -28.61
N ILE B 239 3.69 -4.39 -28.81
CA ILE B 239 3.16 -3.09 -28.65
C ILE B 239 1.97 -2.85 -29.59
N ALA B 240 2.10 -3.24 -30.84
CA ALA B 240 1.04 -3.11 -31.79
C ALA B 240 -0.32 -3.76 -31.30
N THR B 241 -0.25 -5.01 -30.90
CA THR B 241 -1.39 -5.73 -30.45
C THR B 241 -2.05 -5.02 -29.26
N LEU B 242 -1.28 -4.58 -28.33
CA LEU B 242 -1.91 -3.88 -27.24
C LEU B 242 -2.56 -2.57 -27.68
N GLU B 243 -1.80 -1.74 -28.39
CA GLU B 243 -2.33 -0.44 -28.76
C GLU B 243 -3.58 -0.49 -29.72
N ASN B 244 -3.62 -1.44 -30.62
CA ASN B 244 -4.70 -1.53 -31.53
C ASN B 244 -5.94 -2.17 -30.79
N ARG B 245 -5.72 -3.01 -29.74
CA ARG B 245 -6.78 -3.50 -28.88
C ARG B 245 -7.37 -2.43 -28.02
N GLN B 246 -6.50 -1.67 -27.39
CA GLN B 246 -6.94 -0.75 -26.38
C GLN B 246 -7.34 0.62 -26.83
N GLY B 247 -6.81 1.08 -27.95
CA GLY B 247 -6.97 2.47 -28.32
C GLY B 247 -6.19 3.41 -27.38
N LEU B 248 -5.17 2.86 -26.70
CA LEU B 248 -4.33 3.56 -25.85
C LEU B 248 -2.90 3.31 -26.29
N LYS B 249 -2.00 4.18 -25.99
CA LYS B 249 -0.57 4.01 -26.40
C LYS B 249 0.41 3.71 -25.23
N VAL B 250 1.42 2.85 -25.45
CA VAL B 250 2.40 2.59 -24.45
C VAL B 250 3.55 3.54 -24.65
N ALA B 251 3.96 4.13 -23.54
CA ALA B 251 5.08 4.99 -23.53
C ALA B 251 5.06 6.31 -24.39
N CYS B 252 3.95 7.09 -24.33
N CYS B 252 3.95 7.04 -24.34
CA CYS B 252 3.79 8.48 -24.88
CA CYS B 252 3.78 8.37 -24.90
C CYS B 252 4.18 9.38 -23.82
C CYS B 252 4.19 9.36 -23.84
N PRO B 253 5.40 9.88 -23.98
CA PRO B 253 5.94 10.83 -23.02
C PRO B 253 4.95 11.94 -22.74
N GLU B 254 4.26 12.45 -23.74
CA GLU B 254 3.38 13.58 -23.57
C GLU B 254 2.24 13.23 -22.61
N GLU B 255 1.70 12.03 -22.82
CA GLU B 255 0.64 11.50 -21.98
C GLU B 255 1.10 11.35 -20.55
N ILE B 256 2.24 10.71 -20.38
CA ILE B 256 2.73 10.50 -19.06
C ILE B 256 2.95 11.84 -18.29
N ALA B 257 3.61 12.78 -18.96
CA ALA B 257 3.79 14.11 -18.42
C ALA B 257 2.49 14.71 -17.94
N TYR B 258 1.49 14.63 -18.77
CA TYR B 258 0.20 15.24 -18.48
C TYR B 258 -0.48 14.56 -17.25
N ARG B 259 -0.33 13.25 -17.15
CA ARG B 259 -1.03 12.48 -16.13
C ARG B 259 -0.33 12.71 -14.82
N GLN B 260 0.93 13.01 -14.89
CA GLN B 260 1.74 13.26 -13.75
C GLN B 260 1.67 14.72 -13.35
N LYS B 261 0.91 15.53 -14.10
CA LYS B 261 0.79 16.99 -13.85
C LYS B 261 2.05 17.79 -14.02
N TRP B 262 2.98 17.30 -14.84
CA TRP B 262 4.18 17.98 -15.16
C TRP B 262 3.97 19.02 -16.33
N ILE B 263 2.88 18.86 -17.06
CA ILE B 263 2.45 19.78 -18.09
C ILE B 263 0.93 19.83 -17.95
N ASP B 264 0.34 20.96 -18.36
CA ASP B 264 -1.07 21.13 -18.24
C ASP B 264 -1.84 20.94 -19.54
N ALA B 265 -3.16 21.00 -19.46
CA ALA B 265 -4.00 20.81 -20.64
C ALA B 265 -3.65 21.68 -21.82
N ALA B 266 -3.39 22.95 -21.59
CA ALA B 266 -3.03 23.83 -22.67
C ALA B 266 -1.68 23.45 -23.28
N GLN B 267 -0.74 23.04 -22.44
CA GLN B 267 0.56 22.60 -22.93
C GLN B 267 0.38 21.37 -23.82
N LEU B 268 -0.42 20.43 -23.35
CA LEU B 268 -0.66 19.25 -24.12
C LEU B 268 -1.29 19.58 -25.43
N GLU B 269 -2.27 20.48 -25.44
CA GLU B 269 -2.92 20.86 -26.69
C GLU B 269 -1.86 21.40 -27.62
N LYS B 270 -0.93 22.13 -27.07
CA LYS B 270 0.14 22.67 -27.89
C LYS B 270 1.02 21.61 -28.50
N LEU B 271 1.38 20.60 -27.72
CA LEU B 271 2.17 19.53 -28.21
C LEU B 271 1.46 18.82 -29.27
N ALA B 272 0.14 18.66 -29.15
CA ALA B 272 -0.64 17.93 -30.16
C ALA B 272 -0.70 18.63 -31.52
N ALA B 273 -0.79 19.96 -31.55
CA ALA B 273 -1.04 20.64 -32.79
C ALA B 273 -0.16 20.21 -33.97
N PRO B 274 1.12 20.29 -33.83
CA PRO B 274 1.95 19.93 -34.95
C PRO B 274 1.81 18.47 -35.37
N LEU B 275 1.41 17.59 -34.46
CA LEU B 275 1.30 16.17 -34.74
C LEU B 275 -0.12 15.73 -35.18
N ALA B 276 -0.97 16.73 -35.28
CA ALA B 276 -2.43 16.57 -35.54
C ALA B 276 -2.83 15.86 -36.83
N LYS B 277 -1.93 15.83 -37.79
CA LYS B 277 -2.21 15.23 -39.10
C LYS B 277 -2.02 13.71 -39.10
N ASN B 278 -1.66 13.17 -37.95
CA ASN B 278 -1.52 11.73 -37.82
C ASN B 278 -2.09 11.25 -36.49
N GLY B 279 -2.26 9.97 -36.42
CA GLY B 279 -2.88 9.33 -35.32
C GLY B 279 -2.27 9.65 -33.98
N TYR B 280 -0.95 9.85 -33.92
CA TYR B 280 -0.35 10.15 -32.60
C TYR B 280 -0.85 11.50 -32.06
N GLY B 281 -0.94 12.49 -32.95
CA GLY B 281 -1.46 13.77 -32.59
C GLY B 281 -2.91 13.72 -32.23
N GLN B 282 -3.67 12.99 -33.01
N GLN B 282 -3.69 13.02 -33.04
CA GLN B 282 -5.08 12.86 -32.77
CA GLN B 282 -5.11 12.86 -32.76
C GLN B 282 -5.24 12.23 -31.35
C GLN B 282 -5.27 12.19 -31.38
N TYR B 283 -4.34 11.30 -31.00
CA TYR B 283 -4.39 10.60 -29.69
C TYR B 283 -4.13 11.59 -28.58
N LEU B 284 -3.11 12.45 -28.71
CA LEU B 284 -2.86 13.41 -27.64
C LEU B 284 -4.08 14.26 -27.36
N LYS B 285 -4.73 14.67 -28.43
CA LYS B 285 -5.93 15.53 -28.32
C LYS B 285 -7.08 14.78 -27.61
N ARG B 286 -7.35 13.57 -28.04
CA ARG B 286 -8.40 12.76 -27.42
C ARG B 286 -8.20 12.71 -25.87
N LEU B 287 -6.93 12.64 -25.42
CA LEU B 287 -6.59 12.59 -24.00
C LEU B 287 -7.14 13.77 -23.20
N LEU B 288 -7.45 14.89 -23.87
CA LEU B 288 -7.95 16.04 -23.15
C LEU B 288 -9.40 15.91 -22.76
N THR B 289 -10.17 15.14 -23.49
CA THR B 289 -11.58 15.04 -23.14
C THR B 289 -12.06 13.61 -22.92
N GLU B 290 -11.14 12.72 -22.58
CA GLU B 290 -11.55 11.36 -22.25
C GLU B 290 -10.99 10.97 -20.92
N THR B 291 -11.77 10.40 -20.03
CA THR B 291 -11.17 9.97 -18.81
C THR B 291 -10.66 8.53 -18.98
N VAL B 292 -9.37 8.26 -18.63
CA VAL B 292 -8.86 6.91 -18.76
C VAL B 292 -8.36 6.47 -17.39
N TYR B 293 -8.98 5.43 -16.88
CA TYR B 293 -8.64 4.93 -15.53
C TYR B 293 -7.40 4.05 -15.53
N LYS C 2 -3.59 -37.85 -68.17
CA LYS C 2 -4.50 -38.07 -66.94
C LYS C 2 -3.67 -38.37 -65.66
N ARG C 3 -3.49 -37.36 -64.80
CA ARG C 3 -2.80 -37.59 -63.56
C ARG C 3 -3.64 -37.45 -62.36
N LYS C 4 -3.55 -38.41 -61.45
N LYS C 4 -3.55 -38.41 -61.45
CA LYS C 4 -4.31 -38.36 -60.21
CA LYS C 4 -4.31 -38.36 -60.21
C LYS C 4 -3.54 -37.80 -59.02
C LYS C 4 -3.53 -37.80 -59.03
N GLY C 5 -4.23 -37.16 -58.10
CA GLY C 5 -3.58 -36.63 -56.94
C GLY C 5 -3.82 -37.36 -55.66
N ILE C 6 -2.80 -37.35 -54.79
CA ILE C 6 -2.92 -37.75 -53.43
C ILE C 6 -2.46 -36.61 -52.47
N ILE C 7 -3.26 -36.37 -51.45
CA ILE C 7 -2.90 -35.56 -50.30
C ILE C 7 -2.70 -36.42 -49.11
N LEU C 8 -1.45 -36.51 -48.65
CA LEU C 8 -1.14 -37.20 -47.39
C LEU C 8 -1.27 -36.23 -46.17
N ALA C 9 -2.42 -36.36 -45.51
CA ALA C 9 -2.83 -35.60 -44.34
C ALA C 9 -3.04 -36.39 -43.03
N GLY C 10 -2.11 -37.25 -42.71
CA GLY C 10 -2.15 -37.97 -41.45
C GLY C 10 -1.12 -37.47 -40.49
N GLY C 11 -0.60 -38.36 -39.69
CA GLY C 11 0.55 -38.05 -38.89
C GLY C 11 0.23 -38.00 -37.42
N SER C 12 1.26 -38.35 -36.65
CA SER C 12 1.26 -38.29 -35.19
C SER C 12 1.08 -36.84 -34.86
N GLY C 13 0.31 -36.58 -33.82
CA GLY C 13 0.19 -35.24 -33.34
C GLY C 13 1.02 -35.16 -32.06
N THR C 14 1.93 -36.13 -31.80
CA THR C 14 2.69 -36.07 -30.51
C THR C 14 3.43 -34.72 -30.44
N ARG C 15 3.98 -34.30 -31.57
CA ARG C 15 4.74 -33.06 -31.58
C ARG C 15 4.06 -31.83 -31.00
N LEU C 16 3.09 -31.30 -31.78
CA LEU C 16 2.46 -30.02 -31.51
C LEU C 16 1.38 -30.14 -30.53
N HIS C 17 1.29 -31.29 -30.00
CA HIS C 17 0.67 -31.32 -28.71
C HIS C 17 1.07 -30.14 -27.81
N PRO C 18 0.11 -29.72 -26.99
CA PRO C 18 -1.27 -30.21 -26.98
C PRO C 18 -2.22 -29.61 -27.99
N ALA C 19 -1.74 -28.70 -28.86
CA ALA C 19 -2.58 -28.09 -29.84
C ALA C 19 -3.31 -29.18 -30.67
N THR C 20 -2.55 -30.16 -31.08
CA THR C 20 -3.04 -31.22 -31.94
C THR C 20 -3.67 -32.37 -31.23
N LEU C 21 -3.88 -32.25 -29.93
CA LEU C 21 -4.63 -33.26 -29.25
C LEU C 21 -6.04 -33.00 -29.64
N ALA C 22 -6.34 -31.75 -29.84
CA ALA C 22 -7.72 -31.46 -30.16
C ALA C 22 -8.09 -31.77 -31.64
N ILE C 23 -7.32 -31.14 -32.53
CA ILE C 23 -7.54 -31.14 -33.95
C ILE C 23 -6.26 -31.64 -34.63
N SER C 24 -6.39 -32.59 -35.52
CA SER C 24 -5.24 -32.91 -36.36
C SER C 24 -4.73 -31.61 -37.07
N LYS C 25 -3.44 -31.49 -37.25
CA LYS C 25 -2.74 -30.40 -37.98
C LYS C 25 -3.42 -29.93 -39.29
N GLN C 26 -3.84 -30.85 -40.17
CA GLN C 26 -4.34 -30.44 -41.44
C GLN C 26 -5.79 -29.86 -41.41
N LEU C 27 -6.39 -29.86 -40.23
CA LEU C 27 -7.72 -29.26 -40.05
C LEU C 27 -7.58 -27.95 -39.37
N LEU C 28 -6.42 -27.65 -38.81
CA LEU C 28 -6.23 -26.36 -38.12
C LEU C 28 -6.11 -25.26 -39.15
N PRO C 29 -6.52 -24.07 -38.89
CA PRO C 29 -6.41 -23.01 -39.90
C PRO C 29 -5.03 -22.47 -40.10
N VAL C 30 -4.77 -21.93 -41.29
CA VAL C 30 -3.60 -21.07 -41.52
C VAL C 30 -4.27 -19.72 -41.90
N TYR C 31 -4.31 -18.83 -40.93
CA TYR C 31 -5.00 -17.57 -40.94
C TYR C 31 -6.47 -17.69 -41.02
N ASP C 32 -7.02 -17.93 -42.21
CA ASP C 32 -8.47 -17.83 -42.41
C ASP C 32 -9.13 -19.05 -42.98
N LYS C 33 -8.38 -20.13 -43.31
CA LYS C 33 -9.03 -21.34 -43.92
C LYS C 33 -8.18 -22.54 -43.51
N PRO C 34 -8.83 -23.68 -43.49
CA PRO C 34 -8.19 -24.94 -43.10
C PRO C 34 -6.95 -25.27 -43.88
N MET C 35 -6.00 -25.85 -43.21
CA MET C 35 -4.70 -26.12 -43.82
C MET C 35 -4.78 -26.88 -45.08
N ILE C 36 -5.69 -27.86 -45.13
CA ILE C 36 -5.74 -28.71 -46.23
C ILE C 36 -6.14 -27.96 -47.49
N TYR C 37 -6.82 -26.83 -47.36
CA TYR C 37 -7.11 -26.03 -48.55
C TYR C 37 -5.86 -25.74 -49.37
N TYR C 38 -4.72 -25.60 -48.71
CA TYR C 38 -3.48 -25.16 -49.43
C TYR C 38 -2.86 -26.18 -50.39
N PRO C 39 -2.55 -27.36 -49.87
CA PRO C 39 -2.14 -28.42 -50.72
C PRO C 39 -3.26 -28.84 -51.71
N LEU C 40 -4.51 -28.91 -51.30
CA LEU C 40 -5.61 -29.12 -52.24
C LEU C 40 -5.52 -28.10 -53.42
N SER C 41 -5.41 -26.81 -53.12
CA SER C 41 -5.25 -25.83 -54.19
C SER C 41 -4.01 -26.07 -55.11
N THR C 42 -2.90 -26.54 -54.52
CA THR C 42 -1.72 -26.86 -55.28
C THR C 42 -2.05 -27.95 -56.32
N LEU C 43 -2.71 -29.03 -55.86
CA LEU C 43 -3.09 -30.02 -56.84
C LEU C 43 -4.04 -29.42 -57.96
N MET C 44 -4.98 -28.61 -57.55
CA MET C 44 -5.88 -28.00 -58.48
C MET C 44 -5.13 -27.13 -59.49
N LEU C 45 -4.18 -26.36 -58.99
CA LEU C 45 -3.40 -25.45 -59.87
C LEU C 45 -2.56 -26.25 -60.84
N ALA C 46 -2.30 -27.49 -60.50
CA ALA C 46 -1.61 -28.39 -61.40
C ALA C 46 -2.51 -29.10 -62.39
N GLY C 47 -3.78 -28.71 -62.39
CA GLY C 47 -4.75 -29.22 -63.35
C GLY C 47 -5.32 -30.58 -62.95
N ILE C 48 -5.21 -30.98 -61.67
CA ILE C 48 -5.61 -32.26 -61.17
C ILE C 48 -6.97 -32.18 -60.45
N ARG C 49 -7.90 -33.03 -60.89
CA ARG C 49 -9.27 -32.99 -60.39
C ARG C 49 -9.65 -34.21 -59.54
N GLU C 50 -8.95 -35.29 -59.69
CA GLU C 50 -9.30 -36.55 -59.07
C GLU C 50 -8.29 -36.79 -58.01
N ILE C 51 -8.75 -36.60 -56.78
CA ILE C 51 -7.85 -36.57 -55.67
C ILE C 51 -8.25 -37.44 -54.46
N LEU C 52 -7.28 -38.13 -53.93
CA LEU C 52 -7.42 -39.05 -52.81
C LEU C 52 -6.84 -38.40 -51.56
N ILE C 53 -7.65 -38.24 -50.52
CA ILE C 53 -7.17 -37.68 -49.24
C ILE C 53 -6.92 -38.78 -48.23
N ILE C 54 -5.67 -38.98 -47.78
CA ILE C 54 -5.34 -39.92 -46.77
C ILE C 54 -5.21 -39.23 -45.44
N SER C 55 -5.98 -39.66 -44.42
CA SER C 55 -5.71 -39.25 -43.06
C SER C 55 -5.74 -40.40 -42.09
N THR C 56 -5.70 -40.06 -40.83
CA THR C 56 -5.79 -41.04 -39.78
C THR C 56 -7.24 -41.60 -39.83
N PRO C 57 -7.43 -42.72 -39.24
CA PRO C 57 -8.78 -43.30 -39.14
C PRO C 57 -9.75 -42.33 -38.48
N GLN C 58 -9.32 -41.73 -37.36
CA GLN C 58 -10.13 -40.80 -36.68
C GLN C 58 -10.45 -39.57 -37.49
N ASP C 59 -9.48 -38.99 -38.25
CA ASP C 59 -9.71 -37.79 -39.03
C ASP C 59 -10.48 -37.86 -40.39
N THR C 60 -10.57 -39.02 -41.04
CA THR C 60 -11.24 -39.10 -42.34
C THR C 60 -12.69 -38.56 -42.34
N PRO C 61 -13.50 -38.92 -41.41
CA PRO C 61 -14.83 -38.30 -41.36
C PRO C 61 -14.81 -36.81 -41.28
N ARG C 62 -13.79 -36.28 -40.63
CA ARG C 62 -13.73 -34.85 -40.44
C ARG C 62 -13.46 -34.24 -41.78
N PHE C 63 -12.54 -34.83 -42.50
CA PHE C 63 -12.14 -34.29 -43.77
C PHE C 63 -13.29 -34.35 -44.74
N GLN C 64 -14.05 -35.41 -44.59
CA GLN C 64 -15.25 -35.61 -45.38
C GLN C 64 -16.33 -34.68 -45.09
N GLN C 65 -16.46 -34.33 -43.85
CA GLN C 65 -17.47 -33.37 -43.47
C GLN C 65 -17.13 -31.98 -44.04
N LEU C 66 -15.86 -31.66 -43.95
CA LEU C 66 -15.39 -30.39 -44.48
C LEU C 66 -15.49 -30.26 -46.01
N LEU C 67 -15.07 -31.30 -46.69
CA LEU C 67 -14.88 -31.23 -48.17
C LEU C 67 -15.83 -31.98 -49.05
N GLY C 68 -16.44 -33.04 -48.52
CA GLY C 68 -17.37 -33.84 -49.30
C GLY C 68 -16.69 -34.58 -50.42
N ASP C 69 -17.49 -34.88 -51.44
CA ASP C 69 -17.01 -35.57 -52.65
C ASP C 69 -16.37 -34.66 -53.67
N GLY C 70 -16.30 -33.40 -53.38
CA GLY C 70 -15.67 -32.50 -54.29
C GLY C 70 -16.48 -31.90 -55.44
N SER C 71 -17.64 -32.52 -55.73
CA SER C 71 -18.43 -32.19 -56.95
C SER C 71 -18.82 -30.74 -57.01
N ASN C 72 -19.16 -30.17 -55.87
CA ASN C 72 -19.46 -28.76 -55.84
C ASN C 72 -18.28 -27.84 -56.28
N TRP C 73 -17.08 -28.36 -56.37
CA TRP C 73 -15.95 -27.52 -56.76
C TRP C 73 -15.43 -28.05 -58.09
N GLY C 74 -16.20 -28.94 -58.70
CA GLY C 74 -15.80 -29.63 -59.93
C GLY C 74 -14.67 -30.65 -59.78
N LEU C 75 -14.50 -31.20 -58.56
CA LEU C 75 -13.50 -32.19 -58.26
C LEU C 75 -14.14 -33.57 -57.98
N ASP C 76 -13.31 -34.61 -57.96
CA ASP C 76 -13.69 -35.98 -57.56
C ASP C 76 -12.80 -36.30 -56.42
N LEU C 77 -13.28 -36.09 -55.17
CA LEU C 77 -12.49 -36.45 -53.96
C LEU C 77 -12.88 -37.79 -53.42
N GLN C 78 -11.87 -38.55 -53.00
CA GLN C 78 -12.07 -39.87 -52.44
C GLN C 78 -11.16 -39.86 -51.17
N TYR C 79 -11.45 -40.78 -50.29
CA TYR C 79 -10.84 -40.86 -48.97
C TYR C 79 -10.28 -42.18 -48.64
N ALA C 80 -9.15 -42.20 -47.93
CA ALA C 80 -8.54 -43.45 -47.42
C ALA C 80 -7.82 -43.18 -46.15
N VAL C 81 -7.57 -44.26 -45.47
CA VAL C 81 -7.08 -44.19 -44.16
C VAL C 81 -5.70 -44.73 -44.05
N GLN C 82 -4.90 -44.14 -43.17
CA GLN C 82 -3.58 -44.65 -42.84
C GLN C 82 -3.59 -45.00 -41.36
N PRO C 83 -3.60 -46.27 -41.01
CA PRO C 83 -3.72 -46.68 -39.61
C PRO C 83 -2.61 -46.12 -38.73
N SER C 84 -1.39 -46.09 -39.25
CA SER C 84 -0.20 -45.74 -38.52
C SER C 84 0.73 -44.90 -39.44
N PRO C 85 1.30 -43.86 -38.94
CA PRO C 85 2.16 -43.01 -39.78
C PRO C 85 3.50 -43.67 -40.01
N ASP C 86 3.47 -44.69 -40.85
CA ASP C 86 4.63 -45.51 -41.08
C ASP C 86 5.41 -45.17 -42.33
N GLY C 87 5.27 -43.92 -42.85
CA GLY C 87 6.06 -43.45 -43.96
C GLY C 87 5.27 -42.83 -45.11
N LEU C 88 5.82 -41.73 -45.71
CA LEU C 88 5.14 -41.07 -46.80
C LEU C 88 4.92 -42.00 -47.94
N ALA C 89 5.87 -42.91 -48.17
CA ALA C 89 5.75 -43.79 -49.30
C ALA C 89 4.53 -44.74 -49.17
N GLN C 90 4.00 -44.89 -47.96
CA GLN C 90 2.83 -45.75 -47.72
C GLN C 90 1.68 -45.20 -48.50
N ALA C 91 1.72 -43.91 -48.79
CA ALA C 91 0.67 -43.32 -49.56
C ALA C 91 0.43 -44.12 -50.89
N PHE C 92 1.49 -44.67 -51.47
CA PHE C 92 1.35 -45.36 -52.76
C PHE C 92 0.83 -46.87 -52.58
N LEU C 93 0.87 -47.36 -51.37
CA LEU C 93 0.34 -48.69 -51.10
C LEU C 93 -1.17 -48.48 -50.80
N ILE C 94 -1.46 -47.56 -49.90
CA ILE C 94 -2.84 -47.22 -49.60
C ILE C 94 -3.56 -46.77 -50.86
N GLY C 95 -2.89 -45.93 -51.67
CA GLY C 95 -3.49 -45.43 -52.91
C GLY C 95 -3.37 -46.26 -54.17
N GLU C 96 -2.91 -47.49 -54.03
CA GLU C 96 -2.66 -48.36 -55.20
C GLU C 96 -3.91 -48.51 -56.06
N SER C 97 -5.05 -48.83 -55.47
CA SER C 97 -6.27 -49.03 -56.27
C SER C 97 -6.69 -47.72 -56.92
N PHE C 98 -6.61 -46.62 -56.16
CA PHE C 98 -6.97 -45.30 -56.63
C PHE C 98 -6.11 -44.92 -57.87
N ILE C 99 -4.81 -45.09 -57.79
CA ILE C 99 -3.94 -44.70 -58.89
C ILE C 99 -4.17 -45.55 -60.12
N GLY C 100 -4.44 -46.81 -59.95
CA GLY C 100 -4.60 -47.63 -61.16
C GLY C 100 -3.36 -47.59 -62.02
N ASN C 101 -3.61 -47.44 -63.31
CA ASN C 101 -2.55 -47.39 -64.29
C ASN C 101 -2.13 -45.97 -64.66
N ASP C 102 -2.59 -44.96 -63.95
CA ASP C 102 -2.27 -43.58 -64.25
C ASP C 102 -1.01 -43.00 -63.63
N LEU C 103 -0.64 -41.88 -64.17
CA LEU C 103 0.38 -40.98 -63.60
C LEU C 103 -0.22 -40.43 -62.31
N SER C 104 0.68 -40.06 -61.39
CA SER C 104 0.25 -39.52 -60.14
C SER C 104 1.06 -38.32 -59.65
N ALA C 105 0.52 -37.64 -58.63
CA ALA C 105 1.20 -36.59 -57.86
C ALA C 105 0.79 -36.74 -56.38
N LEU C 106 1.75 -36.55 -55.49
CA LEU C 106 1.58 -36.55 -54.08
C LEU C 106 1.97 -35.17 -53.55
N VAL C 107 1.12 -34.63 -52.70
CA VAL C 107 1.40 -33.44 -51.92
C VAL C 107 1.19 -33.72 -50.41
N LEU C 108 2.09 -33.17 -49.55
CA LEU C 108 1.98 -33.31 -48.13
C LEU C 108 0.92 -32.34 -47.60
N GLY C 109 0.18 -32.81 -46.62
CA GLY C 109 -0.96 -32.04 -46.18
C GLY C 109 -0.68 -30.77 -45.41
N ASP C 110 0.52 -30.64 -44.89
CA ASP C 110 0.96 -29.49 -44.16
C ASP C 110 1.92 -28.56 -44.91
N ASN C 111 2.00 -28.69 -46.22
CA ASN C 111 2.91 -27.92 -47.04
C ASN C 111 2.08 -26.83 -47.77
N LEU C 112 2.62 -25.64 -47.69
CA LEU C 112 2.09 -24.44 -48.32
C LEU C 112 3.08 -23.84 -49.32
N TYR C 113 2.63 -23.69 -50.53
CA TYR C 113 3.45 -23.12 -51.53
C TYR C 113 2.81 -21.80 -52.01
N TYR C 114 3.64 -20.87 -52.46
N TYR C 114 3.65 -20.87 -52.47
CA TYR C 114 3.15 -19.59 -52.99
CA TYR C 114 3.17 -19.59 -53.00
C TYR C 114 4.20 -18.85 -53.85
C TYR C 114 4.20 -18.85 -53.85
N GLY C 115 3.79 -18.41 -55.03
CA GLY C 115 4.64 -17.61 -55.86
C GLY C 115 4.16 -17.37 -57.28
N HIS C 116 4.77 -16.35 -57.90
CA HIS C 116 4.54 -15.94 -59.29
C HIS C 116 4.84 -17.10 -60.24
N ASP C 117 3.87 -17.38 -61.11
CA ASP C 117 3.87 -18.42 -62.13
C ASP C 117 3.97 -19.87 -61.62
N PHE C 118 3.56 -20.08 -60.40
CA PHE C 118 3.62 -21.39 -59.84
C PHE C 118 2.83 -22.35 -60.72
N HIS C 119 1.76 -21.86 -61.34
CA HIS C 119 0.96 -22.58 -62.36
C HIS C 119 1.90 -23.22 -63.41
N GLU C 120 2.67 -22.39 -64.04
CA GLU C 120 3.65 -22.78 -65.06
C GLU C 120 4.66 -23.73 -64.44
N LEU C 121 5.12 -23.47 -63.24
CA LEU C 121 6.12 -24.43 -62.63
C LEU C 121 5.48 -25.89 -62.50
N LEU C 122 4.32 -25.96 -61.95
CA LEU C 122 3.65 -27.22 -61.78
C LEU C 122 3.47 -27.86 -63.15
N GLY C 123 3.06 -27.07 -64.16
CA GLY C 123 2.88 -27.59 -65.50
C GLY C 123 4.13 -28.20 -66.09
N SER C 124 5.23 -27.61 -65.82
CA SER C 124 6.42 -28.22 -66.40
C SER C 124 6.60 -29.67 -65.87
N ALA C 125 6.43 -29.90 -64.56
CA ALA C 125 6.47 -31.26 -64.02
C ALA C 125 5.30 -32.15 -64.48
N SER C 126 4.15 -31.57 -64.55
CA SER C 126 3.05 -32.37 -64.95
C SER C 126 3.16 -32.91 -66.37
N GLN C 127 3.77 -32.17 -67.25
CA GLN C 127 3.77 -32.56 -68.64
C GLN C 127 4.72 -33.72 -68.85
N ARG C 128 5.72 -33.88 -67.99
CA ARG C 128 6.60 -35.04 -68.14
C ARG C 128 5.90 -36.33 -67.91
N GLN C 129 5.93 -37.21 -68.87
CA GLN C 129 5.25 -38.48 -68.71
C GLN C 129 6.12 -39.67 -68.27
N THR C 130 7.42 -39.47 -68.25
CA THR C 130 8.23 -40.55 -67.78
C THR C 130 9.10 -40.11 -66.68
N GLY C 131 9.31 -41.03 -65.77
CA GLY C 131 10.05 -40.76 -64.62
C GLY C 131 9.33 -39.98 -63.56
N ALA C 132 10.12 -39.31 -62.71
CA ALA C 132 9.61 -38.55 -61.61
C ALA C 132 10.13 -37.12 -61.64
N SER C 133 9.42 -36.25 -60.91
CA SER C 133 9.82 -34.83 -60.77
C SER C 133 9.58 -34.39 -59.31
N VAL C 134 10.58 -33.72 -58.75
CA VAL C 134 10.57 -33.17 -57.48
C VAL C 134 11.09 -31.75 -57.62
N PHE C 135 11.00 -31.06 -56.50
CA PHE C 135 11.51 -29.70 -56.42
C PHE C 135 12.47 -29.51 -55.28
N ALA C 136 13.52 -28.69 -55.52
CA ALA C 136 14.55 -28.40 -54.61
C ALA C 136 14.46 -26.91 -54.13
N TYR C 137 14.50 -26.66 -52.80
CA TYR C 137 14.36 -25.33 -52.21
C TYR C 137 15.40 -25.04 -51.16
N HIS C 138 16.10 -23.95 -51.34
CA HIS C 138 17.10 -23.54 -50.33
C HIS C 138 16.44 -23.20 -48.96
N VAL C 139 16.93 -23.82 -47.90
CA VAL C 139 16.45 -23.69 -46.53
C VAL C 139 17.61 -23.54 -45.56
N LEU C 140 17.25 -22.96 -44.43
CA LEU C 140 18.15 -22.71 -43.36
C LEU C 140 18.56 -23.99 -42.72
N ASP C 141 17.61 -24.85 -42.49
CA ASP C 141 17.93 -26.13 -41.77
C ASP C 141 17.71 -27.40 -42.51
N PRO C 142 18.52 -27.68 -43.50
CA PRO C 142 18.31 -28.80 -44.38
C PRO C 142 18.34 -30.12 -43.66
N GLU C 143 19.01 -30.21 -42.52
CA GLU C 143 18.99 -31.43 -41.69
C GLU C 143 17.64 -31.94 -41.36
N ARG C 144 16.56 -31.16 -41.50
CA ARG C 144 15.23 -31.61 -41.23
C ARG C 144 14.39 -32.21 -42.35
N TYR C 145 15.00 -32.29 -43.52
CA TYR C 145 14.32 -32.68 -44.70
C TYR C 145 15.09 -33.74 -45.52
N GLY C 146 14.47 -34.19 -46.61
CA GLY C 146 15.17 -34.84 -47.75
C GLY C 146 16.09 -33.77 -48.34
N VAL C 147 17.39 -34.12 -48.51
CA VAL C 147 18.40 -33.18 -48.99
C VAL C 147 18.94 -33.67 -50.35
N VAL C 148 19.00 -32.80 -51.29
CA VAL C 148 19.44 -33.15 -52.64
C VAL C 148 20.71 -32.42 -52.87
N GLU C 149 21.73 -33.15 -53.27
CA GLU C 149 23.10 -32.61 -53.56
C GLU C 149 23.21 -32.44 -55.10
N PHE C 150 23.82 -31.38 -55.57
CA PHE C 150 23.96 -31.08 -56.99
C PHE C 150 25.47 -31.09 -57.30
N ASP C 151 25.85 -31.44 -58.51
CA ASP C 151 27.25 -31.33 -58.90
C ASP C 151 27.52 -29.86 -59.44
N GLN C 152 28.77 -29.59 -59.73
CA GLN C 152 29.17 -28.26 -60.21
C GLN C 152 28.39 -27.77 -61.37
N GLY C 153 27.81 -28.63 -62.19
CA GLY C 153 27.01 -28.19 -63.33
C GLY C 153 25.50 -28.16 -63.06
N GLY C 154 25.15 -28.18 -61.78
CA GLY C 154 23.76 -28.16 -61.37
C GLY C 154 22.87 -29.39 -61.58
N LYS C 155 23.48 -30.58 -61.77
CA LYS C 155 22.75 -31.84 -61.88
C LYS C 155 22.70 -32.51 -60.52
N ALA C 156 21.54 -32.97 -60.18
CA ALA C 156 21.25 -33.71 -58.93
C ALA C 156 22.06 -34.99 -58.88
N ILE C 157 22.81 -35.21 -57.81
CA ILE C 157 23.63 -36.40 -57.76
C ILE C 157 23.43 -37.28 -56.59
N SER C 158 22.71 -36.81 -55.58
CA SER C 158 22.44 -37.68 -54.44
C SER C 158 21.35 -37.11 -53.53
N LEU C 159 20.68 -38.01 -52.80
CA LEU C 159 19.58 -37.72 -51.90
C LEU C 159 19.88 -38.43 -50.59
N GLU C 160 19.61 -37.74 -49.50
CA GLU C 160 19.76 -38.27 -48.18
C GLU C 160 18.63 -37.69 -47.34
N GLU C 161 17.95 -38.54 -46.59
CA GLU C 161 16.88 -38.14 -45.70
C GLU C 161 17.44 -37.74 -44.34
N LYS C 162 17.18 -36.53 -43.92
CA LYS C 162 17.64 -35.96 -42.67
C LYS C 162 19.14 -36.25 -42.30
N PRO C 163 20.08 -35.97 -43.19
CA PRO C 163 21.49 -36.23 -42.96
C PRO C 163 22.03 -35.50 -41.76
N LEU C 164 22.94 -36.06 -40.98
CA LEU C 164 23.48 -35.33 -39.85
C LEU C 164 24.42 -34.28 -40.39
N GLU C 165 25.04 -34.61 -41.52
CA GLU C 165 25.95 -33.72 -42.20
C GLU C 165 25.45 -33.47 -43.64
N PRO C 166 24.46 -32.60 -43.76
CA PRO C 166 23.90 -32.32 -45.07
C PRO C 166 24.91 -31.90 -46.10
N LYS C 167 24.73 -32.34 -47.35
CA LYS C 167 25.67 -32.02 -48.43
C LYS C 167 25.34 -30.70 -49.15
N SER C 168 24.18 -30.16 -48.87
CA SER C 168 23.78 -28.92 -49.35
C SER C 168 22.72 -28.36 -48.48
N ASN C 169 22.32 -27.18 -48.84
CA ASN C 169 21.18 -26.52 -48.22
C ASN C 169 19.90 -26.61 -49.03
N TYR C 170 19.81 -27.56 -49.96
CA TYR C 170 18.60 -27.79 -50.76
C TYR C 170 17.78 -28.95 -50.25
N ALA C 171 16.55 -28.62 -49.79
CA ALA C 171 15.50 -29.54 -49.43
C ALA C 171 14.62 -29.91 -50.55
N VAL C 172 14.23 -31.18 -50.53
CA VAL C 172 13.26 -31.64 -51.48
C VAL C 172 11.92 -31.40 -50.84
N THR C 173 11.12 -30.61 -51.45
CA THR C 173 9.83 -30.20 -50.93
C THR C 173 8.79 -31.36 -50.95
N GLY C 174 7.62 -31.16 -50.32
CA GLY C 174 6.59 -32.23 -50.19
C GLY C 174 5.62 -32.19 -51.35
N LEU C 175 6.12 -32.18 -52.61
CA LEU C 175 5.35 -32.12 -53.84
C LEU C 175 6.09 -33.03 -54.82
N TYR C 176 5.50 -34.18 -55.17
CA TYR C 176 6.17 -35.15 -56.00
C TYR C 176 5.28 -35.59 -57.15
N PHE C 177 5.87 -35.70 -58.34
CA PHE C 177 5.15 -36.12 -59.57
C PHE C 177 5.76 -37.52 -60.01
N TYR C 178 4.91 -38.50 -60.19
CA TYR C 178 5.34 -39.82 -60.62
C TYR C 178 4.65 -40.42 -61.81
N ASP C 179 5.42 -41.23 -62.55
CA ASP C 179 4.89 -42.06 -63.60
C ASP C 179 4.34 -43.37 -63.01
N GLN C 180 4.12 -44.31 -63.88
CA GLN C 180 3.50 -45.57 -63.49
C GLN C 180 4.35 -46.50 -62.63
N GLN C 181 5.64 -46.21 -62.51
CA GLN C 181 6.52 -47.07 -61.82
C GLN C 181 6.44 -46.89 -60.33
N VAL C 182 5.76 -45.87 -59.82
CA VAL C 182 5.90 -45.58 -58.40
C VAL C 182 5.29 -46.63 -57.49
N VAL C 183 4.13 -47.12 -57.87
CA VAL C 183 3.55 -48.13 -57.02
C VAL C 183 4.45 -49.40 -56.81
N ASP C 184 5.05 -49.91 -57.84
CA ASP C 184 5.90 -51.11 -57.66
C ASP C 184 7.13 -50.77 -56.89
N ILE C 185 7.64 -49.54 -57.08
CA ILE C 185 8.82 -49.14 -56.36
C ILE C 185 8.50 -49.15 -54.89
N ALA C 186 7.35 -48.55 -54.59
CA ALA C 186 6.96 -48.47 -53.20
C ALA C 186 6.70 -49.84 -52.58
N ARG C 187 6.20 -50.78 -53.35
CA ARG C 187 5.93 -52.16 -52.88
C ARG C 187 7.18 -52.89 -52.47
N ASP C 188 8.27 -52.52 -53.10
CA ASP C 188 9.51 -53.23 -52.85
C ASP C 188 10.29 -52.65 -51.73
N LEU C 189 9.88 -51.49 -51.25
CA LEU C 189 10.60 -50.84 -50.19
C LEU C 189 10.54 -51.52 -48.84
N LYS C 190 11.62 -51.40 -48.08
CA LYS C 190 11.72 -51.93 -46.74
C LYS C 190 11.87 -50.72 -45.85
N PRO C 191 11.38 -50.73 -44.64
CA PRO C 191 11.53 -49.56 -43.79
C PRO C 191 12.98 -49.17 -43.47
N SER C 192 13.22 -47.89 -43.31
CA SER C 192 14.52 -47.36 -43.00
C SER C 192 14.80 -47.54 -41.51
N PRO C 193 16.02 -47.23 -41.14
CA PRO C 193 16.44 -47.42 -39.75
C PRO C 193 15.43 -46.80 -38.80
N ARG C 194 15.03 -45.56 -39.05
CA ARG C 194 14.04 -44.92 -38.19
C ARG C 194 12.68 -45.51 -38.36
N GLY C 195 12.58 -46.62 -39.10
CA GLY C 195 11.32 -47.37 -39.22
C GLY C 195 10.22 -46.87 -40.19
N GLU C 196 10.55 -45.97 -41.12
CA GLU C 196 9.55 -45.50 -42.06
C GLU C 196 9.82 -45.93 -43.50
N LEU C 197 8.76 -46.05 -44.27
CA LEU C 197 8.84 -46.33 -45.70
C LEU C 197 8.98 -44.93 -46.31
N GLU C 198 10.17 -44.61 -46.72
CA GLU C 198 10.59 -43.22 -47.01
C GLU C 198 10.36 -42.85 -48.45
N ILE C 199 9.76 -41.68 -48.66
CA ILE C 199 9.66 -41.12 -50.00
C ILE C 199 11.02 -40.85 -50.62
N THR C 200 11.98 -40.49 -49.78
CA THR C 200 13.38 -40.28 -50.23
C THR C 200 13.85 -41.56 -50.96
N ASP C 201 13.57 -42.73 -50.42
CA ASP C 201 13.92 -43.97 -51.11
C ASP C 201 13.24 -44.21 -52.50
N VAL C 202 11.97 -43.85 -52.63
CA VAL C 202 11.26 -43.85 -53.87
C VAL C 202 11.97 -42.91 -54.82
N ASN C 203 12.31 -41.68 -54.38
CA ASN C 203 13.03 -40.70 -55.23
C ASN C 203 14.43 -41.14 -55.68
N ARG C 204 15.13 -41.79 -54.80
CA ARG C 204 16.44 -42.35 -55.11
C ARG C 204 16.32 -43.50 -56.13
N ALA C 205 15.24 -44.28 -56.11
CA ALA C 205 15.13 -45.38 -57.02
C ALA C 205 15.03 -44.75 -58.38
N TYR C 206 14.23 -43.72 -58.53
CA TYR C 206 14.23 -43.04 -59.81
C TYR C 206 15.60 -42.45 -60.15
N LEU C 207 16.25 -41.81 -59.19
CA LEU C 207 17.54 -41.17 -59.46
C LEU C 207 18.63 -42.19 -59.98
N GLU C 208 18.63 -43.40 -59.38
CA GLU C 208 19.58 -44.39 -59.72
C GLU C 208 19.34 -45.00 -61.12
N ARG C 209 18.15 -44.71 -61.71
CA ARG C 209 17.86 -45.12 -63.05
C ARG C 209 17.97 -43.97 -64.03
N GLY C 210 18.34 -42.82 -63.54
CA GLY C 210 18.51 -41.64 -64.39
C GLY C 210 17.18 -41.07 -64.81
N GLN C 211 16.18 -41.31 -63.99
CA GLN C 211 14.86 -40.84 -64.26
C GLN C 211 14.25 -39.88 -63.20
N LEU C 212 15.11 -39.15 -62.48
CA LEU C 212 14.62 -38.18 -61.56
C LEU C 212 14.92 -36.82 -62.08
N SER C 213 13.88 -36.04 -62.27
CA SER C 213 14.04 -34.65 -62.68
C SER C 213 13.94 -33.77 -61.39
N VAL C 214 14.99 -33.08 -61.06
CA VAL C 214 14.97 -32.22 -59.93
C VAL C 214 14.92 -30.79 -60.41
N GLU C 215 13.84 -30.09 -60.18
CA GLU C 215 13.77 -28.68 -60.55
C GLU C 215 13.94 -27.73 -59.34
N ILE C 216 14.62 -26.63 -59.56
CA ILE C 216 14.86 -25.63 -58.57
C ILE C 216 13.56 -24.85 -58.35
N MET C 217 13.12 -24.77 -57.11
CA MET C 217 12.03 -23.85 -56.79
C MET C 217 12.75 -22.67 -56.18
N GLY C 218 12.78 -21.58 -56.96
CA GLY C 218 13.57 -20.37 -56.68
C GLY C 218 13.23 -19.70 -55.36
N ARG C 219 14.09 -18.77 -54.96
CA ARG C 219 13.90 -18.04 -53.72
C ARG C 219 12.75 -17.09 -53.79
N GLY C 220 12.31 -16.70 -54.96
CA GLY C 220 11.10 -15.91 -55.02
C GLY C 220 9.83 -16.63 -54.64
N TYR C 221 9.85 -17.96 -54.56
CA TYR C 221 8.78 -18.67 -54.06
C TYR C 221 8.86 -18.82 -52.57
N ALA C 222 7.69 -18.89 -51.97
CA ALA C 222 7.53 -19.30 -50.57
C ALA C 222 7.10 -20.74 -50.46
N TRP C 223 7.93 -21.50 -49.77
CA TRP C 223 7.57 -22.88 -49.44
C TRP C 223 7.66 -23.00 -47.92
N LEU C 224 6.50 -23.15 -47.29
CA LEU C 224 6.40 -23.21 -45.82
C LEU C 224 5.82 -24.53 -45.35
N ASP C 225 6.16 -24.95 -44.16
CA ASP C 225 5.41 -26.13 -43.64
C ASP C 225 4.94 -25.74 -42.25
N THR C 226 3.84 -26.31 -41.84
CA THR C 226 3.30 -25.96 -40.58
C THR C 226 3.67 -26.92 -39.49
N GLY C 227 4.89 -27.38 -39.49
CA GLY C 227 5.33 -28.47 -38.61
C GLY C 227 5.63 -28.06 -37.15
N THR C 228 5.85 -26.79 -36.86
CA THR C 228 6.09 -26.32 -35.50
C THR C 228 5.13 -25.18 -35.11
N HIS C 229 5.01 -24.87 -33.82
CA HIS C 229 4.08 -23.83 -33.38
C HIS C 229 4.48 -22.52 -33.99
N ASP C 230 5.75 -22.27 -34.00
CA ASP C 230 6.39 -21.07 -34.60
C ASP C 230 6.15 -21.00 -36.11
N SER C 231 6.38 -22.09 -36.82
CA SER C 231 6.22 -22.15 -38.25
C SER C 231 4.76 -22.01 -38.69
N LEU C 232 3.82 -22.53 -37.90
CA LEU C 232 2.40 -22.30 -38.17
C LEU C 232 2.09 -20.86 -37.96
N LEU C 233 2.52 -20.33 -36.82
CA LEU C 233 2.31 -18.90 -36.66
C LEU C 233 2.80 -18.01 -37.85
N GLU C 234 4.06 -18.18 -38.29
CA GLU C 234 4.64 -17.43 -39.34
C GLU C 234 3.87 -17.62 -40.63
N ALA C 235 3.36 -18.82 -40.89
CA ALA C 235 2.68 -19.07 -42.14
C ALA C 235 1.35 -18.31 -42.13
N GLY C 236 0.76 -18.21 -40.94
CA GLY C 236 -0.47 -17.49 -40.73
C GLY C 236 -0.29 -16.01 -41.05
N GLN C 237 0.76 -15.40 -40.52
N GLN C 237 0.77 -15.40 -40.52
CA GLN C 237 1.04 -13.99 -40.78
CA GLN C 237 1.05 -14.00 -40.78
C GLN C 237 1.40 -13.74 -42.25
C GLN C 237 1.38 -13.75 -42.26
N PHE C 238 2.06 -14.72 -42.88
CA PHE C 238 2.43 -14.66 -44.28
C PHE C 238 1.19 -14.53 -45.17
N ILE C 239 0.23 -15.45 -45.05
CA ILE C 239 -1.02 -15.38 -45.76
C ILE C 239 -1.79 -14.09 -45.42
N ALA C 240 -1.89 -13.77 -44.13
CA ALA C 240 -2.59 -12.56 -43.72
C ALA C 240 -2.02 -11.33 -44.43
N THR C 241 -0.70 -11.12 -44.46
CA THR C 241 -0.13 -9.91 -45.13
C THR C 241 -0.44 -9.81 -46.57
N LEU C 242 -0.32 -10.93 -47.30
CA LEU C 242 -0.66 -10.95 -48.70
C LEU C 242 -2.13 -10.63 -48.93
N GLU C 243 -2.96 -11.35 -48.20
CA GLU C 243 -4.42 -11.21 -48.42
C GLU C 243 -4.96 -9.80 -48.12
N ASN C 244 -4.47 -9.22 -47.03
CA ASN C 244 -4.87 -7.91 -46.58
C ASN C 244 -4.28 -6.81 -47.46
N ARG C 245 -3.11 -7.09 -48.07
CA ARG C 245 -2.53 -6.17 -49.01
C ARG C 245 -3.33 -6.12 -50.32
N GLN C 246 -3.60 -7.31 -50.84
CA GLN C 246 -4.11 -7.48 -52.22
C GLN C 246 -5.64 -7.37 -52.32
N GLY C 247 -6.31 -7.77 -51.26
CA GLY C 247 -7.74 -7.91 -51.31
C GLY C 247 -8.10 -9.19 -52.12
N LEU C 248 -7.13 -10.09 -52.27
CA LEU C 248 -7.30 -11.37 -52.92
C LEU C 248 -6.93 -12.46 -51.92
N LYS C 249 -7.40 -13.69 -52.12
CA LYS C 249 -7.16 -14.70 -51.12
C LYS C 249 -6.36 -15.83 -51.77
N VAL C 250 -5.52 -16.47 -50.98
CA VAL C 250 -4.68 -17.52 -51.37
C VAL C 250 -5.33 -18.85 -51.11
N ALA C 251 -5.31 -19.72 -52.09
CA ALA C 251 -5.77 -21.13 -51.91
C ALA C 251 -7.25 -21.19 -51.57
N CYS C 252 -8.07 -20.38 -52.26
N CYS C 252 -8.07 -20.37 -52.23
CA CYS C 252 -9.55 -20.44 -52.14
CA CYS C 252 -9.55 -20.47 -52.15
C CYS C 252 -10.00 -21.40 -53.25
C CYS C 252 -9.98 -21.42 -53.27
N PRO C 253 -10.35 -22.64 -52.91
CA PRO C 253 -10.71 -23.64 -53.96
C PRO C 253 -11.82 -23.28 -54.86
N GLU C 254 -12.78 -22.57 -54.33
CA GLU C 254 -13.88 -22.11 -55.21
C GLU C 254 -13.41 -21.16 -56.32
N GLU C 255 -12.44 -20.30 -55.99
CA GLU C 255 -11.94 -19.33 -56.89
C GLU C 255 -11.18 -20.07 -57.93
N ILE C 256 -10.39 -21.05 -57.50
CA ILE C 256 -9.51 -21.75 -58.40
C ILE C 256 -10.29 -22.57 -59.40
N ALA C 257 -11.35 -23.17 -58.88
CA ALA C 257 -12.26 -23.98 -59.65
C ALA C 257 -12.97 -23.14 -60.75
N TYR C 258 -13.41 -21.95 -60.38
CA TYR C 258 -14.05 -21.00 -61.28
C TYR C 258 -13.10 -20.50 -62.35
N ARG C 259 -11.88 -20.08 -61.95
N ARG C 259 -11.88 -20.09 -61.95
CA ARG C 259 -10.86 -19.62 -62.90
CA ARG C 259 -10.86 -19.63 -62.90
C ARG C 259 -10.50 -20.73 -63.89
C ARG C 259 -10.52 -20.72 -63.89
N GLN C 260 -10.46 -21.96 -63.41
CA GLN C 260 -10.17 -23.09 -64.29
C GLN C 260 -11.37 -23.54 -65.16
N LYS C 261 -12.52 -22.92 -65.00
CA LYS C 261 -13.70 -23.35 -65.74
C LYS C 261 -14.24 -24.69 -65.25
N TRP C 262 -13.89 -25.08 -64.02
CA TRP C 262 -14.37 -26.36 -63.53
C TRP C 262 -15.79 -26.25 -63.01
N ILE C 263 -16.23 -25.01 -62.69
CA ILE C 263 -17.59 -24.67 -62.25
C ILE C 263 -17.89 -23.32 -62.89
N ASP C 264 -19.17 -23.01 -63.13
CA ASP C 264 -19.52 -21.76 -63.80
C ASP C 264 -19.89 -20.65 -62.79
N ALA C 265 -20.23 -19.47 -63.32
CA ALA C 265 -20.67 -18.30 -62.52
C ALA C 265 -21.81 -18.66 -61.60
N ALA C 266 -22.71 -19.42 -62.17
CA ALA C 266 -23.90 -19.79 -61.49
C ALA C 266 -23.59 -20.67 -60.29
N GLN C 267 -22.66 -21.60 -60.49
CA GLN C 267 -22.27 -22.53 -59.42
C GLN C 267 -21.52 -21.83 -58.34
N LEU C 268 -20.79 -20.82 -58.72
CA LEU C 268 -19.99 -20.09 -57.76
C LEU C 268 -20.93 -19.22 -56.90
N GLU C 269 -21.93 -18.63 -57.49
CA GLU C 269 -22.90 -17.80 -56.73
C GLU C 269 -23.62 -18.64 -55.64
N LYS C 270 -23.89 -19.89 -55.94
CA LYS C 270 -24.50 -20.85 -54.98
C LYS C 270 -23.52 -21.29 -53.88
N LEU C 271 -22.24 -21.39 -54.21
CA LEU C 271 -21.27 -21.64 -53.17
C LEU C 271 -21.19 -20.46 -52.21
N ALA C 272 -21.34 -19.28 -52.78
CA ALA C 272 -21.17 -18.04 -52.04
C ALA C 272 -22.27 -17.71 -51.01
N ALA C 273 -23.50 -17.99 -51.38
CA ALA C 273 -24.67 -17.66 -50.56
C ALA C 273 -24.61 -18.04 -49.04
N PRO C 274 -24.25 -19.25 -48.71
CA PRO C 274 -24.17 -19.65 -47.32
C PRO C 274 -23.04 -19.08 -46.61
N LEU C 275 -22.08 -18.54 -47.33
CA LEU C 275 -20.92 -17.92 -46.73
C LEU C 275 -21.06 -16.43 -46.73
N ALA C 276 -22.20 -15.94 -47.28
CA ALA C 276 -22.37 -14.51 -47.53
C ALA C 276 -22.33 -13.61 -46.31
N LYS C 277 -22.57 -14.14 -45.13
CA LYS C 277 -22.58 -13.28 -43.97
C LYS C 277 -21.18 -12.91 -43.53
N ASN C 278 -20.18 -13.61 -44.01
CA ASN C 278 -18.82 -13.27 -43.64
C ASN C 278 -17.98 -12.90 -44.86
N GLY C 279 -16.75 -12.47 -44.61
CA GLY C 279 -15.84 -12.01 -45.63
C GLY C 279 -15.58 -13.00 -46.75
N TYR C 280 -15.57 -14.27 -46.41
CA TYR C 280 -15.18 -15.23 -47.42
C TYR C 280 -16.23 -15.34 -48.47
N GLY C 281 -17.51 -15.35 -48.07
CA GLY C 281 -18.60 -15.40 -49.02
C GLY C 281 -18.70 -14.13 -49.87
N GLN C 282 -18.40 -12.99 -49.24
CA GLN C 282 -18.46 -11.69 -49.93
C GLN C 282 -17.36 -11.71 -50.98
N TYR C 283 -16.17 -12.25 -50.64
CA TYR C 283 -15.08 -12.32 -51.58
C TYR C 283 -15.52 -13.18 -52.78
N LEU C 284 -16.09 -14.32 -52.52
CA LEU C 284 -16.51 -15.17 -53.63
C LEU C 284 -17.48 -14.46 -54.55
N LYS C 285 -18.36 -13.64 -53.95
CA LYS C 285 -19.37 -12.91 -54.75
C LYS C 285 -18.67 -11.91 -55.65
N ARG C 286 -17.77 -11.16 -55.05
CA ARG C 286 -17.04 -10.16 -55.81
C ARG C 286 -16.34 -10.77 -57.06
N LEU C 287 -15.77 -11.95 -56.87
CA LEU C 287 -15.13 -12.67 -57.98
C LEU C 287 -16.03 -12.73 -59.22
N LEU C 288 -17.34 -12.76 -59.03
CA LEU C 288 -18.27 -12.73 -60.17
C LEU C 288 -18.34 -11.44 -61.01
N THR C 289 -18.07 -10.30 -60.41
CA THR C 289 -18.14 -9.02 -61.07
C THR C 289 -16.82 -8.30 -61.24
N GLU C 290 -15.75 -8.97 -61.00
CA GLU C 290 -14.46 -8.29 -61.15
C GLU C 290 -13.49 -9.10 -61.97
N THR C 291 -12.83 -8.44 -62.87
CA THR C 291 -11.75 -9.10 -63.62
C THR C 291 -10.40 -9.01 -62.85
N VAL C 292 -9.80 -10.13 -62.60
CA VAL C 292 -8.52 -10.28 -61.90
C VAL C 292 -7.53 -10.95 -62.83
N TYR C 293 -6.48 -10.25 -63.20
CA TYR C 293 -5.46 -10.78 -64.10
C TYR C 293 -4.45 -11.61 -63.34
N LYS D 2 -17.85 -21.18 -1.80
CA LYS D 2 -17.84 -22.23 -2.92
C LYS D 2 -18.48 -21.66 -4.21
N ARG D 3 -17.65 -21.45 -5.23
CA ARG D 3 -18.12 -21.02 -6.50
C ARG D 3 -17.88 -22.00 -7.60
N LYS D 4 -18.89 -22.20 -8.42
CA LYS D 4 -18.80 -23.11 -9.53
C LYS D 4 -18.56 -22.35 -10.84
N GLY D 5 -17.89 -22.97 -11.81
CA GLY D 5 -17.63 -22.31 -13.05
C GLY D 5 -18.26 -22.84 -14.29
N ILE D 6 -18.48 -21.91 -15.21
CA ILE D 6 -19.02 -22.25 -16.46
C ILE D 6 -18.18 -21.65 -17.58
N ILE D 7 -17.79 -22.51 -18.52
CA ILE D 7 -17.21 -22.01 -19.73
C ILE D 7 -18.22 -22.16 -20.83
N LEU D 8 -18.56 -21.05 -21.49
CA LEU D 8 -19.39 -21.10 -22.71
C LEU D 8 -18.53 -21.12 -24.01
N ALA D 9 -18.56 -22.26 -24.67
CA ALA D 9 -17.67 -22.60 -25.73
C ALA D 9 -18.37 -23.11 -26.93
N GLY D 10 -19.54 -22.56 -27.18
CA GLY D 10 -20.32 -22.93 -28.33
C GLY D 10 -20.18 -21.82 -29.35
N GLY D 11 -21.27 -21.41 -29.97
CA GLY D 11 -21.18 -20.28 -30.84
C GLY D 11 -21.37 -20.66 -32.27
N SER D 12 -22.12 -19.78 -32.96
CA SER D 12 -22.56 -19.93 -34.39
C SER D 12 -21.44 -20.59 -35.22
N GLY D 13 -20.23 -20.04 -35.07
CA GLY D 13 -18.95 -20.41 -35.71
C GLY D 13 -18.74 -19.23 -36.67
N THR D 14 -19.96 -18.72 -36.89
CA THR D 14 -20.42 -17.78 -37.93
C THR D 14 -19.42 -17.42 -38.98
N ARG D 15 -18.59 -16.52 -38.55
CA ARG D 15 -17.68 -15.87 -39.33
C ARG D 15 -16.63 -16.71 -39.91
N LEU D 16 -15.76 -17.16 -39.00
CA LEU D 16 -14.45 -17.73 -39.28
C LEU D 16 -14.42 -18.82 -40.25
N HIS D 17 -15.56 -19.23 -40.72
CA HIS D 17 -15.66 -19.67 -42.08
C HIS D 17 -14.58 -19.17 -43.04
N PRO D 18 -14.04 -20.15 -43.76
CA PRO D 18 -14.34 -21.58 -43.56
C PRO D 18 -13.45 -22.33 -42.57
N ALA D 19 -12.66 -21.59 -41.85
CA ALA D 19 -11.73 -22.15 -40.88
C ALA D 19 -12.44 -23.02 -39.82
N THR D 20 -13.57 -22.55 -39.39
CA THR D 20 -14.41 -23.21 -38.40
C THR D 20 -15.55 -24.07 -39.01
N LEU D 21 -15.47 -24.53 -40.25
CA LEU D 21 -16.48 -25.50 -40.72
C LEU D 21 -16.08 -26.82 -40.15
N ALA D 22 -14.81 -27.07 -40.19
CA ALA D 22 -14.35 -28.38 -39.71
C ALA D 22 -14.35 -28.51 -38.16
N ILE D 23 -14.11 -27.39 -37.47
CA ILE D 23 -14.26 -27.49 -36.01
C ILE D 23 -14.52 -26.17 -35.26
N SER D 24 -14.96 -26.31 -34.03
CA SER D 24 -15.24 -25.12 -33.27
C SER D 24 -14.01 -24.28 -32.97
N LYS D 25 -14.29 -22.99 -32.99
CA LYS D 25 -13.33 -21.94 -32.62
C LYS D 25 -12.60 -22.20 -31.34
N GLN D 26 -13.26 -22.77 -30.33
CA GLN D 26 -12.59 -23.03 -29.08
C GLN D 26 -11.62 -24.23 -29.05
N LEU D 27 -11.57 -25.00 -30.10
CA LEU D 27 -10.53 -26.00 -30.25
C LEU D 27 -9.34 -25.56 -31.11
N LEU D 28 -9.41 -24.40 -31.74
CA LEU D 28 -8.27 -23.89 -32.50
C LEU D 28 -7.10 -23.50 -31.62
N PRO D 29 -5.92 -23.64 -32.06
CA PRO D 29 -4.80 -23.29 -31.20
C PRO D 29 -4.62 -21.78 -31.08
N VAL D 30 -4.19 -21.37 -29.91
CA VAL D 30 -3.71 -20.00 -29.75
C VAL D 30 -2.21 -20.24 -29.46
N TYR D 31 -1.43 -20.15 -30.54
CA TYR D 31 -0.03 -20.47 -30.58
C TYR D 31 0.27 -21.95 -30.38
N ASP D 32 0.30 -22.39 -29.15
CA ASP D 32 0.81 -23.71 -28.87
C ASP D 32 -0.16 -24.66 -28.16
N LYS D 33 -1.37 -24.20 -27.81
CA LYS D 33 -2.34 -25.04 -27.07
C LYS D 33 -3.78 -24.60 -27.46
N PRO D 34 -4.73 -25.46 -27.27
CA PRO D 34 -6.09 -25.15 -27.67
C PRO D 34 -6.66 -23.91 -26.91
N MET D 35 -7.44 -23.10 -27.65
N MET D 35 -7.43 -23.11 -27.64
CA MET D 35 -8.00 -21.89 -27.11
CA MET D 35 -8.02 -21.90 -27.10
C MET D 35 -8.68 -22.11 -25.73
C MET D 35 -8.69 -22.11 -25.73
N ILE D 36 -9.37 -23.24 -25.56
CA ILE D 36 -10.14 -23.47 -24.32
C ILE D 36 -9.28 -23.54 -23.10
N TYR D 37 -8.02 -23.89 -23.28
CA TYR D 37 -7.08 -23.87 -22.18
C TYR D 37 -7.00 -22.52 -21.49
N TYR D 38 -7.21 -21.48 -22.25
CA TYR D 38 -7.05 -20.09 -21.76
C TYR D 38 -8.17 -19.71 -20.75
N PRO D 39 -9.45 -19.76 -21.13
CA PRO D 39 -10.48 -19.54 -20.11
C PRO D 39 -10.57 -20.58 -19.01
N LEU D 40 -10.21 -21.79 -19.35
CA LEU D 40 -10.15 -22.84 -18.36
C LEU D 40 -9.15 -22.38 -17.27
N SER D 41 -7.93 -21.97 -17.67
CA SER D 41 -6.91 -21.52 -16.73
C SER D 41 -7.34 -20.28 -15.85
N THR D 42 -8.17 -19.41 -16.44
CA THR D 42 -8.66 -18.21 -15.75
C THR D 42 -9.54 -18.68 -14.58
N LEU D 43 -10.44 -19.61 -14.84
CA LEU D 43 -11.26 -20.13 -13.75
C LEU D 43 -10.35 -20.85 -12.71
N MET D 44 -9.45 -21.67 -13.18
CA MET D 44 -8.53 -22.30 -12.26
C MET D 44 -7.80 -21.25 -11.40
N LEU D 45 -7.30 -20.17 -12.00
CA LEU D 45 -6.53 -19.15 -11.28
C LEU D 45 -7.41 -18.47 -10.25
N ALA D 46 -8.71 -18.33 -10.55
CA ALA D 46 -9.71 -17.89 -9.62
C ALA D 46 -10.01 -18.88 -8.46
N GLY D 47 -9.35 -20.04 -8.39
CA GLY D 47 -9.61 -21.00 -7.31
C GLY D 47 -10.81 -21.92 -7.59
N ILE D 48 -11.32 -21.98 -8.85
CA ILE D 48 -12.48 -22.79 -9.24
C ILE D 48 -12.12 -24.10 -9.91
N ARG D 49 -12.56 -25.19 -9.27
CA ARG D 49 -12.20 -26.52 -9.65
C ARG D 49 -13.33 -27.34 -10.26
N GLU D 50 -14.57 -26.93 -9.98
CA GLU D 50 -15.75 -27.57 -10.45
C GLU D 50 -16.29 -26.66 -11.55
N ILE D 51 -16.25 -27.18 -12.78
CA ILE D 51 -16.57 -26.46 -13.96
C ILE D 51 -17.38 -27.19 -14.93
N LEU D 52 -18.37 -26.48 -15.46
CA LEU D 52 -19.16 -26.90 -16.56
C LEU D 52 -18.82 -26.31 -17.93
N ILE D 53 -18.54 -27.16 -18.89
CA ILE D 53 -18.23 -26.74 -20.24
C ILE D 53 -19.43 -26.93 -21.15
N ILE D 54 -19.89 -25.83 -21.69
CA ILE D 54 -21.03 -25.84 -22.60
C ILE D 54 -20.62 -25.60 -24.02
N SER D 55 -21.11 -26.46 -24.88
CA SER D 55 -20.90 -26.34 -26.33
C SER D 55 -22.03 -26.83 -27.20
N THR D 56 -21.75 -27.00 -28.48
CA THR D 56 -22.74 -27.40 -29.41
C THR D 56 -22.81 -28.89 -29.38
N PRO D 57 -23.85 -29.39 -30.00
CA PRO D 57 -24.05 -30.82 -30.09
C PRO D 57 -22.89 -31.48 -30.71
N GLN D 58 -22.34 -30.87 -31.74
CA GLN D 58 -21.28 -31.50 -32.43
C GLN D 58 -19.96 -31.34 -31.75
N ASP D 59 -19.73 -30.26 -31.02
CA ASP D 59 -18.44 -30.00 -30.41
C ASP D 59 -18.28 -30.44 -28.96
N THR D 60 -19.37 -30.44 -28.17
CA THR D 60 -19.28 -30.85 -26.74
C THR D 60 -18.49 -32.11 -26.59
N PRO D 61 -18.69 -33.12 -27.42
CA PRO D 61 -17.93 -34.36 -27.36
C PRO D 61 -16.47 -34.26 -27.54
N ARG D 62 -16.06 -33.40 -28.48
CA ARG D 62 -14.68 -33.09 -28.78
C ARG D 62 -14.00 -32.49 -27.57
N PHE D 63 -14.69 -31.60 -26.89
CA PHE D 63 -14.15 -31.07 -25.63
C PHE D 63 -13.97 -32.15 -24.60
N GLN D 64 -14.93 -33.07 -24.53
CA GLN D 64 -14.84 -34.16 -23.58
C GLN D 64 -13.71 -35.09 -23.84
N GLN D 65 -13.43 -35.35 -25.11
CA GLN D 65 -12.29 -36.19 -25.44
C GLN D 65 -10.93 -35.54 -25.17
N LEU D 66 -10.83 -34.22 -25.38
CA LEU D 66 -9.63 -33.47 -25.13
C LEU D 66 -9.35 -33.39 -23.60
N LEU D 67 -10.38 -33.14 -22.79
CA LEU D 67 -10.16 -32.82 -21.38
C LEU D 67 -10.62 -33.84 -20.36
N GLY D 68 -11.47 -34.78 -20.80
CA GLY D 68 -12.05 -35.77 -19.90
C GLY D 68 -12.83 -35.25 -18.72
N ASP D 69 -12.65 -35.90 -17.57
CA ASP D 69 -13.39 -35.47 -16.41
C ASP D 69 -12.61 -34.53 -15.58
N GLY D 70 -11.37 -34.27 -15.93
CA GLY D 70 -10.68 -33.24 -15.20
C GLY D 70 -9.84 -33.80 -14.09
N SER D 71 -10.12 -35.05 -13.69
CA SER D 71 -9.53 -35.60 -12.52
C SER D 71 -8.00 -35.63 -12.64
N ASN D 72 -7.44 -35.81 -13.81
CA ASN D 72 -6.01 -35.83 -13.92
C ASN D 72 -5.34 -34.52 -13.65
N TRP D 73 -6.12 -33.45 -13.73
CA TRP D 73 -5.61 -32.14 -13.41
C TRP D 73 -6.19 -31.66 -12.12
N GLY D 74 -6.78 -32.57 -11.35
CA GLY D 74 -7.35 -32.09 -10.12
C GLY D 74 -8.71 -31.42 -10.25
N LEU D 75 -9.32 -31.51 -11.45
CA LEU D 75 -10.57 -30.78 -11.68
C LEU D 75 -11.78 -31.71 -11.60
N ASP D 76 -12.99 -31.15 -11.48
CA ASP D 76 -14.24 -31.87 -11.74
C ASP D 76 -14.87 -31.22 -12.96
N LEU D 77 -14.70 -31.75 -14.16
CA LEU D 77 -15.31 -31.10 -15.33
C LEU D 77 -16.61 -31.87 -15.75
N GLN D 78 -17.70 -31.12 -15.98
CA GLN D 78 -18.97 -31.60 -16.46
C GLN D 78 -19.25 -30.92 -17.85
N TYR D 79 -20.09 -31.51 -18.66
CA TYR D 79 -20.43 -31.04 -19.97
C TYR D 79 -21.90 -30.96 -20.21
N ALA D 80 -22.31 -30.01 -21.04
CA ALA D 80 -23.71 -29.89 -21.45
C ALA D 80 -23.75 -29.21 -22.78
N VAL D 81 -24.88 -29.39 -23.44
CA VAL D 81 -25.02 -29.02 -24.85
C VAL D 81 -25.92 -27.84 -24.96
N GLN D 82 -25.59 -26.92 -25.81
CA GLN D 82 -26.47 -25.83 -26.02
C GLN D 82 -26.96 -26.05 -27.45
N PRO D 83 -28.22 -26.32 -27.63
CA PRO D 83 -28.77 -26.64 -28.94
C PRO D 83 -28.63 -25.60 -30.00
N SER D 84 -28.70 -24.33 -29.66
CA SER D 84 -28.61 -23.28 -30.64
C SER D 84 -27.99 -22.09 -29.87
N PRO D 85 -27.19 -21.27 -30.54
CA PRO D 85 -26.48 -20.16 -29.88
C PRO D 85 -27.41 -18.99 -29.66
N ASP D 86 -28.23 -19.20 -28.68
CA ASP D 86 -29.35 -18.32 -28.44
C ASP D 86 -29.16 -17.24 -27.38
N GLY D 87 -27.94 -17.13 -26.94
CA GLY D 87 -27.57 -16.02 -26.02
C GLY D 87 -26.68 -16.44 -24.89
N LEU D 88 -25.88 -15.51 -24.36
CA LEU D 88 -24.93 -15.92 -23.35
C LEU D 88 -25.69 -16.24 -22.08
N ALA D 89 -26.84 -15.63 -21.85
CA ALA D 89 -27.50 -15.90 -20.59
C ALA D 89 -28.12 -17.30 -20.53
N GLN D 90 -28.18 -17.95 -21.67
CA GLN D 90 -28.66 -19.33 -21.62
C GLN D 90 -27.74 -20.23 -20.85
N ALA D 91 -26.55 -19.81 -20.61
CA ALA D 91 -25.64 -20.67 -19.90
C ALA D 91 -26.21 -20.98 -18.49
N PHE D 92 -26.97 -20.02 -17.97
CA PHE D 92 -27.49 -20.09 -16.60
C PHE D 92 -28.77 -20.98 -16.65
N LEU D 93 -29.44 -21.06 -17.77
CA LEU D 93 -30.51 -22.03 -17.87
C LEU D 93 -29.95 -23.42 -17.99
N ILE D 94 -29.13 -23.64 -19.02
CA ILE D 94 -28.56 -24.95 -19.28
C ILE D 94 -27.81 -25.37 -18.07
N GLY D 95 -27.24 -24.38 -17.37
CA GLY D 95 -26.41 -24.73 -16.22
C GLY D 95 -27.04 -24.73 -14.89
N GLU D 96 -28.35 -24.55 -14.87
CA GLU D 96 -29.09 -24.41 -13.64
C GLU D 96 -28.89 -25.55 -12.64
N SER D 97 -29.04 -26.79 -13.06
CA SER D 97 -28.93 -27.81 -12.08
C SER D 97 -27.50 -27.92 -11.59
N PHE D 98 -26.54 -27.65 -12.44
CA PHE D 98 -25.12 -27.80 -12.05
C PHE D 98 -24.77 -26.80 -10.97
N ILE D 99 -25.30 -25.59 -11.11
CA ILE D 99 -25.04 -24.52 -10.18
C ILE D 99 -25.69 -24.74 -8.79
N GLY D 100 -26.91 -25.27 -8.80
CA GLY D 100 -27.67 -25.43 -7.57
C GLY D 100 -27.87 -24.15 -6.80
N ASN D 101 -27.52 -24.16 -5.52
CA ASN D 101 -27.63 -22.96 -4.74
C ASN D 101 -26.22 -22.33 -4.57
N ASP D 102 -25.29 -22.57 -5.47
CA ASP D 102 -23.94 -22.02 -5.23
C ASP D 102 -23.75 -20.68 -5.93
N LEU D 103 -22.67 -20.07 -5.52
CA LEU D 103 -22.10 -18.90 -6.20
C LEU D 103 -21.52 -19.40 -7.52
N SER D 104 -21.43 -18.50 -8.50
CA SER D 104 -20.90 -18.91 -9.80
C SER D 104 -20.03 -17.88 -10.54
N ALA D 105 -19.37 -18.37 -11.60
CA ALA D 105 -18.51 -17.58 -12.46
C ALA D 105 -18.68 -18.10 -13.90
N LEU D 106 -18.84 -17.16 -14.85
CA LEU D 106 -18.88 -17.48 -16.24
C LEU D 106 -17.75 -16.87 -16.98
N VAL D 107 -17.11 -17.68 -17.86
CA VAL D 107 -16.12 -17.09 -18.77
C VAL D 107 -16.42 -17.50 -20.22
N LEU D 108 -16.18 -16.64 -21.19
CA LEU D 108 -16.48 -16.87 -22.60
C LEU D 108 -15.28 -17.66 -23.17
N GLY D 109 -15.54 -18.67 -23.97
CA GLY D 109 -14.54 -19.58 -24.49
C GLY D 109 -13.46 -18.96 -25.40
N ASP D 110 -13.72 -17.81 -25.99
CA ASP D 110 -12.83 -17.15 -26.85
C ASP D 110 -12.19 -15.88 -26.24
N ASN D 111 -12.25 -15.75 -24.91
CA ASN D 111 -11.64 -14.65 -24.17
C ASN D 111 -10.29 -15.12 -23.56
N LEU D 112 -9.26 -14.34 -23.72
CA LEU D 112 -7.94 -14.63 -23.16
C LEU D 112 -7.52 -13.45 -22.31
N TYR D 113 -7.19 -13.68 -21.06
CA TYR D 113 -6.68 -12.60 -20.22
C TYR D 113 -5.21 -12.87 -19.82
N TYR D 114 -4.43 -11.82 -19.58
CA TYR D 114 -3.10 -11.96 -19.04
C TYR D 114 -2.65 -10.72 -18.33
N GLY D 115 -2.00 -10.90 -17.19
CA GLY D 115 -1.40 -9.75 -16.59
C GLY D 115 -0.95 -10.00 -15.16
N HIS D 116 -0.08 -9.13 -14.63
CA HIS D 116 0.50 -9.19 -13.33
C HIS D 116 -0.59 -9.02 -12.27
N ASP D 117 -0.55 -9.92 -11.27
CA ASP D 117 -1.54 -9.94 -10.22
C ASP D 117 -2.96 -10.26 -10.66
N PHE D 118 -3.14 -10.93 -11.78
CA PHE D 118 -4.48 -11.34 -12.25
C PHE D 118 -5.18 -12.19 -11.17
N HIS D 119 -4.39 -12.96 -10.51
CA HIS D 119 -4.87 -13.78 -9.46
C HIS D 119 -5.51 -13.03 -8.29
N GLU D 120 -4.94 -11.88 -7.94
CA GLU D 120 -5.46 -11.01 -6.93
C GLU D 120 -6.69 -10.30 -7.48
N LEU D 121 -6.66 -9.95 -8.76
CA LEU D 121 -7.87 -9.31 -9.35
C LEU D 121 -9.06 -10.26 -9.23
N LEU D 122 -8.87 -11.50 -9.65
CA LEU D 122 -9.89 -12.53 -9.61
C LEU D 122 -10.38 -12.83 -8.22
N GLY D 123 -9.44 -12.93 -7.29
CA GLY D 123 -9.78 -13.16 -5.90
C GLY D 123 -10.69 -12.11 -5.33
N SER D 124 -10.38 -10.87 -5.64
CA SER D 124 -11.19 -9.77 -5.09
C SER D 124 -12.63 -10.07 -5.49
N ALA D 125 -12.93 -10.21 -6.80
CA ALA D 125 -14.29 -10.51 -7.19
C ALA D 125 -14.86 -11.79 -6.60
N SER D 126 -14.09 -12.85 -6.58
CA SER D 126 -14.62 -14.10 -6.05
C SER D 126 -15.03 -14.03 -4.55
N GLN D 127 -14.41 -13.15 -3.84
CA GLN D 127 -14.66 -13.12 -2.41
C GLN D 127 -15.93 -12.27 -2.12
N ARG D 128 -16.48 -11.58 -3.08
CA ARG D 128 -17.71 -10.91 -2.79
C ARG D 128 -18.86 -11.89 -2.98
N GLN D 129 -19.44 -12.35 -1.86
CA GLN D 129 -20.52 -13.31 -1.86
C GLN D 129 -21.96 -12.74 -2.19
N THR D 130 -22.16 -11.44 -2.17
CA THR D 130 -23.46 -10.86 -2.59
C THR D 130 -23.43 -9.98 -3.87
N GLY D 131 -24.37 -10.22 -4.78
CA GLY D 131 -24.48 -9.48 -6.02
C GLY D 131 -23.62 -10.03 -7.12
N ALA D 132 -23.23 -9.16 -8.03
CA ALA D 132 -22.39 -9.55 -9.14
C ALA D 132 -21.08 -8.68 -9.32
N SER D 133 -20.05 -9.26 -9.98
CA SER D 133 -18.85 -8.51 -10.40
C SER D 133 -18.44 -8.77 -11.82
N VAL D 134 -18.07 -7.66 -12.49
CA VAL D 134 -17.59 -7.69 -13.81
C VAL D 134 -16.42 -6.74 -13.97
N PHE D 135 -15.75 -6.84 -15.09
CA PHE D 135 -14.60 -6.04 -15.37
C PHE D 135 -14.79 -5.19 -16.62
N ALA D 136 -14.31 -3.97 -16.49
CA ALA D 136 -14.23 -2.93 -17.54
C ALA D 136 -12.83 -2.71 -18.04
N TYR D 137 -12.66 -2.83 -19.36
CA TYR D 137 -11.39 -2.65 -20.08
C TYR D 137 -11.50 -1.68 -21.28
N HIS D 138 -10.66 -0.70 -21.34
CA HIS D 138 -10.63 0.29 -22.43
C HIS D 138 -10.27 -0.37 -23.74
N VAL D 139 -11.12 -0.17 -24.73
CA VAL D 139 -10.94 -0.73 -26.06
C VAL D 139 -11.10 0.33 -27.17
N LEU D 140 -10.56 0.01 -28.31
CA LEU D 140 -10.67 0.85 -29.49
C LEU D 140 -12.05 0.83 -30.08
N ASP D 141 -12.69 -0.33 -30.17
CA ASP D 141 -14.03 -0.38 -30.89
C ASP D 141 -15.16 -0.88 -29.86
N PRO D 142 -15.55 -0.05 -28.92
CA PRO D 142 -16.51 -0.45 -27.87
C PRO D 142 -17.85 -0.92 -28.43
N GLU D 143 -18.17 -0.50 -29.65
CA GLU D 143 -19.42 -0.83 -30.37
C GLU D 143 -19.61 -2.29 -30.58
N ARG D 144 -18.54 -3.08 -30.46
CA ARG D 144 -18.64 -4.52 -30.52
C ARG D 144 -19.02 -5.27 -29.27
N TYR D 145 -19.09 -4.57 -28.16
CA TYR D 145 -19.20 -5.23 -26.88
C TYR D 145 -20.31 -4.70 -26.03
N GLY D 146 -20.52 -5.32 -24.88
CA GLY D 146 -21.29 -4.65 -23.83
C GLY D 146 -20.52 -3.40 -23.36
N VAL D 147 -21.14 -2.22 -23.30
CA VAL D 147 -20.42 -1.03 -22.94
C VAL D 147 -20.94 -0.48 -21.62
N VAL D 148 -20.00 -0.12 -20.80
CA VAL D 148 -20.25 0.43 -19.46
C VAL D 148 -19.85 1.91 -19.35
N GLU D 149 -20.78 2.68 -18.88
CA GLU D 149 -20.62 4.16 -18.74
C GLU D 149 -20.46 4.48 -17.27
N PHE D 150 -19.63 5.48 -16.98
CA PHE D 150 -19.26 5.84 -15.66
C PHE D 150 -19.57 7.28 -15.53
N ASP D 151 -19.83 7.69 -14.28
CA ASP D 151 -20.06 9.09 -13.97
C ASP D 151 -18.71 9.83 -13.69
N GLN D 152 -18.77 11.15 -13.45
CA GLN D 152 -17.57 11.93 -13.21
C GLN D 152 -16.82 11.36 -12.06
N GLY D 153 -17.49 10.69 -11.16
CA GLY D 153 -16.77 10.15 -10.04
C GLY D 153 -16.28 8.74 -10.18
N GLY D 154 -16.39 8.16 -11.34
CA GLY D 154 -15.90 6.77 -11.52
C GLY D 154 -16.89 5.63 -11.19
N LYS D 155 -18.16 5.95 -10.94
CA LYS D 155 -19.14 4.88 -10.65
C LYS D 155 -19.83 4.43 -11.91
N ALA D 156 -20.10 3.14 -12.05
CA ALA D 156 -20.78 2.64 -13.21
C ALA D 156 -22.22 3.10 -13.21
N ILE D 157 -22.77 3.55 -14.35
CA ILE D 157 -24.15 4.05 -14.29
C ILE D 157 -25.10 3.52 -15.35
N SER D 158 -24.52 2.94 -16.40
CA SER D 158 -25.32 2.25 -17.37
C SER D 158 -24.57 1.22 -18.21
N LEU D 159 -25.33 0.29 -18.76
CA LEU D 159 -24.77 -0.72 -19.66
C LEU D 159 -25.60 -0.70 -20.93
N GLU D 160 -24.97 -0.94 -22.06
N GLU D 160 -24.95 -0.93 -22.07
CA GLU D 160 -25.59 -0.99 -23.37
CA GLU D 160 -25.60 -0.99 -23.36
C GLU D 160 -24.89 -2.04 -24.19
C GLU D 160 -24.89 -2.04 -24.19
N GLU D 161 -25.64 -3.00 -24.72
CA GLU D 161 -25.04 -4.08 -25.55
C GLU D 161 -24.89 -3.62 -27.01
N LYS D 162 -23.70 -3.56 -27.54
CA LYS D 162 -23.46 -3.13 -28.89
C LYS D 162 -24.14 -1.87 -29.29
N PRO D 163 -23.94 -0.78 -28.53
CA PRO D 163 -24.54 0.49 -28.85
C PRO D 163 -23.96 1.16 -30.11
N LEU D 164 -24.87 1.76 -30.86
CA LEU D 164 -24.55 2.51 -32.04
C LEU D 164 -23.72 3.69 -31.74
N GLU D 165 -24.05 4.39 -30.69
CA GLU D 165 -23.28 5.53 -30.23
C GLU D 165 -22.82 5.19 -28.78
N PRO D 166 -21.67 4.58 -28.65
CA PRO D 166 -21.24 4.17 -27.30
C PRO D 166 -20.99 5.37 -26.43
N LYS D 167 -21.25 5.27 -25.12
CA LYS D 167 -21.13 6.36 -24.20
C LYS D 167 -19.78 6.35 -23.54
N SER D 168 -18.98 5.31 -23.82
CA SER D 168 -17.65 5.33 -23.37
C SER D 168 -16.87 4.38 -24.21
N ASN D 169 -15.60 4.30 -23.91
CA ASN D 169 -14.78 3.33 -24.52
C ASN D 169 -14.53 2.07 -23.62
N TYR D 170 -15.35 1.83 -22.63
CA TYR D 170 -15.07 0.70 -21.71
C TYR D 170 -16.05 -0.43 -22.01
N ALA D 171 -15.49 -1.57 -22.48
CA ALA D 171 -16.20 -2.76 -22.67
C ALA D 171 -16.23 -3.59 -21.43
N VAL D 172 -17.33 -4.33 -21.29
CA VAL D 172 -17.42 -5.32 -20.21
C VAL D 172 -16.87 -6.58 -20.73
N THR D 173 -15.84 -7.11 -20.12
CA THR D 173 -15.19 -8.33 -20.58
C THR D 173 -16.01 -9.61 -20.38
N GLY D 174 -15.57 -10.72 -20.99
CA GLY D 174 -16.27 -12.00 -20.91
C GLY D 174 -15.91 -12.85 -19.71
N LEU D 175 -16.01 -12.25 -18.53
CA LEU D 175 -15.69 -12.85 -17.28
C LEU D 175 -16.65 -12.26 -16.27
N TYR D 176 -17.43 -13.10 -15.64
CA TYR D 176 -18.51 -12.61 -14.80
C TYR D 176 -18.67 -13.45 -13.52
N PHE D 177 -18.77 -12.80 -12.36
CA PHE D 177 -18.98 -13.47 -11.11
C PHE D 177 -20.45 -13.16 -10.62
N TYR D 178 -21.18 -14.19 -10.19
CA TYR D 178 -22.55 -14.07 -9.74
C TYR D 178 -22.88 -14.77 -8.47
N ASP D 179 -23.84 -14.19 -7.74
CA ASP D 179 -24.35 -14.82 -6.56
C ASP D 179 -25.49 -15.70 -6.98
N GLN D 180 -26.33 -16.08 -6.04
CA GLN D 180 -27.41 -17.03 -6.30
C GLN D 180 -28.58 -16.51 -7.08
N GLN D 181 -28.67 -15.22 -7.20
CA GLN D 181 -29.79 -14.61 -7.93
C GLN D 181 -29.79 -14.84 -9.43
N VAL D 182 -28.65 -15.24 -9.96
CA VAL D 182 -28.51 -15.20 -11.42
C VAL D 182 -29.41 -16.10 -12.19
N VAL D 183 -29.58 -17.31 -11.69
CA VAL D 183 -30.46 -18.24 -12.39
C VAL D 183 -31.86 -17.65 -12.57
N ASP D 184 -32.46 -17.08 -11.58
CA ASP D 184 -33.81 -16.60 -11.74
C ASP D 184 -33.90 -15.38 -12.59
N ILE D 185 -32.84 -14.56 -12.51
CA ILE D 185 -32.79 -13.38 -13.31
C ILE D 185 -32.77 -13.92 -14.73
N ALA D 186 -31.90 -14.87 -15.02
CA ALA D 186 -31.87 -15.31 -16.38
C ALA D 186 -33.18 -15.93 -16.78
N ARG D 187 -33.84 -16.59 -15.85
CA ARG D 187 -35.08 -17.26 -16.23
C ARG D 187 -36.17 -16.30 -16.71
N ASP D 188 -36.19 -15.13 -16.11
CA ASP D 188 -37.16 -14.12 -16.41
C ASP D 188 -36.83 -13.32 -17.66
N LEU D 189 -35.70 -13.56 -18.29
CA LEU D 189 -35.38 -12.77 -19.50
C LEU D 189 -36.13 -13.13 -20.76
N LYS D 190 -36.33 -12.12 -21.58
CA LYS D 190 -36.90 -12.30 -22.88
C LYS D 190 -35.78 -11.96 -23.82
N PRO D 191 -35.78 -12.55 -25.00
CA PRO D 191 -34.70 -12.29 -25.92
C PRO D 191 -34.81 -10.90 -26.39
N SER D 192 -33.64 -10.39 -26.75
CA SER D 192 -33.45 -9.06 -27.22
C SER D 192 -33.81 -8.95 -28.66
N PRO D 193 -33.89 -7.70 -29.12
CA PRO D 193 -34.16 -7.43 -30.52
C PRO D 193 -33.07 -8.04 -31.45
N ARG D 194 -32.05 -8.71 -30.95
CA ARG D 194 -31.09 -9.39 -31.82
C ARG D 194 -31.49 -10.83 -31.90
N GLY D 195 -32.34 -11.29 -30.98
CA GLY D 195 -32.71 -12.69 -30.91
C GLY D 195 -31.96 -13.43 -29.78
N GLU D 196 -31.30 -12.68 -28.90
CA GLU D 196 -30.51 -13.34 -27.85
C GLU D 196 -30.94 -13.02 -26.44
N LEU D 197 -30.73 -14.00 -25.57
CA LEU D 197 -30.88 -13.82 -24.15
C LEU D 197 -29.50 -13.28 -23.73
N GLU D 198 -29.48 -12.00 -23.41
CA GLU D 198 -28.23 -11.24 -23.28
C GLU D 198 -27.63 -11.19 -21.90
N ILE D 199 -26.33 -11.39 -21.78
CA ILE D 199 -25.71 -11.30 -20.49
C ILE D 199 -25.76 -9.86 -19.95
N THR D 200 -25.79 -8.94 -20.87
CA THR D 200 -25.90 -7.52 -20.59
C THR D 200 -27.19 -7.19 -19.84
N ASP D 201 -28.25 -7.91 -20.11
CA ASP D 201 -29.51 -7.75 -19.40
C ASP D 201 -29.42 -8.34 -18.01
N VAL D 202 -28.73 -9.51 -17.88
CA VAL D 202 -28.44 -10.06 -16.57
C VAL D 202 -27.67 -9.07 -15.75
N ASN D 203 -26.59 -8.57 -16.33
CA ASN D 203 -25.80 -7.51 -15.67
C ASN D 203 -26.59 -6.25 -15.28
N ARG D 204 -27.47 -5.85 -16.14
CA ARG D 204 -28.26 -4.67 -15.89
C ARG D 204 -29.17 -4.90 -14.72
N ALA D 205 -29.69 -6.11 -14.62
CA ALA D 205 -30.58 -6.43 -13.55
C ALA D 205 -29.89 -6.22 -12.24
N TYR D 206 -28.60 -6.57 -12.12
CA TYR D 206 -27.94 -6.41 -10.84
C TYR D 206 -27.66 -4.94 -10.64
N LEU D 207 -27.31 -4.27 -11.72
CA LEU D 207 -27.05 -2.81 -11.62
C LEU D 207 -28.23 -1.99 -11.12
N GLU D 208 -29.43 -2.38 -11.58
CA GLU D 208 -30.63 -1.68 -11.17
C GLU D 208 -31.08 -1.94 -9.72
N ARG D 209 -30.36 -2.85 -9.04
CA ARG D 209 -30.58 -3.13 -7.67
C ARG D 209 -29.42 -2.61 -6.88
N GLY D 210 -28.48 -1.94 -7.52
CA GLY D 210 -27.35 -1.42 -6.81
C GLY D 210 -26.38 -2.50 -6.33
N GLN D 211 -26.42 -3.64 -7.01
CA GLN D 211 -25.62 -4.81 -6.65
C GLN D 211 -24.63 -5.33 -7.77
N LEU D 212 -24.23 -4.45 -8.65
CA LEU D 212 -23.24 -4.75 -9.68
C LEU D 212 -21.97 -4.03 -9.34
N SER D 213 -20.95 -4.79 -9.12
CA SER D 213 -19.62 -4.25 -8.94
C SER D 213 -18.79 -4.26 -10.26
N VAL D 214 -18.42 -3.12 -10.77
CA VAL D 214 -17.67 -3.05 -11.97
C VAL D 214 -16.28 -2.60 -11.59
N GLU D 215 -15.34 -3.48 -11.71
CA GLU D 215 -13.94 -3.19 -11.50
C GLU D 215 -13.23 -2.89 -12.83
N ILE D 216 -12.37 -1.92 -12.78
CA ILE D 216 -11.52 -1.62 -13.89
C ILE D 216 -10.46 -2.67 -14.05
N MET D 217 -10.32 -3.19 -15.25
CA MET D 217 -9.20 -4.05 -15.62
C MET D 217 -8.33 -3.01 -16.40
N GLY D 218 -7.23 -2.57 -15.76
CA GLY D 218 -6.25 -1.65 -16.24
C GLY D 218 -5.50 -2.02 -17.53
N ARG D 219 -4.96 -1.00 -18.11
CA ARG D 219 -4.28 -1.06 -19.44
C ARG D 219 -3.06 -1.93 -19.35
N GLY D 220 -2.58 -2.20 -18.14
CA GLY D 220 -1.45 -3.11 -17.93
C GLY D 220 -1.82 -4.62 -18.15
N TYR D 221 -3.11 -4.92 -18.20
CA TYR D 221 -3.59 -6.24 -18.57
C TYR D 221 -3.86 -6.29 -20.03
N ALA D 222 -3.70 -7.49 -20.57
CA ALA D 222 -4.16 -7.81 -21.86
C ALA D 222 -5.45 -8.56 -21.72
N TRP D 223 -6.44 -8.13 -22.49
CA TRP D 223 -7.70 -8.81 -22.68
C TRP D 223 -7.93 -8.88 -24.20
N LEU D 224 -7.79 -10.10 -24.71
CA LEU D 224 -7.97 -10.34 -26.16
C LEU D 224 -9.12 -11.28 -26.47
N ASP D 225 -9.74 -11.08 -27.65
CA ASP D 225 -10.90 -11.85 -28.10
C ASP D 225 -10.42 -12.59 -29.38
N THR D 226 -10.52 -13.91 -29.44
CA THR D 226 -10.10 -14.58 -30.61
C THR D 226 -11.16 -14.67 -31.66
N GLY D 227 -12.07 -13.73 -31.76
CA GLY D 227 -13.19 -13.94 -32.67
C GLY D 227 -13.02 -13.57 -34.14
N THR D 228 -11.92 -12.98 -34.54
CA THR D 228 -11.69 -12.77 -35.92
C THR D 228 -10.40 -13.44 -36.37
N HIS D 229 -10.25 -13.56 -37.64
CA HIS D 229 -8.96 -14.13 -38.19
C HIS D 229 -7.81 -13.36 -37.69
N ASP D 230 -7.90 -12.03 -37.78
CA ASP D 230 -6.81 -11.14 -37.42
C ASP D 230 -6.57 -11.20 -35.92
N SER D 231 -7.62 -11.23 -35.13
CA SER D 231 -7.44 -11.24 -33.69
C SER D 231 -6.86 -12.56 -33.11
N LEU D 232 -7.20 -13.66 -33.74
CA LEU D 232 -6.69 -14.95 -33.37
C LEU D 232 -5.19 -14.97 -33.66
N LEU D 233 -4.79 -14.48 -34.83
N LEU D 233 -4.78 -14.48 -34.83
CA LEU D 233 -3.38 -14.41 -35.12
CA LEU D 233 -3.36 -14.42 -35.15
C LEU D 233 -2.62 -13.51 -34.17
C LEU D 233 -2.60 -13.51 -34.18
N GLU D 234 -3.15 -12.34 -33.94
CA GLU D 234 -2.54 -11.44 -32.95
C GLU D 234 -2.36 -12.11 -31.56
N ALA D 235 -3.37 -12.82 -31.06
CA ALA D 235 -3.28 -13.40 -29.76
C ALA D 235 -2.18 -14.48 -29.79
N GLY D 236 -2.08 -15.22 -30.90
CA GLY D 236 -1.04 -16.21 -31.04
C GLY D 236 0.36 -15.66 -30.92
N GLN D 237 0.58 -14.52 -31.56
N GLN D 237 0.59 -14.51 -31.57
CA GLN D 237 1.86 -13.87 -31.57
CA GLN D 237 1.88 -13.83 -31.55
C GLN D 237 2.19 -13.31 -30.12
C GLN D 237 2.19 -13.32 -30.12
N PHE D 238 1.14 -12.84 -29.45
CA PHE D 238 1.24 -12.33 -28.16
C PHE D 238 1.71 -13.38 -27.22
N ILE D 239 1.09 -14.53 -27.27
CA ILE D 239 1.54 -15.65 -26.42
C ILE D 239 2.90 -16.12 -26.72
N ALA D 240 3.19 -16.25 -28.00
CA ALA D 240 4.50 -16.67 -28.39
C ALA D 240 5.54 -15.79 -27.95
N THR D 241 5.36 -14.50 -28.04
CA THR D 241 6.39 -13.57 -27.60
C THR D 241 6.70 -13.71 -26.10
N LEU D 242 5.67 -13.74 -25.30
CA LEU D 242 5.82 -14.00 -23.85
C LEU D 242 6.52 -15.35 -23.52
N GLU D 243 6.03 -16.41 -24.09
CA GLU D 243 6.58 -17.73 -23.76
C GLU D 243 8.07 -17.91 -24.15
N ASN D 244 8.46 -17.39 -25.32
CA ASN D 244 9.80 -17.45 -25.83
C ASN D 244 10.75 -16.49 -25.17
N ARG D 245 10.25 -15.39 -24.65
CA ARG D 245 11.13 -14.51 -23.91
C ARG D 245 11.39 -15.17 -22.50
N GLN D 246 10.31 -15.62 -21.89
CA GLN D 246 10.35 -16.08 -20.48
C GLN D 246 10.76 -17.52 -20.21
N GLY D 247 10.52 -18.41 -21.14
CA GLY D 247 10.67 -19.86 -20.84
C GLY D 247 9.63 -20.37 -19.83
N LEU D 248 8.51 -19.70 -19.71
CA LEU D 248 7.36 -20.07 -18.96
C LEU D 248 6.19 -20.07 -19.91
N LYS D 249 5.24 -21.00 -19.75
CA LYS D 249 4.04 -21.05 -20.60
C LYS D 249 2.86 -20.32 -19.94
N VAL D 250 1.97 -19.75 -20.77
CA VAL D 250 0.76 -19.17 -20.31
C VAL D 250 -0.40 -20.18 -20.45
N ALA D 251 -1.21 -20.29 -19.39
CA ALA D 251 -2.39 -21.13 -19.41
C ALA D 251 -2.11 -22.64 -19.61
N CYS D 252 -1.09 -23.13 -18.93
N CYS D 252 -1.07 -23.12 -18.94
CA CYS D 252 -0.79 -24.51 -18.85
CA CYS D 252 -0.80 -24.53 -18.83
C CYS D 252 -1.57 -25.03 -17.61
C CYS D 252 -1.57 -25.03 -17.60
N PRO D 253 -2.66 -25.74 -17.83
CA PRO D 253 -3.47 -26.20 -16.72
C PRO D 253 -2.73 -27.13 -15.79
N GLU D 254 -1.87 -27.98 -16.31
CA GLU D 254 -1.10 -28.88 -15.45
C GLU D 254 -0.25 -28.07 -14.43
N GLU D 255 0.28 -26.95 -14.88
CA GLU D 255 1.15 -26.15 -14.01
C GLU D 255 0.30 -25.52 -12.99
N ILE D 256 -0.80 -24.96 -13.42
CA ILE D 256 -1.61 -24.24 -12.49
C ILE D 256 -2.12 -25.17 -11.44
N ALA D 257 -2.56 -26.35 -11.83
CA ALA D 257 -3.01 -27.36 -10.89
C ALA D 257 -2.00 -27.73 -9.86
N TYR D 258 -0.78 -27.91 -10.30
CA TYR D 258 0.32 -28.24 -9.40
C TYR D 258 0.60 -27.08 -8.44
N ARG D 259 0.58 -25.83 -8.93
CA ARG D 259 0.86 -24.67 -8.13
C ARG D 259 -0.21 -24.42 -7.10
N GLN D 260 -1.45 -24.70 -7.45
CA GLN D 260 -2.51 -24.67 -6.50
C GLN D 260 -2.55 -25.93 -5.59
N LYS D 261 -1.69 -26.89 -5.78
CA LYS D 261 -1.77 -28.12 -4.96
C LYS D 261 -3.08 -29.02 -5.27
N TRP D 262 -3.61 -28.90 -6.47
CA TRP D 262 -4.68 -29.76 -6.82
C TRP D 262 -4.12 -31.07 -7.29
N ILE D 263 -2.88 -31.10 -7.72
CA ILE D 263 -2.21 -32.28 -8.03
C ILE D 263 -0.87 -32.17 -7.37
N ASP D 264 -0.25 -33.30 -7.12
CA ASP D 264 1.08 -33.32 -6.51
C ASP D 264 2.14 -33.62 -7.56
N ALA D 265 3.41 -33.64 -7.16
CA ALA D 265 4.52 -33.85 -8.09
C ALA D 265 4.48 -35.21 -8.76
N ALA D 266 4.11 -36.23 -8.04
CA ALA D 266 3.96 -37.56 -8.67
C ALA D 266 2.99 -37.50 -9.85
N GLN D 267 1.84 -36.91 -9.61
CA GLN D 267 0.85 -36.67 -10.66
C GLN D 267 1.40 -35.83 -11.80
N LEU D 268 2.14 -34.76 -11.50
CA LEU D 268 2.59 -33.89 -12.53
C LEU D 268 3.56 -34.69 -13.42
N GLU D 269 4.46 -35.44 -12.80
CA GLU D 269 5.37 -36.32 -13.57
C GLU D 269 4.62 -37.32 -14.45
N LYS D 270 3.55 -37.89 -13.94
CA LYS D 270 2.75 -38.81 -14.76
C LYS D 270 2.08 -38.09 -15.94
N LEU D 271 1.74 -36.84 -15.76
CA LEU D 271 1.20 -36.05 -16.89
C LEU D 271 2.30 -35.77 -17.91
N ALA D 272 3.52 -35.46 -17.45
CA ALA D 272 4.63 -35.10 -18.35
C ALA D 272 5.04 -36.23 -19.31
N ALA D 273 4.99 -37.47 -18.81
CA ALA D 273 5.42 -38.65 -19.61
C ALA D 273 4.97 -38.78 -21.08
N PRO D 274 3.68 -38.84 -21.35
CA PRO D 274 3.23 -38.95 -22.72
C PRO D 274 3.47 -37.71 -23.54
N LEU D 275 3.91 -36.61 -22.95
CA LEU D 275 4.18 -35.42 -23.74
C LEU D 275 5.68 -35.18 -23.83
N ALA D 276 6.40 -36.10 -23.21
CA ALA D 276 7.84 -35.95 -23.09
C ALA D 276 8.55 -35.80 -24.45
N LYS D 277 7.98 -36.29 -25.53
CA LYS D 277 8.71 -36.12 -26.81
C LYS D 277 8.56 -34.72 -27.43
N ASN D 278 8.00 -33.76 -26.68
CA ASN D 278 7.94 -32.42 -27.21
C ASN D 278 8.16 -31.40 -26.10
N GLY D 279 8.26 -30.18 -26.49
CA GLY D 279 8.58 -29.14 -25.56
C GLY D 279 7.65 -29.02 -24.38
N TYR D 280 6.37 -29.26 -24.66
CA TYR D 280 5.37 -29.14 -23.65
C TYR D 280 5.66 -30.05 -22.46
N GLY D 281 5.94 -31.30 -22.69
CA GLY D 281 6.23 -32.25 -21.64
C GLY D 281 7.54 -31.96 -21.01
N GLN D 282 8.45 -31.52 -21.82
CA GLN D 282 9.75 -31.19 -21.22
C GLN D 282 9.51 -30.06 -20.18
N TYR D 283 8.67 -29.09 -20.53
CA TYR D 283 8.31 -27.98 -19.58
C TYR D 283 7.71 -28.49 -18.25
N LEU D 284 6.74 -29.35 -18.37
CA LEU D 284 6.16 -29.90 -17.19
C LEU D 284 7.18 -30.55 -16.28
N LYS D 285 8.08 -31.34 -16.87
CA LYS D 285 9.10 -32.00 -16.08
C LYS D 285 9.98 -30.97 -15.41
N ARG D 286 10.38 -29.95 -16.17
CA ARG D 286 11.25 -28.93 -15.62
C ARG D 286 10.63 -28.28 -14.39
N LEU D 287 9.31 -28.12 -14.41
CA LEU D 287 8.62 -27.52 -13.29
C LEU D 287 8.77 -28.31 -11.99
N LEU D 288 9.15 -29.57 -12.06
CA LEU D 288 9.31 -30.29 -10.80
C LEU D 288 10.61 -29.91 -10.06
N THR D 289 11.63 -29.51 -10.81
CA THR D 289 12.93 -29.20 -10.23
C THR D 289 13.33 -27.70 -10.25
N GLU D 290 12.43 -26.83 -10.64
CA GLU D 290 12.76 -25.38 -10.65
C GLU D 290 11.81 -24.59 -9.71
N THR D 291 12.34 -23.71 -8.90
CA THR D 291 11.45 -22.73 -8.22
C THR D 291 11.13 -21.56 -9.20
N VAL D 292 9.86 -21.30 -9.44
CA VAL D 292 9.41 -20.17 -10.21
C VAL D 292 8.57 -19.20 -9.29
N TYR D 293 9.01 -17.95 -9.14
CA TYR D 293 8.36 -16.99 -8.23
C TYR D 293 7.18 -16.36 -8.93
N LYS E 2 36.24 9.61 22.11
CA LYS E 2 35.57 10.66 22.99
C LYS E 2 34.33 11.30 22.29
N ARG E 3 33.15 11.08 22.82
CA ARG E 3 31.93 11.70 22.36
C ARG E 3 31.46 12.85 23.20
N LYS E 4 31.22 13.96 22.54
CA LYS E 4 30.67 15.12 23.19
C LYS E 4 29.11 15.10 23.01
N GLY E 5 28.41 15.65 23.95
CA GLY E 5 26.96 15.70 23.87
C GLY E 5 26.43 17.10 23.70
N ILE E 6 25.30 17.19 23.02
CA ILE E 6 24.64 18.42 22.94
C ILE E 6 23.21 18.22 23.43
N ILE E 7 22.70 19.15 24.26
CA ILE E 7 21.22 19.26 24.54
C ILE E 7 20.60 20.44 23.85
N LEU E 8 19.65 20.25 22.96
CA LEU E 8 18.96 21.32 22.31
C LEU E 8 17.74 21.69 23.13
N ALA E 9 17.82 22.83 23.80
CA ALA E 9 16.78 23.18 24.75
C ALA E 9 16.24 24.61 24.56
N GLY E 10 16.09 24.95 23.36
CA GLY E 10 15.50 26.23 23.10
C GLY E 10 14.13 26.07 22.52
N GLY E 11 13.82 26.88 21.54
CA GLY E 11 12.64 26.60 20.76
C GLY E 11 11.58 27.63 20.77
N SER E 12 10.76 27.58 19.70
CA SER E 12 9.61 28.49 19.43
C SER E 12 8.99 29.20 20.62
N GLY E 13 8.50 28.40 21.59
CA GLY E 13 7.73 28.89 22.73
C GLY E 13 6.24 28.76 22.37
N THR E 14 5.75 29.71 21.52
CA THR E 14 4.32 29.92 21.07
C THR E 14 3.30 28.80 21.30
N ARG E 15 3.72 27.55 21.13
CA ARG E 15 2.79 26.44 21.37
C ARG E 15 2.18 26.46 22.76
N LEU E 16 2.95 26.23 23.84
CA LEU E 16 2.43 26.10 25.23
C LEU E 16 2.18 27.40 25.99
N HIS E 17 2.27 28.51 25.31
CA HIS E 17 1.59 29.73 25.71
C HIS E 17 0.18 29.53 26.16
N PRO E 18 -0.20 30.27 27.21
CA PRO E 18 0.69 31.18 27.93
C PRO E 18 1.46 30.46 28.99
N ALA E 19 1.25 29.20 29.13
CA ALA E 19 1.96 28.51 30.14
C ALA E 19 3.46 28.84 30.10
N THR E 20 4.04 28.88 28.90
CA THR E 20 5.49 29.14 28.75
C THR E 20 5.92 30.58 28.53
N LEU E 21 5.10 31.54 28.93
CA LEU E 21 5.50 32.94 28.71
C LEU E 21 6.66 33.37 29.60
N ALA E 22 6.65 32.96 30.86
CA ALA E 22 7.65 33.46 31.80
C ALA E 22 8.85 32.56 31.87
N ILE E 23 8.72 31.34 31.39
CA ILE E 23 9.86 30.44 31.38
C ILE E 23 9.89 29.42 30.28
N SER E 24 11.10 29.13 29.85
CA SER E 24 11.30 28.08 28.88
C SER E 24 10.74 26.68 29.33
N LYS E 25 10.06 26.00 28.40
CA LYS E 25 9.56 24.60 28.56
C LYS E 25 10.50 23.71 29.31
N GLN E 26 11.77 23.77 28.93
CA GLN E 26 12.72 22.88 29.54
C GLN E 26 13.08 23.16 31.02
N LEU E 27 12.67 24.31 31.52
CA LEU E 27 12.83 24.62 32.96
C LEU E 27 11.54 24.15 33.74
N LEU E 28 10.43 23.89 33.06
CA LEU E 28 9.27 23.37 33.75
C LEU E 28 9.64 22.00 34.27
N PRO E 29 9.04 21.65 35.35
CA PRO E 29 9.17 20.33 35.94
C PRO E 29 8.31 19.23 35.38
N VAL E 30 8.87 18.01 35.52
CA VAL E 30 8.17 16.79 35.19
C VAL E 30 8.18 16.09 36.51
N TYR E 31 7.02 16.21 37.14
CA TYR E 31 6.73 15.81 38.52
C TYR E 31 7.52 16.54 39.57
N ASP E 32 8.78 16.16 39.79
CA ASP E 32 9.63 16.60 40.90
C ASP E 32 10.98 17.28 40.57
N LYS E 33 11.40 17.32 39.28
CA LYS E 33 12.68 17.96 38.90
C LYS E 33 12.60 18.62 37.50
N PRO E 34 13.42 19.60 37.18
CA PRO E 34 13.33 20.31 35.92
C PRO E 34 13.48 19.40 34.74
N MET E 35 12.58 19.61 33.80
N MET E 35 12.60 19.61 33.77
CA MET E 35 12.57 18.87 32.54
CA MET E 35 12.58 18.85 32.53
C MET E 35 13.96 18.51 31.98
C MET E 35 13.97 18.49 31.98
N ILE E 36 14.86 19.47 31.99
CA ILE E 36 16.24 19.28 31.49
C ILE E 36 17.02 18.18 32.10
N TYR E 37 16.75 17.87 33.37
CA TYR E 37 17.43 16.76 34.00
C TYR E 37 17.32 15.44 33.25
N TYR E 38 16.20 15.20 32.55
CA TYR E 38 15.97 13.95 31.95
C TYR E 38 16.91 13.70 30.76
N PRO E 39 16.94 14.59 29.78
CA PRO E 39 17.84 14.38 28.63
C PRO E 39 19.27 14.49 29.11
N LEU E 40 19.46 15.29 30.14
CA LEU E 40 20.79 15.38 30.70
C LEU E 40 21.22 14.01 31.17
N SER E 41 20.41 13.37 32.00
CA SER E 41 20.68 12.04 32.56
C SER E 41 20.85 10.99 31.45
N THR E 42 20.12 11.14 30.39
CA THR E 42 20.32 10.28 29.23
C THR E 42 21.73 10.33 28.70
N LEU E 43 22.27 11.50 28.53
CA LEU E 43 23.64 11.61 28.02
C LEU E 43 24.62 11.05 29.04
N MET E 44 24.35 11.29 30.33
CA MET E 44 25.21 10.84 31.37
C MET E 44 25.19 9.29 31.33
N LEU E 45 24.04 8.70 31.12
CA LEU E 45 23.98 7.27 31.16
C LEU E 45 24.66 6.67 29.93
N ALA E 46 24.85 7.48 28.89
CA ALA E 46 25.57 7.04 27.72
C ALA E 46 27.04 7.30 27.91
N GLY E 47 27.44 7.69 29.12
CA GLY E 47 28.83 7.83 29.40
C GLY E 47 29.40 9.21 29.02
N ILE E 48 28.54 10.15 28.67
CA ILE E 48 29.05 11.41 28.20
C ILE E 48 29.07 12.44 29.26
N ARG E 49 30.20 13.12 29.41
CA ARG E 49 30.43 14.10 30.48
C ARG E 49 30.66 15.52 30.00
N GLU E 50 31.06 15.70 28.76
CA GLU E 50 31.26 17.06 28.20
C GLU E 50 30.03 17.48 27.37
N ILE E 51 29.28 18.48 27.83
CA ILE E 51 28.00 18.74 27.22
C ILE E 51 27.78 20.24 26.99
N LEU E 52 27.15 20.50 25.86
CA LEU E 52 26.81 21.84 25.41
C LEU E 52 25.29 21.98 25.39
N ILE E 53 24.79 22.90 26.18
CA ILE E 53 23.41 23.18 26.32
C ILE E 53 23.09 24.44 25.51
N ILE E 54 22.17 24.27 24.58
CA ILE E 54 21.76 25.30 23.67
C ILE E 54 20.35 25.73 24.01
N SER E 55 20.16 27.05 24.15
CA SER E 55 18.88 27.61 24.44
C SER E 55 18.82 29.02 23.87
N THR E 56 17.64 29.63 23.94
CA THR E 56 17.41 31.01 23.48
C THR E 56 18.21 32.03 24.25
N PRO E 57 18.35 33.21 23.69
CA PRO E 57 19.09 34.28 24.37
C PRO E 57 18.49 34.61 25.70
N GLN E 58 17.18 34.57 25.80
CA GLN E 58 16.63 34.92 27.07
C GLN E 58 16.83 33.79 28.03
N ASP E 59 16.77 32.56 27.53
CA ASP E 59 16.83 31.42 28.45
C ASP E 59 18.27 30.88 28.74
N THR E 60 19.16 30.84 27.73
CA THR E 60 20.49 30.25 27.97
C THR E 60 21.01 30.56 29.36
N PRO E 61 21.25 31.83 29.64
CA PRO E 61 21.68 32.27 30.97
C PRO E 61 20.89 31.71 32.13
N ARG E 62 19.74 31.17 31.84
CA ARG E 62 18.91 30.69 32.91
C ARG E 62 19.27 29.23 33.26
N PHE E 63 19.76 28.53 32.25
CA PHE E 63 20.15 27.16 32.39
C PHE E 63 21.50 27.14 33.10
N GLN E 64 22.38 28.04 32.62
CA GLN E 64 23.73 28.31 33.18
C GLN E 64 23.63 28.61 34.66
N GLN E 65 22.51 29.12 35.16
CA GLN E 65 22.43 29.54 36.57
C GLN E 65 22.17 28.32 37.36
N LEU E 66 21.21 27.59 36.81
CA LEU E 66 20.68 26.37 37.39
C LEU E 66 21.64 25.18 37.35
N LEU E 67 22.50 25.07 36.35
CA LEU E 67 23.40 23.91 36.30
C LEU E 67 24.90 24.22 36.46
N GLY E 68 25.23 25.48 36.24
CA GLY E 68 26.60 25.89 36.31
C GLY E 68 27.52 25.26 35.30
N ASP E 69 28.73 24.95 35.74
CA ASP E 69 29.67 24.40 34.80
C ASP E 69 29.68 22.91 34.91
N GLY E 70 28.86 22.40 35.78
CA GLY E 70 28.72 20.97 35.94
C GLY E 70 29.71 20.30 36.83
N SER E 71 30.77 21.03 37.21
CA SER E 71 31.86 20.46 38.03
C SER E 71 31.36 19.75 39.27
N ASN E 72 30.32 20.30 39.90
CA ASN E 72 29.73 19.61 41.04
C ASN E 72 29.16 18.20 40.75
N TRP E 73 28.98 17.86 39.49
CA TRP E 73 28.39 16.60 39.14
C TRP E 73 29.36 15.76 38.27
N GLY E 74 30.67 16.00 38.28
CA GLY E 74 31.58 15.28 37.43
C GLY E 74 31.52 15.70 35.94
N LEU E 75 30.73 16.71 35.62
CA LEU E 75 30.54 17.17 34.22
C LEU E 75 31.32 18.43 33.77
N ASP E 76 31.40 18.62 32.49
CA ASP E 76 31.88 19.83 31.89
C ASP E 76 30.74 20.41 31.07
N LEU E 77 29.93 21.26 31.70
CA LEU E 77 28.86 21.95 30.98
C LEU E 77 29.28 23.30 30.34
N GLN E 78 28.97 23.50 29.07
CA GLN E 78 29.10 24.78 28.40
C GLN E 78 27.75 25.20 27.84
N TYR E 79 27.70 26.44 27.36
CA TYR E 79 26.48 27.01 26.89
C TYR E 79 26.65 27.79 25.62
N ALA E 80 25.57 27.84 24.84
CA ALA E 80 25.54 28.60 23.60
C ALA E 80 24.13 29.02 23.44
N VAL E 81 23.94 29.99 22.57
CA VAL E 81 22.66 30.56 22.35
C VAL E 81 22.26 30.25 20.94
N GLN E 82 20.98 30.07 20.70
CA GLN E 82 20.45 29.92 19.35
C GLN E 82 19.62 31.15 19.14
N PRO E 83 20.06 32.08 18.30
CA PRO E 83 19.30 33.31 18.11
C PRO E 83 17.92 33.12 17.48
N SER E 84 17.75 32.10 16.63
CA SER E 84 16.43 31.76 16.13
C SER E 84 16.20 30.23 16.11
N PRO E 85 14.99 29.74 16.32
CA PRO E 85 14.73 28.29 16.30
C PRO E 85 14.56 27.85 14.85
N ASP E 86 15.69 27.79 14.18
CA ASP E 86 15.70 27.54 12.78
C ASP E 86 15.88 26.08 12.34
N GLY E 87 15.78 25.15 13.28
CA GLY E 87 15.98 23.76 13.00
C GLY E 87 16.86 23.00 13.97
N LEU E 88 16.49 21.73 14.22
CA LEU E 88 17.30 20.92 15.09
C LEU E 88 18.76 20.80 14.52
N ALA E 89 18.92 20.80 13.21
CA ALA E 89 20.23 20.62 12.63
C ALA E 89 21.20 21.79 12.89
N GLN E 90 20.65 22.93 13.30
CA GLN E 90 21.42 24.15 13.61
C GLN E 90 22.24 23.96 14.83
N ALA E 91 21.97 22.91 15.59
CA ALA E 91 22.69 22.64 16.77
C ALA E 91 24.10 22.26 16.36
N PHE E 92 24.26 21.75 15.14
CA PHE E 92 25.59 21.31 14.75
C PHE E 92 26.42 22.48 14.17
N LEU E 93 25.73 23.52 13.79
CA LEU E 93 26.41 24.71 13.34
C LEU E 93 26.81 25.51 14.58
N ILE E 94 25.82 25.82 15.41
CA ILE E 94 26.04 26.47 16.67
C ILE E 94 27.13 25.77 17.46
N GLY E 95 27.16 24.43 17.40
CA GLY E 95 28.09 23.61 18.16
C GLY E 95 29.36 23.20 17.49
N GLU E 96 29.59 23.68 16.28
CA GLU E 96 30.79 23.35 15.52
C GLU E 96 32.08 23.40 16.32
N SER E 97 32.39 24.51 16.93
CA SER E 97 33.68 24.55 17.60
C SER E 97 33.62 23.70 18.86
N PHE E 98 32.47 23.69 19.54
CA PHE E 98 32.41 22.83 20.69
C PHE E 98 32.77 21.37 20.31
N ILE E 99 32.20 20.87 19.21
CA ILE E 99 32.43 19.46 18.82
C ILE E 99 33.82 19.20 18.31
N GLY E 100 34.45 20.20 17.70
CA GLY E 100 35.78 20.01 17.10
C GLY E 100 35.82 18.76 16.19
N ASN E 101 36.75 17.85 16.44
CA ASN E 101 36.95 16.67 15.59
C ASN E 101 36.48 15.39 16.29
N ASP E 102 35.67 15.50 17.34
CA ASP E 102 35.19 14.30 18.03
C ASP E 102 33.84 13.78 17.54
N LEU E 103 33.51 12.63 18.08
CA LEU E 103 32.19 12.03 17.96
C LEU E 103 31.21 12.82 18.83
N SER E 104 29.93 12.76 18.51
CA SER E 104 28.90 13.48 19.23
C SER E 104 27.54 12.85 19.39
N ALA E 105 26.75 13.43 20.28
CA ALA E 105 25.38 13.04 20.51
C ALA E 105 24.55 14.24 20.76
N LEU E 106 23.34 14.23 20.18
CA LEU E 106 22.33 15.22 20.31
C LEU E 106 21.07 14.61 20.95
N VAL E 107 20.59 15.29 21.97
CA VAL E 107 19.35 14.95 22.63
C VAL E 107 18.48 16.16 22.69
N LEU E 108 17.19 15.96 22.42
CA LEU E 108 16.24 17.01 22.51
C LEU E 108 15.91 17.24 23.98
N GLY E 109 15.91 18.52 24.35
CA GLY E 109 15.58 18.89 25.69
C GLY E 109 14.24 18.55 26.24
N ASP E 110 13.22 18.24 25.42
CA ASP E 110 11.97 17.86 25.99
C ASP E 110 11.62 16.36 25.83
N ASN E 111 12.65 15.57 25.68
CA ASN E 111 12.56 14.16 25.48
C ASN E 111 12.98 13.39 26.74
N LEU E 112 12.12 12.50 27.19
CA LEU E 112 12.32 11.73 28.38
C LEU E 112 12.24 10.28 27.97
N TYR E 113 13.26 9.53 28.37
CA TYR E 113 13.40 8.11 28.12
C TYR E 113 13.46 7.34 29.48
N TYR E 114 12.94 6.12 29.50
CA TYR E 114 12.98 5.27 30.62
C TYR E 114 12.80 3.80 30.23
N GLY E 115 13.62 2.97 30.80
CA GLY E 115 13.42 1.52 30.68
C GLY E 115 14.62 0.65 31.06
N HIS E 116 14.35 -0.64 31.21
CA HIS E 116 15.31 -1.66 31.52
C HIS E 116 16.38 -1.80 30.48
N ASP E 117 17.60 -1.76 30.96
CA ASP E 117 18.81 -1.83 30.18
C ASP E 117 18.93 -0.65 29.18
N PHE E 118 18.36 0.49 29.46
CA PHE E 118 18.60 1.66 28.62
C PHE E 118 20.10 1.87 28.48
N HIS E 119 20.81 1.72 29.60
CA HIS E 119 22.23 1.98 29.60
C HIS E 119 22.97 1.14 28.53
N GLU E 120 22.56 -0.11 28.34
CA GLU E 120 23.16 -0.95 27.35
C GLU E 120 22.75 -0.56 25.95
N LEU E 121 21.52 -0.11 25.76
CA LEU E 121 21.02 0.34 24.46
C LEU E 121 21.85 1.57 24.00
N LEU E 122 22.08 2.50 24.93
CA LEU E 122 22.87 3.64 24.68
C LEU E 122 24.31 3.26 24.29
N GLY E 123 24.86 2.39 25.12
CA GLY E 123 26.20 1.89 24.94
C GLY E 123 26.49 1.36 23.56
N SER E 124 25.59 0.55 23.04
CA SER E 124 25.70 0.01 21.67
C SER E 124 25.84 1.12 20.61
N ALA E 125 24.95 2.12 20.62
CA ALA E 125 25.12 3.26 19.74
C ALA E 125 26.45 3.98 19.96
N SER E 126 26.78 4.23 21.16
CA SER E 126 27.95 4.96 21.51
C SER E 126 29.25 4.26 21.04
N GLN E 127 29.25 2.96 20.93
CA GLN E 127 30.45 2.30 20.54
C GLN E 127 30.72 2.24 19.01
N ARG E 128 29.72 2.56 18.24
CA ARG E 128 29.81 2.73 16.83
C ARG E 128 30.57 4.01 16.51
N GLN E 129 31.87 3.88 16.22
CA GLN E 129 32.72 5.02 15.85
C GLN E 129 32.53 5.56 14.38
N THR E 130 31.79 4.84 13.56
N THR E 130 31.80 4.83 13.56
CA THR E 130 31.53 5.29 12.22
CA THR E 130 31.54 5.29 12.21
C THR E 130 30.07 5.33 11.89
C THR E 130 30.06 5.32 11.88
N GLY E 131 29.66 6.32 11.14
CA GLY E 131 28.29 6.44 10.71
C GLY E 131 27.50 7.15 11.80
N ALA E 132 26.19 6.98 11.76
CA ALA E 132 25.26 7.55 12.75
C ALA E 132 24.31 6.48 13.34
N SER E 133 23.74 6.73 14.53
CA SER E 133 22.77 5.78 15.11
C SER E 133 21.59 6.60 15.63
N VAL E 134 20.40 6.09 15.37
CA VAL E 134 19.13 6.65 15.85
C VAL E 134 18.29 5.49 16.29
N PHE E 135 17.15 5.85 16.85
CA PHE E 135 16.25 4.93 17.51
C PHE E 135 14.84 5.15 16.97
N ALA E 136 14.18 4.02 16.65
CA ALA E 136 12.80 3.96 16.13
C ALA E 136 11.90 3.41 17.24
N TYR E 137 10.75 4.08 17.38
CA TYR E 137 9.79 3.78 18.42
C TYR E 137 8.35 3.86 17.89
N HIS E 138 7.62 2.79 18.04
CA HIS E 138 6.21 2.68 17.58
C HIS E 138 5.35 3.66 18.36
N VAL E 139 4.64 4.50 17.60
CA VAL E 139 3.79 5.57 18.13
C VAL E 139 2.42 5.62 17.47
N LEU E 140 1.44 6.12 18.21
CA LEU E 140 0.11 6.22 17.68
C LEU E 140 0.01 7.26 16.55
N ASP E 141 0.74 8.34 16.67
CA ASP E 141 0.58 9.45 15.72
C ASP E 141 1.92 9.85 15.01
N PRO E 142 2.41 8.96 14.17
CA PRO E 142 3.71 9.09 13.52
C PRO E 142 3.85 10.38 12.72
N GLU E 143 2.73 10.78 12.16
CA GLU E 143 2.66 12.01 11.36
C GLU E 143 3.21 13.25 12.06
N ARG E 144 3.40 13.22 13.37
CA ARG E 144 4.01 14.34 14.10
C ARG E 144 5.51 14.31 14.20
N TYR E 145 6.10 13.26 13.68
CA TYR E 145 7.54 13.06 13.85
C TYR E 145 8.31 12.79 12.58
N GLY E 146 9.60 12.64 12.73
CA GLY E 146 10.35 11.95 11.66
C GLY E 146 9.94 10.47 11.68
N VAL E 147 9.62 9.94 10.51
CA VAL E 147 9.18 8.59 10.37
C VAL E 147 10.12 7.78 9.53
N VAL E 148 10.42 6.61 10.05
CA VAL E 148 11.28 5.65 9.40
C VAL E 148 10.50 4.46 8.92
N GLU E 149 10.70 4.10 7.65
CA GLU E 149 10.09 2.95 7.00
C GLU E 149 11.08 1.80 6.93
N PHE E 150 10.61 0.60 7.16
CA PHE E 150 11.45 -0.59 7.14
C PHE E 150 10.95 -1.49 6.05
N ASP E 151 11.84 -2.27 5.48
CA ASP E 151 11.46 -3.25 4.46
C ASP E 151 10.94 -4.54 5.14
N GLN E 152 10.50 -5.49 4.37
CA GLN E 152 9.94 -6.74 4.98
C GLN E 152 11.01 -7.44 5.77
N GLY E 153 12.27 -7.15 5.54
CA GLY E 153 13.35 -7.74 6.34
C GLY E 153 13.79 -6.99 7.61
N GLY E 154 13.10 -5.89 7.86
CA GLY E 154 13.37 -5.08 9.02
C GLY E 154 14.52 -4.11 8.88
N LYS E 155 14.87 -3.77 7.64
CA LYS E 155 15.92 -2.84 7.34
C LYS E 155 15.30 -1.47 7.07
N ALA E 156 15.80 -0.47 7.70
CA ALA E 156 15.39 0.90 7.44
C ALA E 156 15.64 1.35 5.98
N ILE E 157 14.58 1.76 5.29
CA ILE E 157 14.67 2.13 3.87
C ILE E 157 14.38 3.58 3.48
N SER E 158 13.67 4.32 4.30
N SER E 158 13.66 4.33 4.29
CA SER E 158 13.49 5.73 4.08
CA SER E 158 13.49 5.74 4.05
C SER E 158 13.12 6.50 5.30
C SER E 158 13.12 6.50 5.30
N LEU E 159 13.25 7.83 5.22
CA LEU E 159 12.94 8.74 6.30
C LEU E 159 12.13 9.85 5.68
N GLU E 160 11.13 10.29 6.39
CA GLU E 160 10.22 11.39 6.01
C GLU E 160 9.87 12.22 7.21
N GLU E 161 10.10 13.55 7.14
CA GLU E 161 9.72 14.43 8.24
C GLU E 161 8.23 14.77 8.20
N LYS E 162 7.56 14.48 9.26
CA LYS E 162 6.08 14.72 9.43
C LYS E 162 5.27 14.46 8.17
N PRO E 163 5.32 13.25 7.60
CA PRO E 163 4.62 12.92 6.38
C PRO E 163 3.09 12.99 6.55
N LEU E 164 2.40 13.32 5.49
CA LEU E 164 0.97 13.43 5.49
C LEU E 164 0.38 12.04 5.45
N GLU E 165 1.07 11.14 4.79
CA GLU E 165 0.67 9.75 4.73
C GLU E 165 1.83 8.87 5.18
N PRO E 166 1.93 8.58 6.47
CA PRO E 166 3.09 7.86 6.93
C PRO E 166 3.17 6.45 6.45
N LYS E 167 4.39 6.02 6.24
CA LYS E 167 4.68 4.75 5.72
C LYS E 167 4.85 3.73 6.81
N SER E 168 4.85 4.16 8.06
CA SER E 168 4.96 3.24 9.16
C SER E 168 4.49 3.98 10.38
N ASN E 169 4.40 3.26 11.45
CA ASN E 169 4.14 3.84 12.77
C ASN E 169 5.36 4.05 13.65
N TYR E 170 6.57 3.95 13.01
CA TYR E 170 7.84 4.14 13.68
C TYR E 170 8.39 5.55 13.55
N ALA E 171 8.39 6.27 14.67
CA ALA E 171 9.00 7.57 14.75
C ALA E 171 10.48 7.51 15.23
N VAL E 172 11.26 8.45 14.71
CA VAL E 172 12.65 8.56 15.07
C VAL E 172 12.71 9.38 16.27
N THR E 173 13.21 8.86 17.39
CA THR E 173 13.19 9.59 18.63
C THR E 173 14.21 10.71 18.66
N GLY E 174 14.08 11.64 19.61
CA GLY E 174 14.96 12.79 19.75
C GLY E 174 16.32 12.49 20.43
N LEU E 175 16.96 11.46 19.95
CA LEU E 175 18.27 11.07 20.42
C LEU E 175 19.10 10.54 19.24
N TYR E 176 20.23 11.15 19.01
CA TYR E 176 21.05 10.87 17.86
C TYR E 176 22.53 10.85 18.09
N PHE E 177 23.19 9.82 17.63
CA PHE E 177 24.64 9.67 17.78
C PHE E 177 25.30 9.87 16.40
N TYR E 178 26.37 10.69 16.29
CA TYR E 178 27.04 10.95 15.06
C TYR E 178 28.51 10.83 15.11
N ASP E 179 29.06 10.51 13.95
CA ASP E 179 30.52 10.55 13.80
C ASP E 179 30.96 11.96 13.36
N GLN E 180 32.19 12.09 12.97
CA GLN E 180 32.75 13.39 12.57
C GLN E 180 32.19 14.04 11.29
N GLN E 181 31.30 13.35 10.56
CA GLN E 181 30.77 13.84 9.30
C GLN E 181 29.61 14.78 9.48
N VAL E 182 29.04 14.78 10.68
CA VAL E 182 27.81 15.53 10.94
C VAL E 182 27.88 17.04 10.71
N VAL E 183 28.92 17.65 11.22
CA VAL E 183 29.03 19.09 11.13
C VAL E 183 29.00 19.55 9.67
N ASP E 184 29.81 18.94 8.83
CA ASP E 184 29.86 19.29 7.40
C ASP E 184 28.54 18.98 6.71
N ILE E 185 27.91 17.86 7.09
CA ILE E 185 26.62 17.55 6.57
C ILE E 185 25.65 18.67 6.91
N ALA E 186 25.65 19.11 8.16
CA ALA E 186 24.72 20.16 8.61
C ALA E 186 24.99 21.46 7.89
N ARG E 187 26.26 21.66 7.60
CA ARG E 187 26.69 22.85 6.81
C ARG E 187 25.98 22.98 5.46
N ASP E 188 26.05 21.88 4.74
CA ASP E 188 25.60 21.74 3.38
C ASP E 188 24.13 21.49 3.25
N LEU E 189 23.39 21.53 4.35
CA LEU E 189 21.96 21.29 4.27
C LEU E 189 21.20 22.41 3.61
N LYS E 190 20.08 22.01 3.03
CA LYS E 190 19.14 22.84 2.34
C LYS E 190 17.87 22.93 3.23
N PRO E 191 17.37 24.15 3.47
CA PRO E 191 16.20 24.36 4.33
C PRO E 191 14.99 23.74 3.74
N SER E 192 14.14 23.24 4.60
CA SER E 192 13.02 22.52 4.09
C SER E 192 11.89 23.45 3.67
N PRO E 193 10.86 22.83 3.11
CA PRO E 193 9.62 23.51 2.77
C PRO E 193 8.85 23.91 4.07
N ARG E 194 9.25 23.38 5.22
CA ARG E 194 8.70 23.87 6.47
C ARG E 194 9.33 25.27 6.72
N GLY E 195 10.67 25.30 6.52
CA GLY E 195 11.53 26.47 6.77
C GLY E 195 12.60 26.17 7.88
N GLU E 196 13.04 24.91 7.98
CA GLU E 196 14.05 24.58 8.98
C GLU E 196 15.26 23.82 8.37
N LEU E 197 16.31 23.71 9.16
CA LEU E 197 17.40 22.81 8.84
C LEU E 197 17.01 21.56 9.68
N GLU E 198 16.52 20.55 9.00
CA GLU E 198 15.85 19.41 9.59
C GLU E 198 16.85 18.33 9.90
N ILE E 199 16.73 17.76 11.08
CA ILE E 199 17.64 16.66 11.51
C ILE E 199 17.35 15.41 10.65
N THR E 200 16.15 15.37 10.13
CA THR E 200 15.77 14.24 9.32
C THR E 200 16.64 14.25 8.05
N ASP E 201 17.03 15.43 7.60
CA ASP E 201 17.83 15.51 6.37
C ASP E 201 19.26 15.07 6.68
N VAL E 202 19.73 15.40 7.85
CA VAL E 202 21.01 14.97 8.28
C VAL E 202 20.99 13.49 8.29
N ASN E 203 20.02 12.96 8.98
CA ASN E 203 19.84 11.52 9.06
C ASN E 203 19.75 10.80 7.73
N ARG E 204 19.00 11.39 6.85
CA ARG E 204 18.92 10.84 5.53
C ARG E 204 20.27 10.85 4.77
N ALA E 205 21.07 11.88 4.98
CA ALA E 205 22.37 11.92 4.30
C ALA E 205 23.15 10.66 4.65
N TYR E 206 23.08 10.25 5.93
CA TYR E 206 23.80 9.02 6.37
C TYR E 206 23.12 7.78 5.83
N LEU E 207 21.82 7.80 5.77
CA LEU E 207 21.07 6.64 5.19
C LEU E 207 21.44 6.41 3.74
N GLU E 208 21.60 7.50 3.00
CA GLU E 208 21.88 7.41 1.54
C GLU E 208 23.32 6.97 1.27
N ARG E 209 24.12 6.95 2.33
CA ARG E 209 25.49 6.44 2.21
C ARG E 209 25.60 5.07 2.82
N GLY E 210 24.49 4.53 3.20
CA GLY E 210 24.51 3.25 3.93
C GLY E 210 25.14 3.32 5.31
N GLN E 211 25.19 4.53 5.88
CA GLN E 211 25.79 4.57 7.22
C GLN E 211 24.91 4.98 8.36
N LEU E 212 23.60 4.72 8.23
CA LEU E 212 22.68 5.02 9.24
C LEU E 212 22.22 3.72 9.92
N SER E 213 22.53 3.59 11.17
CA SER E 213 22.06 2.49 11.98
C SER E 213 20.81 2.91 12.76
N VAL E 214 19.69 2.22 12.52
CA VAL E 214 18.42 2.52 13.10
C VAL E 214 18.15 1.32 13.98
N GLU E 215 18.25 1.51 15.29
CA GLU E 215 17.88 0.50 16.23
C GLU E 215 16.44 0.68 16.73
N ILE E 216 15.79 -0.44 16.94
CA ILE E 216 14.44 -0.43 17.48
C ILE E 216 14.52 -0.22 19.00
N MET E 217 13.77 0.76 19.47
CA MET E 217 13.51 1.02 20.84
C MET E 217 12.17 0.38 21.07
N GLY E 218 12.24 -0.76 21.78
CA GLY E 218 11.09 -1.63 22.07
C GLY E 218 9.91 -1.00 22.84
N ARG E 219 8.77 -1.61 22.73
CA ARG E 219 7.58 -1.21 23.48
C ARG E 219 7.74 -1.29 25.03
N GLY E 220 8.65 -2.10 25.53
CA GLY E 220 8.99 -2.05 26.95
C GLY E 220 9.66 -0.76 27.47
N TYR E 221 10.08 0.10 26.56
CA TYR E 221 10.64 1.40 26.89
C TYR E 221 9.53 2.38 26.79
N ALA E 222 9.62 3.43 27.58
CA ALA E 222 8.79 4.63 27.41
C ALA E 222 9.66 5.75 26.90
N TRP E 223 9.12 6.35 25.82
CA TRP E 223 9.70 7.48 25.20
C TRP E 223 8.57 8.46 25.21
N LEU E 224 8.72 9.53 25.94
CA LEU E 224 7.65 10.53 26.05
C LEU E 224 8.24 11.90 25.63
N ASP E 225 7.37 12.69 25.11
CA ASP E 225 7.74 14.05 24.61
C ASP E 225 6.88 15.04 25.48
N THR E 226 7.44 16.09 26.06
CA THR E 226 6.64 16.93 26.86
C THR E 226 6.25 18.17 26.07
N GLY E 227 5.89 17.97 24.84
CA GLY E 227 5.64 19.10 23.95
C GLY E 227 4.32 19.79 24.15
N THR E 228 3.38 19.17 24.86
CA THR E 228 2.07 19.74 24.95
C THR E 228 1.58 19.72 26.44
N HIS E 229 0.50 20.44 26.72
CA HIS E 229 -0.07 20.52 28.08
C HIS E 229 -0.42 19.09 28.58
N ASP E 230 -1.10 18.35 27.73
CA ASP E 230 -1.53 16.97 28.07
C ASP E 230 -0.38 16.10 28.28
N SER E 231 0.65 16.16 27.42
CA SER E 231 1.73 15.20 27.49
C SER E 231 2.68 15.47 28.63
N LEU E 232 2.82 16.73 28.94
CA LEU E 232 3.55 17.10 30.08
C LEU E 232 2.87 16.53 31.35
N LEU E 233 1.55 16.61 31.43
CA LEU E 233 0.88 16.12 32.65
C LEU E 233 0.97 14.58 32.73
N GLU E 234 0.89 13.88 31.61
CA GLU E 234 1.01 12.43 31.58
C GLU E 234 2.44 12.01 31.98
N ALA E 235 3.44 12.74 31.56
CA ALA E 235 4.79 12.37 31.86
C ALA E 235 5.03 12.56 33.39
N GLY E 236 4.47 13.64 33.93
CA GLY E 236 4.52 13.86 35.37
C GLY E 236 3.92 12.65 36.13
N GLN E 237 2.73 12.21 35.77
CA GLN E 237 2.11 11.06 36.40
C GLN E 237 2.96 9.75 36.29
N PHE E 238 3.60 9.58 35.13
CA PHE E 238 4.38 8.44 34.85
C PHE E 238 5.56 8.37 35.76
N ILE E 239 6.28 9.48 35.87
CA ILE E 239 7.42 9.53 36.80
C ILE E 239 6.95 9.38 38.27
N ALA E 240 5.93 10.14 38.67
CA ALA E 240 5.38 9.98 40.00
C ALA E 240 5.07 8.52 40.36
N THR E 241 4.39 7.78 39.48
CA THR E 241 4.03 6.38 39.72
C THR E 241 5.26 5.55 39.93
N LEU E 242 6.23 5.64 39.05
CA LEU E 242 7.48 4.89 39.24
C LEU E 242 8.24 5.24 40.55
N GLU E 243 8.40 6.52 40.77
CA GLU E 243 9.19 6.98 41.97
C GLU E 243 8.51 6.63 43.28
N ASN E 244 7.18 6.73 43.31
CA ASN E 244 6.48 6.44 44.50
C ASN E 244 6.35 4.97 44.75
N ARG E 245 6.32 4.19 43.69
CA ARG E 245 6.31 2.73 43.86
C ARG E 245 7.69 2.23 44.37
N GLN E 246 8.75 2.69 43.74
CA GLN E 246 10.10 2.18 43.93
C GLN E 246 10.87 2.74 45.09
N GLY E 247 10.54 3.99 45.50
CA GLY E 247 11.37 4.73 46.45
C GLY E 247 12.75 5.03 45.83
N LEU E 248 12.75 5.12 44.54
CA LEU E 248 13.95 5.44 43.77
C LEU E 248 13.57 6.56 42.82
N LYS E 249 14.53 7.32 42.36
CA LYS E 249 14.23 8.50 41.51
C LYS E 249 14.69 8.23 40.07
N VAL E 250 13.95 8.76 39.11
CA VAL E 250 14.35 8.79 37.72
C VAL E 250 15.13 10.08 37.41
N ALA E 251 16.31 9.91 36.81
CA ALA E 251 17.04 11.05 36.24
C ALA E 251 17.52 12.03 37.28
N CYS E 252 18.04 11.49 38.36
N CYS E 252 18.01 11.49 38.39
CA CYS E 252 18.67 12.28 39.36
CA CYS E 252 18.72 12.28 39.38
C CYS E 252 20.17 12.30 38.99
C CYS E 252 20.17 12.30 38.99
N PRO E 253 20.63 13.43 38.51
CA PRO E 253 22.02 13.54 38.08
C PRO E 253 23.01 13.25 39.12
N GLU E 254 22.76 13.69 40.36
CA GLU E 254 23.71 13.48 41.42
C GLU E 254 23.91 12.01 41.55
N GLU E 255 22.80 11.30 41.43
CA GLU E 255 22.86 9.83 41.62
C GLU E 255 23.63 9.10 40.54
N ILE E 256 23.29 9.40 39.28
CA ILE E 256 23.95 8.76 38.20
C ILE E 256 25.43 9.01 38.24
N ALA E 257 25.79 10.22 38.60
CA ALA E 257 27.20 10.58 38.64
C ALA E 257 27.97 9.81 39.70
N TYR E 258 27.34 9.62 40.83
CA TYR E 258 27.94 8.90 41.93
C TYR E 258 28.06 7.46 41.56
N ARG E 259 27.02 6.95 40.91
CA ARG E 259 27.01 5.51 40.49
C ARG E 259 28.07 5.22 39.44
N GLN E 260 28.33 6.21 38.60
CA GLN E 260 29.29 6.09 37.50
C GLN E 260 30.69 6.51 37.99
N LYS E 261 30.77 6.76 39.30
CA LYS E 261 32.02 7.19 39.95
C LYS E 261 32.60 8.55 39.46
N TRP E 262 31.76 9.37 38.92
CA TRP E 262 32.20 10.70 38.51
C TRP E 262 32.38 11.61 39.74
N ILE E 263 31.71 11.29 40.86
CA ILE E 263 31.93 12.05 42.10
C ILE E 263 31.99 10.99 43.17
N ASP E 264 32.65 11.26 44.31
CA ASP E 264 32.77 10.27 45.41
C ASP E 264 31.75 10.55 46.54
N ALA E 265 31.69 9.66 47.52
CA ALA E 265 30.76 9.76 48.63
C ALA E 265 30.81 11.11 49.33
N ALA E 266 32.03 11.57 49.51
CA ALA E 266 32.24 12.88 50.12
C ALA E 266 31.50 13.96 49.33
N GLN E 267 31.70 13.93 48.01
CA GLN E 267 31.15 14.96 47.14
C GLN E 267 29.64 14.90 47.09
N LEU E 268 29.08 13.71 47.31
CA LEU E 268 27.65 13.52 47.26
C LEU E 268 27.00 14.03 48.57
N GLU E 269 27.66 13.87 49.71
CA GLU E 269 27.14 14.35 51.00
C GLU E 269 26.91 15.86 50.86
N LYS E 270 27.93 16.57 50.38
CA LYS E 270 27.95 18.03 50.12
C LYS E 270 26.83 18.52 49.18
N LEU E 271 26.46 17.68 48.22
CA LEU E 271 25.34 18.01 47.34
C LEU E 271 23.99 17.84 48.05
N ALA E 272 23.92 16.82 48.88
CA ALA E 272 22.73 16.58 49.70
C ALA E 272 22.44 17.64 50.77
N ALA E 273 23.49 18.17 51.35
CA ALA E 273 23.26 19.04 52.52
C ALA E 273 22.18 20.20 52.34
N PRO E 274 22.34 21.04 51.34
CA PRO E 274 21.44 22.15 51.12
C PRO E 274 20.07 21.78 50.67
N LEU E 275 19.91 20.52 50.32
CA LEU E 275 18.61 20.01 49.94
C LEU E 275 18.05 19.13 51.03
N ALA E 276 18.79 18.90 52.11
CA ALA E 276 18.38 17.91 53.10
C ALA E 276 17.02 18.19 53.74
N LYS E 277 16.62 19.45 53.73
CA LYS E 277 15.35 19.84 54.33
C LYS E 277 14.17 19.35 53.46
N ASN E 278 14.45 18.70 52.33
CA ASN E 278 13.39 18.17 51.47
C ASN E 278 13.67 16.73 51.01
N GLY E 279 12.66 16.07 50.48
CA GLY E 279 12.77 14.70 50.05
C GLY E 279 13.86 14.35 49.07
N TYR E 280 14.31 15.33 48.27
CA TYR E 280 15.31 15.08 47.25
C TYR E 280 16.66 14.95 47.92
N GLY E 281 16.92 15.79 48.91
CA GLY E 281 18.19 15.74 49.62
C GLY E 281 18.28 14.53 50.56
N GLN E 282 17.14 14.13 51.05
CA GLN E 282 17.13 12.96 51.93
C GLN E 282 17.51 11.77 51.01
N TYR E 283 16.89 11.72 49.83
CA TYR E 283 17.20 10.67 48.84
C TYR E 283 18.68 10.56 48.61
N LEU E 284 19.32 11.69 48.43
CA LEU E 284 20.71 11.58 48.09
C LEU E 284 21.47 10.95 49.22
N LYS E 285 21.15 11.32 50.44
CA LYS E 285 21.83 10.77 51.63
C LYS E 285 21.69 9.26 51.73
N ARG E 286 20.48 8.77 51.56
CA ARG E 286 20.19 7.36 51.64
C ARG E 286 21.03 6.53 50.65
N LEU E 287 21.22 7.05 49.48
CA LEU E 287 22.02 6.33 48.54
C LEU E 287 23.36 5.97 49.02
N LEU E 288 23.91 6.76 49.92
CA LEU E 288 25.27 6.50 50.46
C LEU E 288 25.41 5.23 51.35
N THR E 289 24.27 4.72 51.79
CA THR E 289 24.24 3.60 52.70
C THR E 289 23.44 2.40 52.22
N GLU E 290 22.69 2.56 51.16
CA GLU E 290 21.90 1.48 50.65
C GLU E 290 22.53 0.91 49.36
N THR E 291 22.42 -0.40 49.18
CA THR E 291 22.83 -1.02 47.97
C THR E 291 21.61 -1.12 47.02
N VAL E 292 21.69 -0.51 45.88
CA VAL E 292 20.57 -0.59 44.98
C VAL E 292 21.08 -1.28 43.75
N TYR E 293 20.59 -2.49 43.46
CA TYR E 293 21.06 -3.24 42.31
C TYR E 293 20.53 -2.77 40.98
N MET F 1 -16.94 51.57 49.62
CA MET F 1 -15.49 51.59 49.67
C MET F 1 -14.81 50.54 48.77
N LYS F 2 -13.81 51.08 48.16
CA LYS F 2 -12.97 50.35 47.31
C LYS F 2 -12.13 49.35 48.12
N ARG F 3 -11.99 48.19 47.48
CA ARG F 3 -11.12 47.12 47.99
C ARG F 3 -9.98 46.82 47.04
N LYS F 4 -8.76 46.86 47.55
N LYS F 4 -8.76 46.85 47.55
CA LYS F 4 -7.54 46.54 46.79
CA LYS F 4 -7.54 46.54 46.81
C LYS F 4 -7.09 45.11 47.11
C LYS F 4 -7.08 45.11 47.11
N GLY F 5 -6.41 44.47 46.17
CA GLY F 5 -6.02 43.12 46.38
C GLY F 5 -4.54 42.91 46.41
N ILE F 6 -4.11 41.82 47.05
CA ILE F 6 -2.72 41.50 47.15
C ILE F 6 -2.69 40.04 46.86
N ILE F 7 -1.69 39.63 46.07
CA ILE F 7 -1.34 38.25 45.91
C ILE F 7 0.02 38.08 46.49
N LEU F 8 0.15 37.15 47.41
CA LEU F 8 1.43 36.87 48.02
C LEU F 8 2.03 35.72 47.28
N ALA F 9 2.99 36.02 46.39
CA ALA F 9 3.72 34.99 45.66
C ALA F 9 5.22 34.95 45.92
N GLY F 10 5.63 34.95 47.14
CA GLY F 10 7.07 34.85 47.38
C GLY F 10 7.34 33.46 47.78
N GLY F 11 8.17 33.30 48.76
CA GLY F 11 8.24 32.01 49.47
C GLY F 11 9.47 31.38 48.96
N SER F 12 9.83 30.29 49.64
CA SER F 12 10.96 29.45 49.35
C SER F 12 10.57 28.47 48.29
N GLY F 13 11.57 28.03 47.57
CA GLY F 13 11.33 26.92 46.68
C GLY F 13 11.69 25.66 47.48
N THR F 14 12.60 25.82 48.49
CA THR F 14 13.33 24.73 49.22
C THR F 14 12.64 23.37 49.25
N ARG F 15 11.40 23.37 49.66
CA ARG F 15 10.63 22.16 49.55
C ARG F 15 10.68 21.55 48.15
N LEU F 16 9.98 22.21 47.20
CA LEU F 16 9.78 21.75 45.81
C LEU F 16 11.04 21.79 44.96
N HIS F 17 12.16 22.05 45.58
CA HIS F 17 13.44 21.69 44.99
C HIS F 17 13.61 20.25 44.56
N PRO F 18 14.50 20.06 43.59
CA PRO F 18 15.16 21.10 42.80
C PRO F 18 14.26 21.70 41.74
N ALA F 19 13.09 21.17 41.68
CA ALA F 19 12.11 21.59 40.73
C ALA F 19 12.05 23.13 40.67
N THR F 20 12.07 23.82 41.81
CA THR F 20 12.04 25.28 41.83
C THR F 20 13.30 26.02 41.89
N LEU F 21 14.42 25.41 41.47
CA LEU F 21 15.65 26.18 41.39
C LEU F 21 15.66 27.18 40.28
N ALA F 22 15.09 26.87 39.15
CA ALA F 22 15.18 27.78 38.01
C ALA F 22 14.06 28.78 37.97
N ILE F 23 12.88 28.24 38.29
CA ILE F 23 11.63 28.95 38.25
C ILE F 23 10.87 28.88 39.60
N SER F 24 10.55 30.01 40.13
CA SER F 24 9.57 30.16 41.16
C SER F 24 8.21 29.47 40.92
N LYS F 25 7.71 28.86 41.96
CA LYS F 25 6.48 28.07 41.99
C LYS F 25 5.30 28.75 41.34
N GLN F 26 5.10 30.03 41.65
CA GLN F 26 3.92 30.70 41.18
C GLN F 26 4.03 31.02 39.68
N LEU F 27 5.18 30.78 39.07
CA LEU F 27 5.30 30.95 37.65
C LEU F 27 5.23 29.56 36.99
N LEU F 28 5.32 28.48 37.73
CA LEU F 28 5.07 27.20 37.07
C LEU F 28 3.64 27.05 36.58
N PRO F 29 3.43 26.32 35.55
CA PRO F 29 2.08 26.10 35.11
C PRO F 29 1.27 25.05 35.90
N VAL F 30 -0.05 25.32 35.98
CA VAL F 30 -1.07 24.34 36.35
C VAL F 30 -1.90 23.97 35.12
N TYR F 31 -1.53 22.80 34.61
CA TYR F 31 -2.00 22.32 33.36
C TYR F 31 -1.58 23.18 32.20
N ASP F 32 -2.38 24.21 31.89
CA ASP F 32 -2.17 24.99 30.70
C ASP F 32 -1.87 26.45 30.86
N LYS F 33 -1.69 26.95 32.08
CA LYS F 33 -1.44 28.40 32.26
C LYS F 33 -0.70 28.57 33.61
N PRO F 34 -0.01 29.70 33.77
CA PRO F 34 0.80 29.93 34.95
C PRO F 34 -0.05 29.93 36.21
N MET F 35 0.50 29.35 37.29
CA MET F 35 -0.19 29.25 38.53
C MET F 35 -0.83 30.54 38.98
N ILE F 36 -0.09 31.63 38.87
CA ILE F 36 -0.54 32.93 39.35
C ILE F 36 -1.81 33.41 38.67
N TYR F 37 -2.07 32.92 37.46
CA TYR F 37 -3.34 33.26 36.80
C TYR F 37 -4.53 32.82 37.74
N TYR F 38 -4.36 31.73 38.53
CA TYR F 38 -5.49 31.30 39.27
C TYR F 38 -5.92 32.23 40.43
N PRO F 39 -5.02 32.60 41.33
CA PRO F 39 -5.35 33.50 42.41
C PRO F 39 -5.64 34.91 41.81
N LEU F 40 -5.02 35.25 40.68
CA LEU F 40 -5.36 36.52 40.02
C LEU F 40 -6.85 36.56 39.61
N SER F 41 -7.32 35.50 38.96
CA SER F 41 -8.69 35.31 38.58
C SER F 41 -9.65 35.38 39.78
N THR F 42 -9.23 34.88 40.92
CA THR F 42 -10.01 34.91 42.12
C THR F 42 -10.29 36.34 42.51
N LEU F 43 -9.23 37.14 42.61
CA LEU F 43 -9.44 38.55 42.85
C LEU F 43 -10.33 39.24 41.82
N MET F 44 -10.10 38.99 40.54
CA MET F 44 -10.93 39.62 39.52
C MET F 44 -12.41 39.19 39.70
N LEU F 45 -12.64 37.94 39.96
CA LEU F 45 -14.05 37.45 40.14
C LEU F 45 -14.65 38.04 41.32
N ALA F 46 -13.86 38.51 42.28
CA ALA F 46 -14.42 39.24 43.40
C ALA F 46 -14.63 40.72 43.06
N GLY F 47 -14.37 41.12 41.85
CA GLY F 47 -14.56 42.54 41.48
C GLY F 47 -13.40 43.52 41.76
N ILE F 48 -12.22 43.01 42.06
CA ILE F 48 -11.05 43.82 42.43
C ILE F 48 -10.18 43.99 41.24
N ARG F 49 -9.91 45.25 40.90
CA ARG F 49 -9.08 45.58 39.69
C ARG F 49 -7.72 46.17 40.03
N GLU F 50 -7.55 46.62 41.25
CA GLU F 50 -6.27 47.13 41.66
C GLU F 50 -5.53 46.15 42.56
N ILE F 51 -4.42 45.55 42.05
CA ILE F 51 -3.81 44.43 42.68
C ILE F 51 -2.34 44.57 42.77
N LEU F 52 -1.82 44.25 43.97
CA LEU F 52 -0.42 44.17 44.24
C LEU F 52 0.15 42.72 44.17
N ILE F 53 1.24 42.50 43.47
CA ILE F 53 1.92 41.23 43.37
C ILE F 53 3.16 41.23 44.15
N ILE F 54 3.24 40.45 45.24
CA ILE F 54 4.42 40.40 46.02
C ILE F 54 5.18 39.14 45.64
N SER F 55 6.50 39.25 45.42
CA SER F 55 7.31 38.12 45.03
C SER F 55 8.70 38.36 45.53
N THR F 56 9.59 37.40 45.42
CA THR F 56 10.98 37.68 45.70
C THR F 56 11.56 38.72 44.71
N PRO F 57 12.60 39.44 45.10
CA PRO F 57 13.18 40.43 44.17
C PRO F 57 13.67 39.82 42.88
N GLN F 58 14.32 38.67 42.90
CA GLN F 58 14.77 38.05 41.65
C GLN F 58 13.59 37.71 40.68
N ASP F 59 12.39 37.52 41.21
CA ASP F 59 11.22 37.26 40.39
C ASP F 59 10.43 38.44 39.95
N THR F 60 10.60 39.61 40.53
CA THR F 60 9.79 40.74 40.06
C THR F 60 9.82 40.90 38.54
N PRO F 61 10.96 40.90 37.86
CA PRO F 61 10.95 41.07 36.40
C PRO F 61 10.25 39.95 35.64
N ARG F 62 10.33 38.75 36.16
CA ARG F 62 9.61 37.69 35.52
C ARG F 62 8.06 37.87 35.65
N PHE F 63 7.56 38.22 36.84
CA PHE F 63 6.13 38.42 36.92
C PHE F 63 5.71 39.57 36.10
N GLN F 64 6.53 40.62 36.10
CA GLN F 64 6.25 41.83 35.36
C GLN F 64 6.25 41.53 33.86
N GLN F 65 7.16 40.69 33.42
CA GLN F 65 7.14 40.21 32.02
C GLN F 65 5.87 39.49 31.65
N LEU F 66 5.31 38.76 32.60
CA LEU F 66 4.12 38.01 32.34
C LEU F 66 2.85 38.89 32.40
N LEU F 67 2.73 39.70 33.45
CA LEU F 67 1.54 40.48 33.68
C LEU F 67 1.51 41.95 33.30
N GLY F 68 2.67 42.61 33.16
CA GLY F 68 2.68 44.05 32.94
C GLY F 68 2.05 44.84 34.01
N ASP F 69 1.47 45.95 33.60
CA ASP F 69 0.80 46.79 34.52
C ASP F 69 -0.66 46.46 34.54
N GLY F 70 -1.05 45.40 33.86
CA GLY F 70 -2.41 44.97 33.94
C GLY F 70 -3.39 45.63 33.00
N SER F 71 -2.96 46.72 32.40
CA SER F 71 -3.90 47.56 31.65
C SER F 71 -4.47 46.84 30.49
N ASN F 72 -3.75 45.90 29.94
CA ASN F 72 -4.34 45.17 28.85
C ASN F 72 -5.58 44.31 29.25
N TRP F 73 -5.72 44.02 30.53
CA TRP F 73 -6.85 43.20 31.02
C TRP F 73 -7.83 44.00 31.85
N GLY F 74 -7.71 45.31 31.75
CA GLY F 74 -8.48 46.27 32.55
C GLY F 74 -8.16 46.37 34.04
N LEU F 75 -6.95 46.02 34.37
CA LEU F 75 -6.48 46.00 35.72
C LEU F 75 -5.49 47.08 35.90
N ASP F 76 -5.08 47.26 37.16
CA ASP F 76 -4.00 48.18 37.62
C ASP F 76 -3.11 47.33 38.56
N LEU F 77 -2.02 46.86 38.05
CA LEU F 77 -1.11 46.00 38.81
C LEU F 77 0.14 46.71 39.27
N GLN F 78 0.48 46.56 40.55
CA GLN F 78 1.71 46.98 41.14
C GLN F 78 2.51 45.75 41.64
N TYR F 79 3.75 46.00 41.96
CA TYR F 79 4.69 45.03 42.35
C TYR F 79 5.36 45.43 43.61
N ALA F 80 5.60 44.42 44.45
CA ALA F 80 6.33 44.60 45.69
C ALA F 80 7.18 43.39 45.99
N VAL F 81 8.04 43.54 47.01
CA VAL F 81 9.00 42.48 47.31
C VAL F 81 9.05 41.94 48.70
N GLN F 82 9.29 40.63 48.77
CA GLN F 82 9.47 39.91 50.00
C GLN F 82 10.74 39.00 49.83
N PRO F 83 11.90 39.42 50.28
CA PRO F 83 13.12 38.55 50.09
C PRO F 83 13.04 37.17 50.73
N SER F 84 12.43 37.19 51.88
CA SER F 84 12.30 35.99 52.64
C SER F 84 10.91 35.76 53.15
N PRO F 85 10.53 34.51 53.28
CA PRO F 85 9.17 34.18 53.65
C PRO F 85 9.04 34.22 55.15
N ASP F 86 8.94 35.41 55.65
CA ASP F 86 8.90 35.63 56.99
C ASP F 86 7.50 35.80 57.59
N GLY F 87 6.47 35.42 56.86
CA GLY F 87 5.13 35.44 57.43
C GLY F 87 4.14 36.01 56.47
N LEU F 88 3.03 35.33 56.40
CA LEU F 88 1.93 35.71 55.58
C LEU F 88 1.45 37.09 55.95
N ALA F 89 1.50 37.45 57.25
CA ALA F 89 1.04 38.79 57.69
C ALA F 89 1.95 39.92 57.22
N GLN F 90 3.16 39.63 56.82
CA GLN F 90 4.02 40.65 56.22
C GLN F 90 3.42 41.29 54.96
N ALA F 91 2.47 40.60 54.32
CA ALA F 91 1.81 41.13 53.15
C ALA F 91 1.24 42.46 53.51
N PHE F 92 0.87 42.64 54.77
CA PHE F 92 0.19 43.92 55.09
C PHE F 92 1.14 45.09 55.37
N LEU F 93 2.35 44.72 55.73
CA LEU F 93 3.43 45.64 56.01
C LEU F 93 4.03 46.02 54.65
N ILE F 94 4.35 45.00 53.87
CA ILE F 94 4.86 45.21 52.48
C ILE F 94 3.87 46.01 51.64
N GLY F 95 2.60 45.74 51.87
CA GLY F 95 1.47 46.30 51.14
C GLY F 95 0.82 47.58 51.68
N GLU F 96 1.40 48.15 52.73
CA GLU F 96 0.86 49.28 53.45
C GLU F 96 0.60 50.48 52.55
N SER F 97 1.66 50.88 51.84
CA SER F 97 1.55 52.08 50.98
C SER F 97 0.56 51.83 49.82
N PHE F 98 0.45 50.57 49.37
CA PHE F 98 -0.46 50.16 48.34
C PHE F 98 -1.92 50.20 48.80
N ILE F 99 -2.15 49.79 50.04
CA ILE F 99 -3.45 49.71 50.65
C ILE F 99 -4.02 51.08 50.95
N GLY F 100 -3.16 52.02 51.35
CA GLY F 100 -3.69 53.27 51.81
C GLY F 100 -4.70 53.11 52.92
N ASN F 101 -5.82 53.74 52.68
CA ASN F 101 -6.87 53.81 53.62
C ASN F 101 -8.04 52.94 53.09
N ASP F 102 -7.73 52.05 52.18
CA ASP F 102 -8.80 51.19 51.57
C ASP F 102 -9.02 49.84 52.33
N LEU F 103 -10.15 49.23 52.06
CA LEU F 103 -10.38 47.79 52.31
C LEU F 103 -9.41 47.01 51.45
N SER F 104 -9.14 45.75 51.86
CA SER F 104 -8.20 44.93 51.17
C SER F 104 -8.64 43.43 51.16
N ALA F 105 -7.99 42.68 50.27
CA ALA F 105 -8.11 41.21 50.22
C ALA F 105 -6.74 40.65 49.87
N LEU F 106 -6.40 39.52 50.44
CA LEU F 106 -5.16 38.83 50.24
C LEU F 106 -5.52 37.44 49.76
N VAL F 107 -4.77 37.00 48.75
CA VAL F 107 -4.83 35.60 48.24
C VAL F 107 -3.41 35.05 48.14
N LEU F 108 -3.23 33.78 48.42
CA LEU F 108 -1.91 33.20 48.40
C LEU F 108 -1.68 32.88 46.92
N GLY F 109 -0.46 32.87 46.52
CA GLY F 109 -0.12 32.74 45.09
C GLY F 109 -0.22 31.31 44.59
N ASP F 110 -0.26 30.37 45.48
CA ASP F 110 -0.36 29.03 45.06
C ASP F 110 -1.72 28.40 45.38
N ASN F 111 -2.75 29.23 45.62
CA ASN F 111 -4.07 28.75 45.97
C ASN F 111 -5.02 28.81 44.73
N LEU F 112 -5.64 27.68 44.47
CA LEU F 112 -6.56 27.50 43.44
C LEU F 112 -7.94 27.27 43.98
N TYR F 113 -8.87 28.07 43.53
CA TYR F 113 -10.30 27.91 43.93
C TYR F 113 -11.18 27.58 42.75
N TYR F 114 -12.15 26.66 42.95
N TYR F 114 -12.16 26.68 42.93
CA TYR F 114 -13.10 26.36 41.93
CA TYR F 114 -13.09 26.37 41.87
C TYR F 114 -14.47 25.89 42.46
C TYR F 114 -14.44 25.74 42.32
N GLY F 115 -15.50 26.33 41.80
CA GLY F 115 -16.84 25.93 42.16
C GLY F 115 -17.96 26.85 41.74
N HIS F 116 -19.13 26.24 41.82
CA HIS F 116 -20.39 26.84 41.46
C HIS F 116 -20.73 27.99 42.38
N ASP F 117 -21.16 29.06 41.79
CA ASP F 117 -21.42 30.34 42.50
C ASP F 117 -20.30 30.85 43.38
N PHE F 118 -19.08 30.78 42.93
CA PHE F 118 -17.97 31.18 43.75
C PHE F 118 -18.01 32.70 43.75
N HIS F 119 -18.42 33.27 42.60
CA HIS F 119 -18.43 34.69 42.51
C HIS F 119 -19.34 35.25 43.60
N GLU F 120 -20.43 34.58 43.86
CA GLU F 120 -21.43 35.03 44.84
C GLU F 120 -20.88 34.88 46.26
N LEU F 121 -20.18 33.78 46.48
CA LEU F 121 -19.46 33.56 47.77
C LEU F 121 -18.47 34.71 48.05
N LEU F 122 -17.68 35.05 47.06
CA LEU F 122 -16.74 36.14 47.12
C LEU F 122 -17.46 37.41 47.40
N GLY F 123 -18.56 37.67 46.67
CA GLY F 123 -19.40 38.86 46.86
C GLY F 123 -19.85 39.12 48.32
N SER F 124 -20.19 38.09 49.05
CA SER F 124 -20.65 38.36 50.40
C SER F 124 -19.54 38.82 51.37
N ALA F 125 -18.35 38.20 51.28
CA ALA F 125 -17.19 38.72 52.02
C ALA F 125 -16.90 40.12 51.57
N SER F 126 -16.94 40.31 50.28
CA SER F 126 -16.59 41.62 49.77
C SER F 126 -17.50 42.76 50.26
N GLN F 127 -18.75 42.45 50.48
CA GLN F 127 -19.74 43.48 50.81
C GLN F 127 -19.57 44.01 52.21
N ARG F 128 -18.96 43.18 53.06
CA ARG F 128 -18.66 43.58 54.45
C ARG F 128 -17.62 44.68 54.59
N GLN F 129 -18.05 45.84 54.99
CA GLN F 129 -17.17 46.96 55.16
C GLN F 129 -16.45 47.06 56.53
N THR F 130 -16.94 46.32 57.50
CA THR F 130 -16.26 46.26 58.81
C THR F 130 -15.82 44.86 59.15
N GLY F 131 -14.69 44.78 59.81
CA GLY F 131 -14.15 43.53 60.22
C GLY F 131 -13.36 42.82 59.18
N ALA F 132 -13.30 41.51 59.30
CA ALA F 132 -12.60 40.63 58.42
C ALA F 132 -13.45 39.37 58.11
N SER F 133 -13.21 38.75 56.97
CA SER F 133 -13.84 37.47 56.58
C SER F 133 -12.81 36.52 56.05
N VAL F 134 -12.91 35.23 56.46
CA VAL F 134 -12.13 34.16 56.04
C VAL F 134 -13.08 32.96 55.78
N PHE F 135 -12.55 31.91 55.17
CA PHE F 135 -13.35 30.77 54.84
C PHE F 135 -12.68 29.54 55.42
N ALA F 136 -13.54 28.64 55.86
CA ALA F 136 -13.12 27.41 56.48
C ALA F 136 -13.47 26.24 55.53
N TYR F 137 -12.48 25.34 55.35
CA TYR F 137 -12.60 24.20 54.47
C TYR F 137 -12.17 22.92 55.06
N HIS F 138 -13.02 21.90 55.05
CA HIS F 138 -12.63 20.54 55.57
C HIS F 138 -11.55 19.87 54.72
N VAL F 139 -10.49 19.51 55.39
CA VAL F 139 -9.28 18.94 54.80
C VAL F 139 -8.85 17.71 55.59
N LEU F 140 -8.09 16.90 54.89
CA LEU F 140 -7.45 15.71 55.47
C LEU F 140 -6.34 16.03 56.46
N ASP F 141 -5.53 17.04 56.18
CA ASP F 141 -4.39 17.32 57.08
C ASP F 141 -4.42 18.69 57.69
N PRO F 142 -5.38 18.96 58.56
CA PRO F 142 -5.55 20.32 59.07
C PRO F 142 -4.24 20.85 59.74
N GLU F 143 -3.43 19.94 60.25
CA GLU F 143 -2.18 20.29 60.93
C GLU F 143 -1.22 21.09 60.13
N ARG F 144 -1.44 21.17 58.83
CA ARG F 144 -0.64 21.95 57.97
C ARG F 144 -1.03 23.41 57.83
N TYR F 145 -2.19 23.80 58.37
CA TYR F 145 -2.75 25.06 58.18
C TYR F 145 -3.17 25.77 59.43
N GLY F 146 -3.81 26.92 59.21
CA GLY F 146 -4.49 27.55 60.31
C GLY F 146 -5.81 26.83 60.56
N VAL F 147 -6.12 26.43 61.79
CA VAL F 147 -7.30 25.67 62.04
C VAL F 147 -8.32 26.34 62.89
N VAL F 148 -9.52 26.21 62.45
CA VAL F 148 -10.65 26.83 63.11
C VAL F 148 -11.55 25.84 63.78
N GLU F 149 -11.77 26.10 65.09
CA GLU F 149 -12.70 25.35 65.93
C GLU F 149 -14.05 26.05 66.03
N PHE F 150 -15.11 25.27 66.00
CA PHE F 150 -16.47 25.75 66.02
C PHE F 150 -17.15 25.25 67.25
N ASP F 151 -18.16 25.95 67.77
CA ASP F 151 -18.88 25.37 68.93
C ASP F 151 -20.05 24.49 68.42
N GLN F 152 -20.83 23.95 69.34
CA GLN F 152 -21.87 23.01 68.97
C GLN F 152 -22.83 23.71 68.05
N GLY F 153 -22.97 25.01 68.23
CA GLY F 153 -23.83 25.76 67.34
C GLY F 153 -23.23 26.21 66.02
N GLY F 154 -22.00 25.81 65.75
CA GLY F 154 -21.31 26.18 64.53
C GLY F 154 -20.72 27.59 64.46
N LYS F 155 -20.54 28.22 65.60
CA LYS F 155 -19.91 29.52 65.61
C LYS F 155 -18.42 29.28 65.79
N ALA F 156 -17.63 30.06 65.05
CA ALA F 156 -16.16 29.94 65.13
C ALA F 156 -15.73 30.34 66.53
N ILE F 157 -14.94 29.54 67.22
CA ILE F 157 -14.51 29.96 68.53
C ILE F 157 -13.00 30.11 68.80
N SER F 158 -12.13 29.55 67.98
CA SER F 158 -10.66 29.58 68.25
C SER F 158 -9.96 29.30 66.92
N LEU F 159 -8.74 29.83 66.80
CA LEU F 159 -7.85 29.59 65.70
C LEU F 159 -6.52 29.11 66.29
N GLU F 160 -5.88 28.18 65.63
CA GLU F 160 -4.55 27.79 66.00
C GLU F 160 -3.78 27.51 64.75
N GLU F 161 -2.52 27.87 64.70
CA GLU F 161 -1.67 27.75 63.55
C GLU F 161 -0.94 26.43 63.65
N LYS F 162 -1.12 25.60 62.66
CA LYS F 162 -0.44 24.31 62.54
C LYS F 162 -0.39 23.58 63.85
N PRO F 163 -1.52 23.31 64.46
CA PRO F 163 -1.50 22.69 65.77
C PRO F 163 -1.08 21.22 65.71
N LEU F 164 -0.40 20.76 66.75
CA LEU F 164 -0.05 19.36 66.84
C LEU F 164 -1.27 18.50 66.98
N GLU F 165 -2.25 18.90 67.76
CA GLU F 165 -3.48 18.17 67.86
C GLU F 165 -4.64 19.08 67.46
N PRO F 166 -4.94 19.10 66.20
CA PRO F 166 -5.99 19.99 65.72
C PRO F 166 -7.29 19.79 66.39
N LYS F 167 -8.03 20.88 66.55
CA LYS F 167 -9.37 20.79 67.12
C LYS F 167 -10.48 20.53 66.20
N SER F 168 -10.18 20.53 64.90
CA SER F 168 -11.16 20.15 63.93
C SER F 168 -10.42 19.83 62.72
N ASN F 169 -11.17 19.49 61.70
CA ASN F 169 -10.62 19.33 60.36
C ASN F 169 -10.83 20.53 59.44
N TYR F 170 -11.10 21.67 60.05
CA TYR F 170 -11.39 22.89 59.28
C TYR F 170 -10.20 23.78 59.24
N ALA F 171 -9.66 23.91 58.04
CA ALA F 171 -8.61 24.83 57.68
C ALA F 171 -9.09 26.12 57.19
N VAL F 172 -8.35 27.14 57.57
CA VAL F 172 -8.56 28.49 57.04
C VAL F 172 -7.91 28.55 55.66
N THR F 173 -8.67 28.83 54.63
CA THR F 173 -8.07 28.83 53.32
C THR F 173 -7.24 30.15 53.09
N GLY F 174 -6.52 30.17 51.98
CA GLY F 174 -5.61 31.19 51.59
C GLY F 174 -6.24 32.45 50.97
N LEU F 175 -7.34 32.86 51.49
CA LEU F 175 -8.14 33.99 50.98
C LEU F 175 -8.78 34.73 52.09
N TYR F 176 -8.48 36.01 52.21
CA TYR F 176 -8.81 36.78 53.36
C TYR F 176 -9.22 38.19 52.96
N PHE F 177 -10.36 38.69 53.53
CA PHE F 177 -10.86 40.01 53.38
C PHE F 177 -10.68 40.86 54.66
N TYR F 178 -10.22 42.10 54.49
CA TYR F 178 -10.07 42.91 55.63
C TYR F 178 -10.58 44.33 55.49
N ASP F 179 -11.02 44.88 56.62
CA ASP F 179 -11.25 46.36 56.71
C ASP F 179 -9.96 47.10 56.89
N GLN F 180 -10.11 48.40 57.19
CA GLN F 180 -8.98 49.31 57.39
C GLN F 180 -8.15 49.05 58.61
N GLN F 181 -8.57 48.19 59.51
CA GLN F 181 -7.71 47.91 60.68
C GLN F 181 -6.55 46.98 60.47
N VAL F 182 -6.46 46.33 59.30
CA VAL F 182 -5.51 45.27 59.16
C VAL F 182 -4.03 45.70 59.22
N VAL F 183 -3.69 46.83 58.60
CA VAL F 183 -2.27 47.29 58.61
C VAL F 183 -1.77 47.51 60.05
N ASP F 184 -2.55 48.19 60.89
CA ASP F 184 -2.19 48.41 62.30
C ASP F 184 -2.17 47.13 63.12
N ILE F 185 -3.07 46.21 62.84
CA ILE F 185 -2.98 44.93 63.51
C ILE F 185 -1.66 44.25 63.16
N ALA F 186 -1.33 44.14 61.87
CA ALA F 186 -0.08 43.55 61.46
C ALA F 186 1.20 44.24 62.00
N ARG F 187 1.20 45.57 62.04
CA ARG F 187 2.27 46.36 62.64
C ARG F 187 2.55 46.08 64.14
N ASP F 188 1.51 45.75 64.89
CA ASP F 188 1.69 45.42 66.33
C ASP F 188 2.04 43.98 66.53
N LEU F 189 2.15 43.18 65.48
CA LEU F 189 2.49 41.81 65.76
C LEU F 189 3.98 41.61 65.97
N LYS F 190 4.25 40.53 66.65
CA LYS F 190 5.60 40.00 66.87
C LYS F 190 5.70 38.61 66.20
N PRO F 191 6.87 38.20 65.80
CA PRO F 191 7.07 36.89 65.17
C PRO F 191 6.83 35.77 66.09
N SER F 192 6.29 34.71 65.57
CA SER F 192 5.99 33.54 66.36
C SER F 192 7.23 32.72 66.66
N PRO F 193 7.06 31.74 67.53
CA PRO F 193 8.15 30.80 67.84
C PRO F 193 8.80 30.27 66.56
N ARG F 194 7.99 29.84 65.58
N ARG F 194 8.00 29.84 65.57
CA ARG F 194 8.57 29.40 64.31
CA ARG F 194 8.57 29.40 64.31
C ARG F 194 9.17 30.57 63.52
C ARG F 194 9.17 30.57 63.52
N GLY F 195 9.14 31.77 64.10
CA GLY F 195 9.77 32.93 63.45
C GLY F 195 9.07 33.51 62.22
N GLU F 196 7.75 33.60 62.30
N GLU F 196 7.75 33.59 62.31
CA GLU F 196 6.97 34.10 61.22
CA GLU F 196 6.97 34.10 61.21
C GLU F 196 5.92 35.05 61.73
C GLU F 196 5.92 35.05 61.73
N LEU F 197 5.60 36.05 60.93
CA LEU F 197 4.57 37.03 61.25
C LEU F 197 3.26 36.38 60.71
N GLU F 198 2.46 35.86 61.58
CA GLU F 198 1.32 34.93 61.28
C GLU F 198 0.07 35.59 61.01
N ILE F 199 -0.48 35.17 59.92
CA ILE F 199 -1.82 35.71 59.55
C ILE F 199 -2.85 35.21 60.51
N THR F 200 -2.56 34.07 61.13
CA THR F 200 -3.49 33.55 62.12
C THR F 200 -3.61 34.50 63.25
N ASP F 201 -2.51 35.11 63.69
CA ASP F 201 -2.50 36.12 64.72
C ASP F 201 -3.34 37.35 64.28
N VAL F 202 -3.29 37.72 63.02
CA VAL F 202 -4.13 38.85 62.49
C VAL F 202 -5.55 38.46 62.60
N ASN F 203 -5.86 37.25 62.13
CA ASN F 203 -7.26 36.75 62.18
C ASN F 203 -7.79 36.64 63.63
N ARG F 204 -6.94 36.20 64.57
CA ARG F 204 -7.30 36.14 65.99
C ARG F 204 -7.58 37.49 66.60
N ALA F 205 -6.87 38.49 66.17
CA ALA F 205 -7.10 39.76 66.65
C ALA F 205 -8.54 40.25 66.30
N TYR F 206 -9.01 39.95 65.11
CA TYR F 206 -10.38 40.28 64.79
C TYR F 206 -11.37 39.39 65.58
N LEU F 207 -11.03 38.12 65.71
CA LEU F 207 -11.86 37.16 66.41
C LEU F 207 -12.12 37.65 67.85
N GLU F 208 -11.05 38.11 68.49
CA GLU F 208 -11.04 38.58 69.87
C GLU F 208 -11.81 39.86 70.09
N ARG F 209 -12.25 40.52 68.96
CA ARG F 209 -13.00 41.71 69.02
C ARG F 209 -14.42 41.42 68.49
N GLY F 210 -14.70 40.14 68.24
CA GLY F 210 -15.98 39.75 67.71
C GLY F 210 -16.17 40.26 66.31
N GLN F 211 -15.06 40.45 65.60
CA GLN F 211 -15.17 41.00 64.24
C GLN F 211 -14.67 40.13 63.11
N LEU F 212 -14.59 38.84 63.37
CA LEU F 212 -14.15 37.94 62.38
C LEU F 212 -15.29 37.09 61.99
N SER F 213 -15.59 37.17 60.73
CA SER F 213 -16.62 36.36 60.06
C SER F 213 -15.96 35.13 59.40
N VAL F 214 -16.37 33.94 59.79
CA VAL F 214 -15.81 32.71 59.23
C VAL F 214 -16.95 32.10 58.52
N GLU F 215 -16.85 32.04 57.22
CA GLU F 215 -17.80 31.29 56.44
C GLU F 215 -17.34 29.93 56.01
N ILE F 216 -18.24 28.99 56.00
CA ILE F 216 -17.91 27.63 55.41
C ILE F 216 -17.78 27.61 53.95
N MET F 217 -16.63 27.18 53.46
CA MET F 217 -16.56 26.90 52.05
C MET F 217 -16.87 25.41 51.94
N GLY F 218 -18.03 25.07 51.32
CA GLY F 218 -18.61 23.72 51.23
C GLY F 218 -17.77 22.73 50.48
N ARG F 219 -17.96 21.44 50.73
CA ARG F 219 -17.25 20.41 50.02
C ARG F 219 -17.42 20.35 48.51
N GLY F 220 -18.48 20.98 48.02
CA GLY F 220 -18.70 21.16 46.58
C GLY F 220 -17.68 22.08 45.87
N TYR F 221 -16.95 22.85 46.67
CA TYR F 221 -15.89 23.67 46.20
C TYR F 221 -14.60 22.97 46.32
N ALA F 222 -13.77 23.19 45.33
CA ALA F 222 -12.35 22.76 45.41
C ALA F 222 -11.47 23.85 45.82
N TRP F 223 -10.65 23.62 46.83
CA TRP F 223 -9.69 24.54 47.25
C TRP F 223 -8.46 23.63 47.30
N LEU F 224 -7.57 23.91 46.38
CA LEU F 224 -6.32 23.19 46.29
C LEU F 224 -5.10 24.09 46.46
N ASP F 225 -4.00 23.53 46.94
CA ASP F 225 -2.84 24.37 46.88
C ASP F 225 -1.68 23.52 46.34
N THR F 226 -0.87 24.15 45.54
CA THR F 226 0.14 23.40 44.91
C THR F 226 1.47 23.43 45.61
N GLY F 227 1.50 23.30 46.92
CA GLY F 227 2.75 23.33 47.68
C GLY F 227 3.69 22.13 47.59
N THR F 228 3.24 20.96 47.13
CA THR F 228 4.07 19.81 46.93
C THR F 228 3.99 19.33 45.46
N HIS F 229 4.92 18.46 45.14
CA HIS F 229 5.02 17.87 43.79
C HIS F 229 3.73 17.12 43.54
N ASP F 230 3.34 16.32 44.50
CA ASP F 230 2.12 15.56 44.33
C ASP F 230 0.87 16.44 44.15
N SER F 231 0.72 17.51 44.96
CA SER F 231 -0.48 18.28 44.85
C SER F 231 -0.49 19.14 43.60
N LEU F 232 0.69 19.49 43.12
CA LEU F 232 0.76 20.20 41.86
C LEU F 232 0.22 19.28 40.71
N LEU F 233 0.67 18.04 40.66
CA LEU F 233 0.18 17.11 39.63
C LEU F 233 -1.36 16.95 39.70
N GLU F 234 -1.90 16.74 40.88
CA GLU F 234 -3.32 16.62 41.12
C GLU F 234 -4.10 17.81 40.67
N ALA F 235 -3.61 19.04 40.94
CA ALA F 235 -4.30 20.20 40.52
C ALA F 235 -4.31 20.33 38.96
N GLY F 236 -3.21 19.97 38.34
CA GLY F 236 -3.09 19.97 36.89
C GLY F 236 -4.11 19.06 36.28
N GLN F 237 -4.14 17.85 36.79
CA GLN F 237 -5.11 16.85 36.31
C GLN F 237 -6.56 17.31 36.54
N PHE F 238 -6.81 17.94 37.66
CA PHE F 238 -8.12 18.46 37.99
C PHE F 238 -8.58 19.47 36.97
N ILE F 239 -7.77 20.47 36.75
CA ILE F 239 -8.05 21.45 35.71
C ILE F 239 -8.22 20.88 34.27
N ALA F 240 -7.33 20.00 33.89
CA ALA F 240 -7.33 19.37 32.64
C ALA F 240 -8.70 18.60 32.50
N THR F 241 -9.17 17.88 33.52
CA THR F 241 -10.46 17.15 33.34
C THR F 241 -11.58 18.13 33.09
N LEU F 242 -11.68 19.15 33.90
CA LEU F 242 -12.79 20.07 33.68
C LEU F 242 -12.70 20.69 32.28
N GLU F 243 -11.53 21.22 31.93
CA GLU F 243 -11.41 22.00 30.65
C GLU F 243 -11.76 21.11 29.44
N ASN F 244 -11.24 19.88 29.48
CA ASN F 244 -11.41 18.98 28.38
C ASN F 244 -12.84 18.45 28.32
N ARG F 245 -13.54 18.39 29.47
CA ARG F 245 -14.92 17.99 29.45
C ARG F 245 -15.75 19.13 28.87
N GLN F 246 -15.51 20.33 29.34
CA GLN F 246 -16.42 21.45 29.02
C GLN F 246 -16.13 22.20 27.79
N GLY F 247 -14.85 22.18 27.38
CA GLY F 247 -14.39 23.10 26.37
C GLY F 247 -14.43 24.56 26.84
N LEU F 248 -14.36 24.78 28.12
CA LEU F 248 -14.26 26.12 28.74
C LEU F 248 -12.96 26.13 29.58
N LYS F 249 -12.33 27.27 29.72
CA LYS F 249 -11.12 27.33 30.48
C LYS F 249 -11.32 27.94 31.90
N VAL F 250 -10.60 27.41 32.89
CA VAL F 250 -10.63 27.92 34.25
C VAL F 250 -9.63 29.03 34.42
N ALA F 251 -10.02 30.11 35.05
CA ALA F 251 -9.03 31.18 35.34
C ALA F 251 -8.26 31.77 34.10
N CYS F 252 -8.98 32.18 33.06
N CYS F 252 -8.98 32.13 33.04
CA CYS F 252 -8.42 32.83 31.93
CA CYS F 252 -8.40 32.86 31.92
C CYS F 252 -8.70 34.32 32.19
C CYS F 252 -8.71 34.33 32.19
N PRO F 253 -7.69 35.11 32.55
CA PRO F 253 -7.95 36.48 32.89
C PRO F 253 -8.62 37.24 31.77
N GLU F 254 -8.22 36.97 30.53
CA GLU F 254 -8.77 37.71 29.45
C GLU F 254 -10.29 37.45 29.43
N GLU F 255 -10.79 36.24 29.71
CA GLU F 255 -12.23 35.94 29.64
C GLU F 255 -12.95 36.66 30.68
N ILE F 256 -12.35 36.65 31.85
CA ILE F 256 -12.97 37.20 33.00
C ILE F 256 -13.12 38.71 32.83
N ALA F 257 -12.07 39.36 32.38
CA ALA F 257 -12.07 40.79 32.23
C ALA F 257 -13.19 41.20 31.19
N TYR F 258 -13.33 40.40 30.17
CA TYR F 258 -14.37 40.62 29.15
C TYR F 258 -15.76 40.34 29.66
N ARG F 259 -15.94 39.32 30.47
CA ARG F 259 -17.26 39.05 31.01
C ARG F 259 -17.64 40.12 32.04
N GLN F 260 -16.66 40.69 32.75
CA GLN F 260 -16.90 41.75 33.73
C GLN F 260 -17.02 43.16 33.01
N LYS F 261 -16.80 43.21 31.70
CA LYS F 261 -16.89 44.46 30.93
C LYS F 261 -15.69 45.40 31.22
N TRP F 262 -14.62 44.81 31.68
CA TRP F 262 -13.43 45.54 31.90
C TRP F 262 -12.67 45.80 30.64
N ILE F 263 -12.80 44.94 29.63
CA ILE F 263 -12.26 45.17 28.35
C ILE F 263 -13.43 44.94 27.38
N ASP F 264 -13.34 45.52 26.18
CA ASP F 264 -14.41 45.29 25.18
C ASP F 264 -13.97 44.26 24.13
N ALA F 265 -14.88 43.97 23.24
CA ALA F 265 -14.78 42.97 22.19
C ALA F 265 -13.56 43.19 21.32
N ALA F 266 -13.30 44.43 21.01
CA ALA F 266 -12.13 44.78 20.24
C ALA F 266 -10.84 44.53 20.97
N GLN F 267 -10.85 44.76 22.29
CA GLN F 267 -9.65 44.55 23.10
C GLN F 267 -9.37 43.06 23.14
N LEU F 268 -10.44 42.29 23.31
CA LEU F 268 -10.32 40.84 23.42
C LEU F 268 -9.76 40.26 22.13
N GLU F 269 -10.18 40.78 20.99
CA GLU F 269 -9.72 40.23 19.72
C GLU F 269 -8.24 40.55 19.56
N LYS F 270 -7.88 41.77 19.91
CA LYS F 270 -6.47 42.24 19.93
C LYS F 270 -5.62 41.37 20.90
N LEU F 271 -6.17 40.89 22.01
CA LEU F 271 -5.39 39.99 22.88
C LEU F 271 -5.26 38.59 22.29
N ALA F 272 -6.30 38.12 21.65
CA ALA F 272 -6.31 36.81 21.00
C ALA F 272 -5.29 36.62 19.85
N ALA F 273 -5.12 37.65 19.04
CA ALA F 273 -4.22 37.60 17.89
C ALA F 273 -2.86 36.85 18.09
N PRO F 274 -2.08 37.32 19.02
CA PRO F 274 -0.73 36.81 19.16
C PRO F 274 -0.68 35.46 19.77
N LEU F 275 -1.82 34.97 20.22
CA LEU F 275 -1.90 33.66 20.78
C LEU F 275 -2.70 32.78 19.83
N ALA F 276 -2.98 33.33 18.66
CA ALA F 276 -3.88 32.78 17.67
C ALA F 276 -3.52 31.38 17.10
N LYS F 277 -2.26 30.99 17.17
CA LYS F 277 -1.87 29.68 16.63
C LYS F 277 -2.03 28.53 17.64
N ASN F 278 -2.21 28.80 18.92
CA ASN F 278 -2.45 27.68 19.82
C ASN F 278 -3.89 27.78 20.34
N GLY F 279 -4.29 26.76 21.09
CA GLY F 279 -5.65 26.68 21.62
C GLY F 279 -6.14 27.83 22.46
N TYR F 280 -5.23 28.46 23.18
CA TYR F 280 -5.61 29.53 24.12
C TYR F 280 -6.18 30.67 23.34
N GLY F 281 -5.45 31.10 22.31
CA GLY F 281 -5.92 32.17 21.44
C GLY F 281 -7.17 31.85 20.67
N GLN F 282 -7.26 30.60 20.26
CA GLN F 282 -8.48 30.22 19.57
C GLN F 282 -9.70 30.31 20.52
N TYR F 283 -9.45 29.90 21.74
CA TYR F 283 -10.44 29.97 22.78
C TYR F 283 -10.93 31.37 22.92
N LEU F 284 -10.04 32.30 23.06
CA LEU F 284 -10.44 33.70 23.25
C LEU F 284 -11.29 34.19 22.11
N LYS F 285 -10.89 33.80 20.92
CA LYS F 285 -11.68 34.21 19.79
C LYS F 285 -13.06 33.61 19.81
N ARG F 286 -13.19 32.33 20.14
CA ARG F 286 -14.53 31.72 20.21
C ARG F 286 -15.41 32.53 21.19
N LEU F 287 -14.83 33.02 22.25
CA LEU F 287 -15.64 33.73 23.24
C LEU F 287 -16.39 34.92 22.67
N LEU F 288 -15.99 35.36 21.48
CA LEU F 288 -16.65 36.51 20.89
C LEU F 288 -17.89 36.15 20.22
N THR F 289 -17.98 34.90 19.80
CA THR F 289 -19.02 34.39 18.95
C THR F 289 -20.03 33.47 19.68
N GLU F 290 -19.73 33.10 20.91
CA GLU F 290 -20.57 32.11 21.55
C GLU F 290 -21.20 32.63 22.83
N THR F 291 -22.46 32.34 23.10
CA THR F 291 -23.05 32.66 24.40
C THR F 291 -22.78 31.50 25.42
N VAL F 292 -22.17 31.82 26.52
CA VAL F 292 -21.82 30.81 27.58
C VAL F 292 -22.56 31.26 28.84
N TYR F 293 -23.48 30.45 29.34
CA TYR F 293 -24.26 30.81 30.51
C TYR F 293 -23.53 30.60 31.82
N LYS G 2 -43.55 13.30 46.81
CA LYS G 2 -42.97 11.97 46.53
C LYS G 2 -42.68 11.80 45.07
N ARG G 3 -41.47 11.55 44.78
CA ARG G 3 -41.15 11.20 43.41
C ARG G 3 -40.36 9.89 43.54
N LYS G 4 -40.66 8.97 42.66
CA LYS G 4 -39.93 7.70 42.51
C LYS G 4 -38.78 7.73 41.54
N GLY G 5 -37.69 7.07 41.85
CA GLY G 5 -36.62 7.10 40.89
C GLY G 5 -36.29 5.80 40.22
N ILE G 6 -35.60 5.93 39.06
CA ILE G 6 -35.16 4.88 38.26
C ILE G 6 -33.66 5.19 37.93
N ILE G 7 -32.89 4.15 38.15
CA ILE G 7 -31.51 4.12 37.67
C ILE G 7 -31.44 3.18 36.50
N LEU G 8 -31.06 3.67 35.33
CA LEU G 8 -30.78 2.81 34.16
C LEU G 8 -29.33 2.39 34.14
N ALA G 9 -29.10 1.12 34.53
CA ALA G 9 -27.83 0.59 34.78
C ALA G 9 -27.54 -0.68 33.99
N GLY G 10 -28.00 -0.68 32.75
CA GLY G 10 -27.83 -1.79 31.81
C GLY G 10 -26.86 -1.37 30.73
N GLY G 11 -27.19 -1.77 29.51
CA GLY G 11 -26.40 -1.43 28.37
C GLY G 11 -25.31 -2.50 28.24
N SER G 12 -24.70 -2.55 27.07
CA SER G 12 -23.53 -3.46 26.86
C SER G 12 -22.15 -2.87 27.12
N GLY G 13 -22.12 -1.57 27.30
CA GLY G 13 -20.85 -0.86 27.54
C GLY G 13 -19.75 -1.17 26.51
N THR G 14 -20.16 -1.20 25.26
CA THR G 14 -19.27 -1.59 24.12
C THR G 14 -17.96 -0.78 24.04
N ARG G 15 -18.08 0.55 24.25
CA ARG G 15 -16.87 1.38 24.22
C ARG G 15 -15.86 0.98 25.29
N LEU G 16 -16.32 0.33 26.36
CA LEU G 16 -15.43 -0.10 27.45
C LEU G 16 -14.79 -1.48 27.19
N HIS G 17 -15.18 -2.15 26.13
CA HIS G 17 -14.70 -3.49 26.01
C HIS G 17 -13.17 -3.51 26.15
N PRO G 18 -12.54 -4.60 26.52
CA PRO G 18 -13.08 -5.91 26.85
C PRO G 18 -13.36 -5.85 28.34
N ALA G 19 -13.07 -4.74 28.97
CA ALA G 19 -13.32 -4.59 30.38
C ALA G 19 -14.74 -4.96 30.74
N THR G 20 -15.69 -4.49 29.93
CA THR G 20 -17.04 -4.73 30.24
C THR G 20 -17.53 -6.10 29.92
N LEU G 21 -16.72 -6.99 29.34
CA LEU G 21 -17.10 -8.39 29.17
C LEU G 21 -17.18 -9.10 30.55
N ALA G 22 -16.39 -8.58 31.46
CA ALA G 22 -16.22 -9.10 32.81
C ALA G 22 -17.19 -8.51 33.85
N ILE G 23 -17.61 -7.27 33.67
CA ILE G 23 -18.44 -6.57 34.63
C ILE G 23 -19.28 -5.54 33.87
N SER G 24 -20.48 -5.23 34.39
CA SER G 24 -21.25 -4.08 33.90
C SER G 24 -20.43 -2.84 34.20
N LYS G 25 -20.52 -1.87 33.34
CA LYS G 25 -19.87 -0.56 33.57
C LYS G 25 -20.30 0.08 34.85
N GLN G 26 -21.56 -0.18 35.27
CA GLN G 26 -22.10 0.40 36.44
C GLN G 26 -21.61 -0.23 37.73
N LEU G 27 -20.90 -1.36 37.62
CA LEU G 27 -20.33 -1.96 38.79
C LEU G 27 -18.85 -1.69 38.98
N LEU G 28 -18.15 -1.30 37.90
CA LEU G 28 -16.72 -0.92 37.91
C LEU G 28 -16.50 0.26 38.82
N PRO G 29 -15.39 0.34 39.50
CA PRO G 29 -15.24 1.39 40.44
C PRO G 29 -14.86 2.75 39.74
N VAL G 30 -15.26 3.81 40.44
CA VAL G 30 -14.73 5.18 40.16
C VAL G 30 -13.99 5.56 41.33
N TYR G 31 -12.71 5.32 41.24
CA TYR G 31 -11.75 5.42 42.32
C TYR G 31 -11.99 4.38 43.47
N ASP G 32 -12.87 4.64 44.38
CA ASP G 32 -13.03 3.85 45.58
C ASP G 32 -14.35 3.13 45.85
N LYS G 33 -15.33 3.35 44.96
CA LYS G 33 -16.65 2.79 45.12
C LYS G 33 -17.26 2.53 43.70
N PRO G 34 -18.22 1.61 43.62
CA PRO G 34 -18.81 1.25 42.35
C PRO G 34 -19.50 2.51 41.65
N MET G 35 -19.50 2.59 40.31
N MET G 35 -19.46 2.59 40.34
CA MET G 35 -20.03 3.72 39.54
CA MET G 35 -20.02 3.64 39.56
C MET G 35 -21.42 3.90 39.98
C MET G 35 -21.42 3.90 39.98
N ILE G 36 -22.17 2.85 40.29
CA ILE G 36 -23.61 3.06 40.59
C ILE G 36 -23.90 3.83 41.85
N TYR G 37 -22.96 3.89 42.80
CA TYR G 37 -23.12 4.68 43.99
C TYR G 37 -23.33 6.15 43.66
N TYR G 38 -22.75 6.53 42.47
CA TYR G 38 -22.79 7.99 42.12
C TYR G 38 -24.23 8.44 41.72
N PRO G 39 -24.82 7.86 40.71
CA PRO G 39 -26.21 8.18 40.43
C PRO G 39 -27.18 7.81 41.52
N LEU G 40 -27.00 6.73 42.29
CA LEU G 40 -27.78 6.50 43.52
C LEU G 40 -27.77 7.73 44.41
N SER G 41 -26.54 8.22 44.72
CA SER G 41 -26.42 9.39 45.58
C SER G 41 -27.18 10.62 45.02
N THR G 42 -27.21 10.76 43.71
CA THR G 42 -27.91 11.81 43.05
C THR G 42 -29.33 11.79 43.32
N LEU G 43 -29.92 10.59 43.17
CA LEU G 43 -31.29 10.45 43.53
C LEU G 43 -31.59 10.73 45.01
N MET G 44 -30.77 10.16 45.87
CA MET G 44 -30.83 10.38 47.31
C MET G 44 -30.80 11.89 47.66
N LEU G 45 -29.82 12.63 47.07
CA LEU G 45 -29.70 14.07 47.28
C LEU G 45 -30.91 14.78 46.62
N ALA G 46 -31.64 14.12 45.73
CA ALA G 46 -32.94 14.63 45.35
C ALA G 46 -34.12 14.36 46.27
N GLY G 47 -33.94 13.66 47.42
CA GLY G 47 -35.01 13.41 48.38
C GLY G 47 -35.76 12.08 47.97
N ILE G 48 -35.23 11.33 47.05
CA ILE G 48 -35.81 10.12 46.54
C ILE G 48 -35.31 8.92 47.21
N ARG G 49 -36.25 8.16 47.78
CA ARG G 49 -35.94 7.01 48.60
C ARG G 49 -36.35 5.69 47.99
N GLU G 50 -37.28 5.75 47.06
CA GLU G 50 -37.86 4.55 46.44
C GLU G 50 -37.41 4.48 45.03
N ILE G 51 -36.53 3.54 44.74
CA ILE G 51 -35.77 3.61 43.49
C ILE G 51 -35.75 2.22 42.81
N LEU G 52 -35.96 2.20 41.54
CA LEU G 52 -35.93 1.00 40.72
C LEU G 52 -34.63 1.03 39.89
N ILE G 53 -33.85 0.01 40.11
CA ILE G 53 -32.65 -0.26 39.36
C ILE G 53 -32.83 -1.23 38.24
N ILE G 54 -32.73 -0.69 37.00
CA ILE G 54 -32.85 -1.47 35.78
C ILE G 54 -31.45 -1.87 35.28
N SER G 55 -31.30 -3.16 35.01
CA SER G 55 -30.04 -3.62 34.42
C SER G 55 -30.29 -4.80 33.49
N THR G 56 -29.23 -5.45 33.07
CA THR G 56 -29.28 -6.55 32.09
C THR G 56 -29.69 -7.77 32.84
N PRO G 57 -30.06 -8.79 32.15
CA PRO G 57 -30.37 -10.05 32.84
C PRO G 57 -29.17 -10.56 33.65
N GLN G 58 -27.96 -10.50 33.06
CA GLN G 58 -26.79 -11.03 33.78
C GLN G 58 -26.29 -10.19 34.93
N ASP G 59 -26.43 -8.87 34.86
CA ASP G 59 -25.88 -8.07 35.95
C ASP G 59 -26.86 -7.70 37.05
N THR G 60 -28.14 -7.78 36.81
CA THR G 60 -29.11 -7.43 37.86
C THR G 60 -28.77 -8.16 39.19
N PRO G 61 -28.46 -9.43 39.18
CA PRO G 61 -28.15 -10.07 40.46
C PRO G 61 -26.94 -9.45 41.17
N ARG G 62 -25.98 -8.93 40.41
CA ARG G 62 -24.79 -8.39 41.06
C ARG G 62 -25.15 -7.08 41.76
N PHE G 63 -26.06 -6.29 41.23
CA PHE G 63 -26.51 -5.08 41.82
C PHE G 63 -27.30 -5.39 43.06
N GLN G 64 -28.08 -6.50 43.03
CA GLN G 64 -28.79 -6.93 44.23
C GLN G 64 -27.87 -7.41 45.30
N GLN G 65 -26.82 -8.15 44.97
CA GLN G 65 -25.83 -8.56 45.94
C GLN G 65 -25.15 -7.37 46.60
N LEU G 66 -24.83 -6.38 45.78
CA LEU G 66 -24.26 -5.15 46.22
C LEU G 66 -25.09 -4.25 47.17
N LEU G 67 -26.30 -4.00 46.76
CA LEU G 67 -27.21 -3.05 47.39
C LEU G 67 -28.38 -3.56 48.18
N GLY G 68 -28.68 -4.83 48.01
CA GLY G 68 -29.81 -5.44 48.66
C GLY G 68 -31.08 -4.71 48.42
N ASP G 69 -31.96 -4.73 49.43
CA ASP G 69 -33.24 -4.02 49.22
C ASP G 69 -33.24 -2.55 49.63
N GLY G 70 -32.09 -2.14 50.12
CA GLY G 70 -31.82 -0.78 50.55
C GLY G 70 -32.26 -0.39 51.96
N SER G 71 -32.93 -1.30 52.65
CA SER G 71 -33.50 -1.03 53.95
C SER G 71 -32.39 -0.63 54.93
N ASN G 72 -31.16 -1.15 54.80
CA ASN G 72 -30.11 -0.85 55.68
C ASN G 72 -29.67 0.61 55.48
N TRP G 73 -30.01 1.18 54.36
CA TRP G 73 -29.72 2.57 54.07
C TRP G 73 -30.96 3.48 54.08
N GLY G 74 -32.07 2.98 54.63
CA GLY G 74 -33.30 3.76 54.75
C GLY G 74 -33.97 4.00 53.38
N LEU G 75 -33.60 3.20 52.39
CA LEU G 75 -34.16 3.24 51.05
C LEU G 75 -35.06 2.01 50.76
N ASP G 76 -35.81 2.18 49.71
CA ASP G 76 -36.66 1.10 49.11
C ASP G 76 -36.16 0.88 47.69
N LEU G 77 -35.24 -0.08 47.50
CA LEU G 77 -34.66 -0.44 46.27
C LEU G 77 -35.34 -1.73 45.76
N GLN G 78 -35.78 -1.61 44.52
CA GLN G 78 -36.37 -2.67 43.70
C GLN G 78 -35.60 -2.83 42.36
N TYR G 79 -35.67 -4.02 41.76
CA TYR G 79 -34.87 -4.39 40.60
C TYR G 79 -35.74 -4.83 39.47
N ALA G 80 -35.35 -4.43 38.28
CA ALA G 80 -35.99 -4.90 37.08
C ALA G 80 -34.99 -5.16 36.01
N VAL G 81 -35.34 -6.00 35.03
CA VAL G 81 -34.45 -6.39 33.90
C VAL G 81 -34.84 -5.81 32.59
N GLN G 82 -33.89 -5.23 31.89
CA GLN G 82 -34.14 -4.79 30.51
C GLN G 82 -33.45 -5.88 29.67
N PRO G 83 -34.20 -6.67 28.91
CA PRO G 83 -33.57 -7.82 28.23
C PRO G 83 -32.62 -7.42 27.13
N SER G 84 -32.91 -6.32 26.43
CA SER G 84 -32.00 -5.79 25.43
C SER G 84 -31.88 -4.28 25.54
N PRO G 85 -30.68 -3.72 25.34
CA PRO G 85 -30.52 -2.28 25.55
C PRO G 85 -31.08 -1.48 24.41
N ASP G 86 -32.38 -1.38 24.38
CA ASP G 86 -33.09 -0.84 23.25
C ASP G 86 -33.63 0.57 23.44
N GLY G 87 -33.04 1.32 24.37
CA GLY G 87 -33.35 2.73 24.53
C GLY G 87 -33.64 3.14 25.94
N LEU G 88 -33.21 4.37 26.27
CA LEU G 88 -33.37 4.95 27.60
C LEU G 88 -34.85 5.04 27.90
N ALA G 89 -35.65 5.44 26.95
CA ALA G 89 -37.06 5.48 27.20
C ALA G 89 -37.73 4.15 27.60
N GLN G 90 -37.12 3.02 27.37
CA GLN G 90 -37.74 1.79 27.86
C GLN G 90 -37.90 1.82 29.39
N ALA G 91 -37.11 2.62 30.05
CA ALA G 91 -37.14 2.63 31.52
C ALA G 91 -38.59 2.87 31.91
N PHE G 92 -39.27 3.74 31.18
CA PHE G 92 -40.63 4.03 31.51
C PHE G 92 -41.69 2.95 31.28
N LEU G 93 -41.39 2.06 30.38
CA LEU G 93 -42.28 0.97 29.97
C LEU G 93 -41.98 -0.13 30.99
N ILE G 94 -40.72 -0.36 31.24
CA ILE G 94 -40.31 -1.30 32.23
C ILE G 94 -40.81 -0.87 33.61
N GLY G 95 -40.72 0.43 33.88
CA GLY G 95 -41.09 0.88 35.18
C GLY G 95 -42.47 1.44 35.31
N GLU G 96 -43.30 1.13 34.32
N GLU G 96 -43.30 1.11 34.33
CA GLU G 96 -44.67 1.76 34.27
CA GLU G 96 -44.65 1.73 34.28
C GLU G 96 -45.50 1.53 35.54
C GLU G 96 -45.49 1.52 35.56
N SER G 97 -45.53 0.30 36.05
N SER G 97 -45.54 0.28 36.06
CA SER G 97 -46.34 -0.01 37.19
CA SER G 97 -46.32 -0.01 37.23
C SER G 97 -45.59 0.44 38.50
C SER G 97 -45.59 0.47 38.50
N PHE G 98 -44.26 0.44 38.46
CA PHE G 98 -43.49 0.88 39.61
C PHE G 98 -43.78 2.39 39.82
N ILE G 99 -43.87 3.11 38.74
CA ILE G 99 -44.15 4.52 38.83
C ILE G 99 -45.62 4.77 39.25
N GLY G 100 -46.56 4.02 38.65
CA GLY G 100 -47.96 4.27 38.92
C GLY G 100 -48.41 5.71 38.53
N ASN G 101 -49.12 6.36 39.44
CA ASN G 101 -49.54 7.73 39.15
C ASN G 101 -48.66 8.74 39.84
N ASP G 102 -47.37 8.48 39.98
CA ASP G 102 -46.45 9.33 40.71
C ASP G 102 -45.50 10.05 39.77
N LEU G 103 -44.97 11.16 40.27
CA LEU G 103 -43.94 11.86 39.63
C LEU G 103 -42.74 10.93 39.65
N SER G 104 -41.83 11.11 38.69
CA SER G 104 -40.68 10.30 38.60
C SER G 104 -39.37 11.05 38.26
N ALA G 105 -38.30 10.28 38.28
CA ALA G 105 -36.96 10.76 37.88
C ALA G 105 -36.18 9.63 37.33
N LEU G 106 -35.42 9.93 36.30
CA LEU G 106 -34.49 8.98 35.76
C LEU G 106 -33.12 9.53 35.72
N VAL G 107 -32.19 8.73 36.21
CA VAL G 107 -30.77 9.00 36.18
C VAL G 107 -30.02 7.87 35.48
N LEU G 108 -29.02 8.25 34.70
CA LEU G 108 -28.30 7.26 33.97
C LEU G 108 -27.17 6.75 34.79
N GLY G 109 -26.97 5.46 34.65
CA GLY G 109 -26.01 4.74 35.46
C GLY G 109 -24.56 5.15 35.39
N ASP G 110 -24.07 5.73 34.28
CA ASP G 110 -22.68 6.01 34.19
C ASP G 110 -22.44 7.49 34.35
N ASN G 111 -23.43 8.26 34.76
CA ASN G 111 -23.30 9.70 35.00
C ASN G 111 -22.90 10.05 36.42
N LEU G 112 -21.96 11.00 36.59
CA LEU G 112 -21.48 11.47 37.89
C LEU G 112 -21.59 13.03 37.90
N TYR G 113 -22.15 13.56 38.96
CA TYR G 113 -22.31 14.99 39.09
C TYR G 113 -21.62 15.36 40.34
N TYR G 114 -21.08 16.61 40.40
N TYR G 114 -21.12 16.60 40.40
CA TYR G 114 -20.53 17.09 41.65
CA TYR G 114 -20.53 17.10 41.63
C TYR G 114 -20.47 18.59 41.59
C TYR G 114 -20.43 18.60 41.60
N GLY G 115 -20.88 19.24 42.66
CA GLY G 115 -20.68 20.65 42.84
C GLY G 115 -21.46 21.26 44.02
N HIS G 116 -21.09 22.50 44.39
CA HIS G 116 -21.63 23.23 45.47
C HIS G 116 -23.07 23.52 45.20
N ASP G 117 -23.87 23.33 46.20
CA ASP G 117 -25.32 23.50 46.11
C ASP G 117 -26.04 22.57 45.14
N PHE G 118 -25.42 21.48 44.78
CA PHE G 118 -26.07 20.43 43.96
C PHE G 118 -27.44 19.98 44.55
N HIS G 119 -27.54 19.83 45.85
CA HIS G 119 -28.77 19.55 46.55
C HIS G 119 -29.87 20.53 46.22
N GLU G 120 -29.56 21.81 46.22
CA GLU G 120 -30.52 22.85 45.89
C GLU G 120 -31.00 22.80 44.44
N LEU G 121 -30.08 22.56 43.53
CA LEU G 121 -30.35 22.43 42.10
C LEU G 121 -31.29 21.18 41.92
N LEU G 122 -30.96 20.06 42.53
CA LEU G 122 -31.82 18.86 42.54
C LEU G 122 -33.21 19.10 43.14
N GLY G 123 -33.24 19.74 44.31
CA GLY G 123 -34.47 20.00 45.03
C GLY G 123 -35.42 20.84 44.27
N SER G 124 -34.85 21.84 43.61
CA SER G 124 -35.71 22.65 42.81
C SER G 124 -36.48 21.89 41.80
N ALA G 125 -35.78 20.97 41.14
CA ALA G 125 -36.40 20.27 40.03
C ALA G 125 -37.31 19.22 40.55
N SER G 126 -36.88 18.59 41.66
CA SER G 126 -37.62 17.48 42.18
C SER G 126 -38.92 17.93 42.82
N GLN G 127 -38.93 19.17 43.25
CA GLN G 127 -40.05 19.70 44.03
C GLN G 127 -41.07 20.31 43.13
N ARG G 128 -40.72 20.50 41.88
CA ARG G 128 -41.73 20.82 40.97
C ARG G 128 -42.75 19.70 40.88
N GLN G 129 -43.97 20.00 40.44
CA GLN G 129 -45.04 18.99 40.34
C GLN G 129 -45.72 18.96 38.93
N THR G 130 -45.10 19.49 37.92
CA THR G 130 -45.60 19.61 36.50
C THR G 130 -44.48 19.65 35.52
N GLY G 131 -44.76 19.17 34.29
CA GLY G 131 -43.90 19.01 33.16
C GLY G 131 -42.71 18.10 33.38
N ALA G 132 -41.68 18.46 32.62
CA ALA G 132 -40.36 17.79 32.62
C ALA G 132 -39.25 18.77 32.99
N SER G 133 -38.17 18.33 33.73
CA SER G 133 -37.04 19.21 33.93
C SER G 133 -35.75 18.39 33.55
N VAL G 134 -34.90 19.01 32.75
CA VAL G 134 -33.58 18.59 32.33
C VAL G 134 -32.56 19.69 32.56
N PHE G 135 -31.30 19.32 32.45
CA PHE G 135 -30.17 20.16 32.72
C PHE G 135 -29.27 20.19 31.50
N ALA G 136 -28.92 21.44 31.17
CA ALA G 136 -28.04 21.73 30.05
C ALA G 136 -26.65 22.07 30.58
N TYR G 137 -25.64 21.45 29.98
CA TYR G 137 -24.24 21.64 30.39
C TYR G 137 -23.31 21.84 29.20
N HIS G 138 -22.49 22.88 29.23
CA HIS G 138 -21.53 23.18 28.18
C HIS G 138 -20.46 22.11 28.11
N VAL G 139 -20.30 21.51 26.94
CA VAL G 139 -19.30 20.51 26.68
C VAL G 139 -18.52 20.82 25.41
N LEU G 140 -17.34 20.21 25.36
CA LEU G 140 -16.48 20.23 24.26
C LEU G 140 -16.99 19.39 23.09
N ASP G 141 -17.58 18.19 23.31
CA ASP G 141 -18.02 17.36 22.20
C ASP G 141 -19.55 17.07 22.24
N PRO G 142 -20.35 18.08 21.99
CA PRO G 142 -21.84 17.99 22.06
C PRO G 142 -22.42 16.93 21.15
N GLU G 143 -21.74 16.66 20.02
CA GLU G 143 -22.21 15.66 19.03
C GLU G 143 -22.43 14.25 19.57
N ARG G 144 -21.89 13.96 20.75
CA ARG G 144 -22.06 12.68 21.39
C ARG G 144 -23.29 12.61 22.33
N TYR G 145 -24.08 13.69 22.42
CA TYR G 145 -25.13 13.81 23.39
C TYR G 145 -26.36 14.33 22.76
N GLY G 146 -27.40 14.39 23.55
CA GLY G 146 -28.58 15.11 23.22
C GLY G 146 -28.18 16.59 23.39
N VAL G 147 -28.53 17.43 22.45
CA VAL G 147 -28.07 18.84 22.33
C VAL G 147 -29.30 19.72 22.28
N VAL G 148 -29.27 20.74 23.13
CA VAL G 148 -30.34 21.70 23.27
C VAL G 148 -29.85 23.02 22.68
N GLU G 149 -30.68 23.55 21.79
CA GLU G 149 -30.44 24.91 21.23
C GLU G 149 -31.33 25.91 21.89
N PHE G 150 -30.82 27.08 22.19
CA PHE G 150 -31.63 28.12 22.85
C PHE G 150 -31.72 29.32 21.92
N ASP G 151 -32.77 30.14 22.02
CA ASP G 151 -32.87 31.39 21.23
C ASP G 151 -32.10 32.50 21.89
N GLN G 152 -32.12 33.68 21.30
CA GLN G 152 -31.30 34.82 21.79
C GLN G 152 -31.67 35.19 23.19
N GLY G 153 -32.94 35.05 23.46
CA GLY G 153 -33.41 35.20 24.81
C GLY G 153 -33.06 34.10 25.83
N GLY G 154 -32.56 32.96 25.45
CA GLY G 154 -32.30 31.93 26.52
C GLY G 154 -33.32 30.80 26.65
N LYS G 155 -34.32 30.88 25.78
CA LYS G 155 -35.35 29.89 25.65
C LYS G 155 -34.92 28.71 24.76
N ALA G 156 -35.18 27.52 25.24
CA ALA G 156 -34.76 26.34 24.55
C ALA G 156 -35.74 26.18 23.42
N ILE G 157 -35.25 25.92 22.23
CA ILE G 157 -36.12 25.84 21.04
C ILE G 157 -35.99 24.60 20.19
N SER G 158 -34.86 23.88 20.33
CA SER G 158 -34.78 22.55 19.71
C SER G 158 -33.91 21.58 20.51
N LEU G 159 -34.18 20.32 20.26
CA LEU G 159 -33.40 19.23 20.76
C LEU G 159 -33.05 18.28 19.66
N GLU G 160 -31.81 17.83 19.59
CA GLU G 160 -31.41 16.80 18.66
C GLU G 160 -30.53 15.76 19.34
N GLU G 161 -30.74 14.46 19.07
CA GLU G 161 -29.89 13.42 19.56
C GLU G 161 -28.66 13.19 18.69
N LYS G 162 -27.47 13.35 19.25
CA LYS G 162 -26.23 13.10 18.60
C LYS G 162 -26.17 13.64 17.19
N PRO G 163 -26.32 14.94 17.02
CA PRO G 163 -26.27 15.59 15.71
C PRO G 163 -24.88 15.70 15.23
N LEU G 164 -24.71 15.46 13.92
CA LEU G 164 -23.41 15.57 13.29
C LEU G 164 -22.95 17.03 13.35
N GLU G 165 -23.88 17.92 13.33
CA GLU G 165 -23.58 19.37 13.33
C GLU G 165 -24.41 20.05 14.44
N PRO G 166 -23.96 19.96 15.67
CA PRO G 166 -24.72 20.51 16.81
C PRO G 166 -24.98 21.94 16.66
N LYS G 167 -26.16 22.35 17.05
CA LYS G 167 -26.54 23.78 17.08
C LYS G 167 -26.10 24.54 18.25
N SER G 168 -25.51 23.85 19.23
CA SER G 168 -24.92 24.50 20.33
C SER G 168 -23.92 23.57 20.95
N ASN G 169 -23.30 24.05 22.02
CA ASN G 169 -22.38 23.21 22.80
C ASN G 169 -23.03 22.77 24.09
N TYR G 170 -24.36 22.93 24.22
CA TYR G 170 -25.01 22.52 25.48
C TYR G 170 -25.62 21.08 25.43
N ALA G 171 -25.00 20.16 26.11
CA ALA G 171 -25.56 18.79 26.17
C ALA G 171 -26.68 18.72 27.18
N VAL G 172 -27.70 17.84 26.94
CA VAL G 172 -28.62 17.52 27.95
C VAL G 172 -28.05 16.38 28.79
N THR G 173 -27.95 16.51 30.10
CA THR G 173 -27.22 15.52 30.89
C THR G 173 -28.18 14.37 31.13
N GLY G 174 -27.64 13.34 31.77
CA GLY G 174 -28.33 12.10 32.00
C GLY G 174 -29.14 12.11 33.29
N LEU G 175 -29.85 13.22 33.51
CA LEU G 175 -30.68 13.37 34.70
C LEU G 175 -31.99 13.95 34.27
N TYR G 176 -33.12 13.26 34.50
CA TYR G 176 -34.41 13.76 34.02
C TYR G 176 -35.55 13.66 35.10
N PHE G 177 -36.33 14.73 35.26
CA PHE G 177 -37.48 14.70 36.17
C PHE G 177 -38.79 14.80 35.33
N TYR G 178 -39.77 13.95 35.62
CA TYR G 178 -41.06 13.92 34.91
C TYR G 178 -42.30 13.92 35.81
N ASP G 179 -43.36 14.50 35.24
CA ASP G 179 -44.65 14.51 35.80
C ASP G 179 -45.38 13.20 35.38
N GLN G 180 -46.70 13.12 35.54
CA GLN G 180 -47.44 11.88 35.16
C GLN G 180 -47.62 11.64 33.64
N GLN G 181 -47.16 12.52 32.83
CA GLN G 181 -47.32 12.44 31.39
C GLN G 181 -46.29 11.52 30.73
N VAL G 182 -45.19 11.21 31.41
CA VAL G 182 -44.11 10.53 30.71
C VAL G 182 -44.39 9.10 30.26
N VAL G 183 -45.04 8.30 31.08
CA VAL G 183 -45.32 6.88 30.73
C VAL G 183 -46.12 6.77 29.40
N ASP G 184 -47.18 7.59 29.22
CA ASP G 184 -47.99 7.54 27.98
C ASP G 184 -47.24 8.09 26.76
N ILE G 185 -46.41 9.11 26.97
CA ILE G 185 -45.55 9.60 25.96
C ILE G 185 -44.62 8.47 25.51
N ALA G 186 -44.09 7.70 26.47
CA ALA G 186 -43.10 6.65 26.16
C ALA G 186 -43.81 5.52 25.40
N ARG G 187 -45.05 5.24 25.81
CA ARG G 187 -45.83 4.19 25.16
C ARG G 187 -46.03 4.41 23.65
N ASP G 188 -46.07 5.65 23.26
CA ASP G 188 -46.34 6.05 21.88
C ASP G 188 -45.06 6.24 21.07
N LEU G 189 -43.89 6.10 21.68
CA LEU G 189 -42.68 6.21 20.90
C LEU G 189 -42.42 5.05 19.98
N LYS G 190 -41.79 5.37 18.86
CA LYS G 190 -41.24 4.34 17.99
C LYS G 190 -39.72 4.44 18.00
N PRO G 191 -39.02 3.40 17.65
CA PRO G 191 -37.55 3.39 17.64
C PRO G 191 -37.04 4.28 16.56
N SER G 192 -35.90 4.86 16.86
CA SER G 192 -35.36 5.83 15.97
C SER G 192 -34.65 5.10 14.86
N PRO G 193 -34.05 5.85 13.96
CA PRO G 193 -33.27 5.22 12.90
C PRO G 193 -32.10 4.49 13.55
N ARG G 194 -31.62 4.96 14.72
CA ARG G 194 -30.58 4.29 15.48
C ARG G 194 -31.08 2.96 16.06
N GLY G 195 -32.39 2.73 16.00
CA GLY G 195 -32.91 1.54 16.65
C GLY G 195 -33.17 1.64 18.21
N GLU G 196 -33.37 2.85 18.71
CA GLU G 196 -33.59 2.99 20.14
C GLU G 196 -34.83 3.79 20.45
N LEU G 197 -35.40 3.56 21.63
CA LEU G 197 -36.50 4.40 22.12
C LEU G 197 -35.80 5.51 22.88
N GLU G 198 -35.83 6.69 22.32
CA GLU G 198 -35.03 7.82 22.78
C GLU G 198 -35.63 8.73 23.84
N ILE G 199 -34.82 9.06 24.83
CA ILE G 199 -35.20 9.97 25.88
C ILE G 199 -35.37 11.29 25.28
N THR G 200 -34.58 11.58 24.27
CA THR G 200 -34.66 12.88 23.56
C THR G 200 -36.01 13.06 22.93
N ASP G 201 -36.59 11.99 22.40
CA ASP G 201 -37.95 12.09 21.88
C ASP G 201 -38.99 12.38 22.96
N VAL G 202 -38.82 11.78 24.15
CA VAL G 202 -39.68 12.10 25.27
C VAL G 202 -39.56 13.61 25.57
N ASN G 203 -38.35 14.08 25.71
CA ASN G 203 -38.10 15.44 26.05
C ASN G 203 -38.70 16.45 25.06
N ARG G 204 -38.58 16.11 23.77
CA ARG G 204 -39.18 16.94 22.71
C ARG G 204 -40.71 17.01 22.76
N ALA G 205 -41.34 15.90 23.17
CA ALA G 205 -42.80 15.86 23.36
C ALA G 205 -43.25 16.92 24.40
N TYR G 206 -42.48 17.00 25.51
CA TYR G 206 -42.68 18.02 26.46
C TYR G 206 -42.37 19.47 25.86
N LEU G 207 -41.26 19.60 25.13
CA LEU G 207 -40.87 20.88 24.57
C LEU G 207 -42.01 21.41 23.69
N GLU G 208 -42.49 20.53 22.86
CA GLU G 208 -43.65 20.82 21.96
C GLU G 208 -44.92 21.38 22.66
N ARG G 209 -45.17 20.96 23.87
CA ARG G 209 -46.34 21.48 24.61
C ARG G 209 -45.99 22.61 25.50
N GLY G 210 -44.78 23.08 25.35
CA GLY G 210 -44.21 24.09 26.22
C GLY G 210 -44.16 23.72 27.69
N GLN G 211 -43.84 22.49 27.96
CA GLN G 211 -43.70 22.04 29.31
C GLN G 211 -42.39 21.37 29.67
N LEU G 212 -41.36 21.70 28.94
CA LEU G 212 -40.03 21.29 29.32
C LEU G 212 -39.26 22.43 29.92
N SER G 213 -38.76 22.24 31.14
CA SER G 213 -37.92 23.21 31.77
C SER G 213 -36.41 22.75 31.59
N VAL G 214 -35.64 23.61 31.00
CA VAL G 214 -34.22 23.33 30.73
C VAL G 214 -33.44 24.27 31.65
N GLU G 215 -32.79 23.72 32.64
CA GLU G 215 -32.08 24.55 33.52
C GLU G 215 -30.58 24.39 33.22
N ILE G 216 -29.87 25.52 33.22
CA ILE G 216 -28.43 25.53 33.02
C ILE G 216 -27.73 24.92 34.21
N MET G 217 -26.87 23.99 33.94
CA MET G 217 -25.95 23.48 34.97
C MET G 217 -24.64 24.14 34.71
N GLY G 218 -24.25 25.08 35.55
CA GLY G 218 -23.13 25.95 35.34
C GLY G 218 -21.77 25.26 35.33
N ARG G 219 -20.81 25.93 34.75
CA ARG G 219 -19.43 25.41 34.64
C ARG G 219 -18.76 25.08 35.96
N GLY G 220 -19.26 25.70 36.98
CA GLY G 220 -18.91 25.39 38.40
C GLY G 220 -19.14 23.95 38.87
N TYR G 221 -20.10 23.32 38.24
CA TYR G 221 -20.34 21.88 38.48
C TYR G 221 -19.53 21.03 37.59
N ALA G 222 -19.21 19.81 38.06
CA ALA G 222 -18.60 18.82 37.17
C ALA G 222 -19.71 17.82 36.78
N TRP G 223 -19.91 17.56 35.48
CA TRP G 223 -20.79 16.48 34.97
C TRP G 223 -19.89 15.66 34.11
N LEU G 224 -19.58 14.41 34.54
CA LEU G 224 -18.76 13.56 33.78
C LEU G 224 -19.50 12.31 33.52
N ASP G 225 -19.08 11.61 32.51
CA ASP G 225 -19.56 10.26 32.36
C ASP G 225 -18.38 9.34 32.03
N THR G 226 -18.59 8.06 32.33
CA THR G 226 -17.67 6.98 32.20
C THR G 226 -17.81 6.04 31.04
N GLY G 227 -18.32 6.61 30.00
CA GLY G 227 -18.44 5.88 28.75
C GLY G 227 -17.19 5.46 27.95
N THR G 228 -16.03 6.14 28.11
CA THR G 228 -14.82 5.67 27.52
C THR G 228 -13.82 5.29 28.56
N HIS G 229 -12.78 4.54 28.15
CA HIS G 229 -11.66 4.15 28.99
C HIS G 229 -11.06 5.38 29.60
N ASP G 230 -10.88 6.35 28.75
CA ASP G 230 -10.28 7.59 29.13
C ASP G 230 -11.11 8.38 30.12
N SER G 231 -12.40 8.58 29.84
CA SER G 231 -13.25 9.35 30.61
C SER G 231 -13.44 8.67 31.99
N LEU G 232 -13.47 7.34 32.03
CA LEU G 232 -13.56 6.63 33.24
C LEU G 232 -12.36 6.91 34.16
N LEU G 233 -11.19 6.92 33.56
CA LEU G 233 -9.96 7.17 34.32
C LEU G 233 -9.91 8.60 34.85
N GLU G 234 -10.30 9.55 34.01
CA GLU G 234 -10.38 10.94 34.38
C GLU G 234 -11.34 11.13 35.53
N ALA G 235 -12.49 10.47 35.52
CA ALA G 235 -13.44 10.55 36.64
C ALA G 235 -12.85 10.06 37.90
N GLY G 236 -12.13 8.91 37.83
CA GLY G 236 -11.50 8.31 38.94
C GLY G 236 -10.49 9.27 39.60
N GLN G 237 -9.64 9.84 38.79
CA GLN G 237 -8.69 10.83 39.28
C GLN G 237 -9.33 12.09 39.90
N PHE G 238 -10.44 12.55 39.35
CA PHE G 238 -11.14 13.72 39.83
C PHE G 238 -11.66 13.45 41.27
N ILE G 239 -12.26 12.29 41.48
CA ILE G 239 -12.84 11.94 42.73
C ILE G 239 -11.65 11.79 43.66
N ALA G 240 -10.56 11.22 43.20
CA ALA G 240 -9.43 10.96 44.08
C ALA G 240 -8.90 12.27 44.63
N THR G 241 -8.75 13.23 43.74
CA THR G 241 -8.19 14.58 44.08
C THR G 241 -9.05 15.23 45.15
N LEU G 242 -10.38 15.27 44.92
CA LEU G 242 -11.21 15.79 45.96
C LEU G 242 -11.17 15.08 47.29
N GLU G 243 -11.29 13.77 47.27
CA GLU G 243 -11.33 13.05 48.48
C GLU G 243 -10.05 13.05 49.27
N ASN G 244 -8.90 12.98 48.63
CA ASN G 244 -7.66 13.06 49.31
C ASN G 244 -7.33 14.40 49.88
N ARG G 245 -7.85 15.42 49.21
CA ARG G 245 -7.70 16.78 49.72
C ARG G 245 -8.55 17.03 50.96
N GLN G 246 -9.80 16.69 50.84
CA GLN G 246 -10.83 16.98 51.80
C GLN G 246 -10.92 16.05 53.02
N GLY G 247 -10.61 14.79 52.82
CA GLY G 247 -10.89 13.84 53.87
C GLY G 247 -12.40 13.49 53.97
N LEU G 248 -13.16 13.84 52.94
CA LEU G 248 -14.57 13.51 52.80
C LEU G 248 -14.78 12.73 51.55
N LYS G 249 -15.79 11.87 51.55
CA LYS G 249 -15.99 11.00 50.40
C LYS G 249 -17.15 11.58 49.58
N VAL G 250 -17.11 11.43 48.28
CA VAL G 250 -18.20 11.80 47.39
C VAL G 250 -19.08 10.66 47.14
N ALA G 251 -20.40 10.84 47.27
CA ALA G 251 -21.38 9.75 46.93
C ALA G 251 -21.25 8.49 47.82
N CYS G 252 -21.08 8.65 49.11
N CYS G 252 -21.07 8.68 49.13
CA CYS G 252 -21.16 7.61 50.14
CA CYS G 252 -21.18 7.60 50.14
C CYS G 252 -22.63 7.55 50.56
C CYS G 252 -22.64 7.55 50.55
N PRO G 253 -23.36 6.51 50.14
CA PRO G 253 -24.79 6.48 50.44
C PRO G 253 -25.05 6.43 51.91
N GLU G 254 -24.16 5.83 52.65
CA GLU G 254 -24.42 5.66 54.02
C GLU G 254 -24.40 7.08 54.64
N GLU G 255 -23.43 7.88 54.22
CA GLU G 255 -23.31 9.24 54.72
C GLU G 255 -24.54 10.03 54.41
N ILE G 256 -24.94 9.97 53.12
CA ILE G 256 -26.06 10.80 52.71
C ILE G 256 -27.33 10.37 53.49
N ALA G 257 -27.56 9.05 53.62
CA ALA G 257 -28.70 8.59 54.41
C ALA G 257 -28.69 9.11 55.88
N TYR G 258 -27.55 9.12 56.55
CA TYR G 258 -27.41 9.60 57.89
C TYR G 258 -27.65 11.09 57.92
N ARG G 259 -27.12 11.81 56.92
CA ARG G 259 -27.30 13.24 56.93
C ARG G 259 -28.76 13.59 56.63
N GLN G 260 -29.45 12.76 55.89
CA GLN G 260 -30.83 13.01 55.60
C GLN G 260 -31.72 12.48 56.72
N LYS G 261 -31.12 11.94 57.76
CA LYS G 261 -31.91 11.36 58.82
C LYS G 261 -32.76 10.15 58.36
N TRP G 262 -32.39 9.53 57.26
CA TRP G 262 -33.04 8.26 56.89
C TRP G 262 -32.58 7.07 57.75
N ILE G 263 -31.40 7.18 58.28
CA ILE G 263 -30.89 6.22 59.24
C ILE G 263 -30.31 7.03 60.40
N ASP G 264 -30.16 6.40 61.56
CA ASP G 264 -29.62 7.10 62.73
C ASP G 264 -28.25 6.59 63.04
N ALA G 265 -27.69 7.24 64.03
CA ALA G 265 -26.33 7.00 64.48
C ALA G 265 -26.06 5.55 64.75
N ALA G 266 -26.99 4.95 65.38
CA ALA G 266 -26.86 3.56 65.80
C ALA G 266 -26.79 2.69 64.53
N GLN G 267 -27.59 3.06 63.55
CA GLN G 267 -27.61 2.31 62.29
C GLN G 267 -26.32 2.49 61.54
N LEU G 268 -25.81 3.70 61.51
CA LEU G 268 -24.58 3.92 60.82
C LEU G 268 -23.44 3.12 61.39
N GLU G 269 -23.38 3.05 62.72
CA GLU G 269 -22.35 2.31 63.37
C GLU G 269 -22.39 0.82 63.00
N LYS G 270 -23.59 0.31 62.92
CA LYS G 270 -23.73 -1.04 62.46
C LYS G 270 -23.35 -1.27 60.99
N LEU G 271 -23.52 -0.25 60.15
CA LEU G 271 -23.08 -0.38 58.75
C LEU G 271 -21.58 -0.40 58.67
N ALA G 272 -20.94 0.32 59.57
CA ALA G 272 -19.51 0.45 59.57
C ALA G 272 -18.78 -0.81 59.98
N ALA G 273 -19.38 -1.55 60.88
CA ALA G 273 -18.72 -2.70 61.51
C ALA G 273 -18.05 -3.61 60.51
N PRO G 274 -18.86 -4.14 59.63
CA PRO G 274 -18.40 -5.09 58.65
C PRO G 274 -17.41 -4.51 57.66
N LEU G 275 -17.31 -3.19 57.55
CA LEU G 275 -16.39 -2.61 56.65
C LEU G 275 -15.15 -2.08 57.40
N ALA G 276 -15.11 -2.25 58.70
CA ALA G 276 -14.11 -1.57 59.51
C ALA G 276 -12.63 -1.85 59.22
N LYS G 277 -12.31 -2.92 58.50
CA LYS G 277 -10.93 -3.23 58.22
C LYS G 277 -10.37 -2.45 57.03
N ASN G 278 -11.17 -1.53 56.48
CA ASN G 278 -10.68 -0.74 55.40
C ASN G 278 -11.09 0.68 55.61
N GLY G 279 -10.49 1.49 54.78
CA GLY G 279 -10.73 2.93 54.81
C GLY G 279 -12.19 3.38 54.80
N TYR G 280 -12.99 2.66 54.04
CA TYR G 280 -14.38 3.05 53.77
C TYR G 280 -15.16 2.89 55.05
N GLY G 281 -14.93 1.82 55.81
CA GLY G 281 -15.60 1.67 57.07
C GLY G 281 -15.13 2.65 58.16
N GLN G 282 -13.84 2.94 58.12
CA GLN G 282 -13.19 3.84 59.08
C GLN G 282 -13.80 5.23 58.88
N TYR G 283 -13.98 5.58 57.62
CA TYR G 283 -14.66 6.84 57.27
C TYR G 283 -16.06 6.89 57.86
N LEU G 284 -16.83 5.85 57.69
CA LEU G 284 -18.16 5.85 58.25
C LEU G 284 -18.15 6.06 59.75
N LYS G 285 -17.22 5.39 60.42
CA LYS G 285 -17.11 5.52 61.88
C LYS G 285 -16.78 6.97 62.27
N ARG G 286 -15.84 7.53 61.55
CA ARG G 286 -15.45 8.89 61.88
C ARG G 286 -16.57 9.88 61.80
N LEU G 287 -17.45 9.67 60.82
CA LEU G 287 -18.57 10.56 60.61
C LEU G 287 -19.48 10.62 61.87
N LEU G 288 -19.39 9.62 62.72
CA LEU G 288 -20.22 9.62 63.96
C LEU G 288 -19.73 10.66 64.96
N THR G 289 -18.47 10.98 64.93
CA THR G 289 -18.02 11.91 65.95
C THR G 289 -17.37 13.18 65.44
N GLU G 290 -17.71 13.56 64.20
CA GLU G 290 -17.28 14.78 63.66
C GLU G 290 -18.48 15.51 63.10
N THR G 291 -18.59 16.80 63.25
CA THR G 291 -19.66 17.52 62.60
C THR G 291 -19.13 18.01 61.24
N VAL G 292 -19.79 17.69 60.16
CA VAL G 292 -19.30 18.16 58.87
C VAL G 292 -20.38 19.17 58.34
N TYR G 293 -20.00 20.39 58.03
CA TYR G 293 -20.93 21.44 57.58
C TYR G 293 -21.19 21.39 56.08
N LYS H 2 7.98 -28.35 29.42
CA LYS H 2 6.64 -27.83 29.65
C LYS H 2 6.48 -27.46 31.16
N ARG H 3 5.88 -26.33 31.39
CA ARG H 3 5.60 -25.93 32.77
C ARG H 3 4.15 -25.54 32.80
N LYS H 4 3.44 -25.91 33.83
CA LYS H 4 2.04 -25.54 33.99
C LYS H 4 1.84 -24.31 34.81
N GLY H 5 0.82 -23.52 34.54
CA GLY H 5 0.68 -22.33 35.31
C GLY H 5 -0.58 -22.29 36.14
N ILE H 6 -0.60 -21.44 37.16
CA ILE H 6 -1.67 -21.18 38.06
C ILE H 6 -1.78 -19.66 38.31
N ILE H 7 -3.00 -19.14 38.18
CA ILE H 7 -3.39 -17.78 38.64
C ILE H 7 -4.21 -17.84 39.88
N LEU H 8 -3.73 -17.32 41.02
CA LEU H 8 -4.55 -17.18 42.18
C LEU H 8 -5.37 -15.90 42.02
N ALA H 9 -6.62 -16.05 41.68
CA ALA H 9 -7.50 -14.97 41.35
C ALA H 9 -8.73 -14.99 42.27
N GLY H 10 -8.50 -15.33 43.52
CA GLY H 10 -9.46 -15.44 44.55
C GLY H 10 -9.31 -14.27 45.50
N GLY H 11 -9.55 -14.54 46.76
CA GLY H 11 -9.46 -13.53 47.81
C GLY H 11 -10.73 -12.75 47.96
N SER H 12 -10.86 -12.06 49.08
CA SER H 12 -11.99 -11.24 49.44
C SER H 12 -11.87 -9.78 48.99
N GLY H 13 -10.63 -9.32 48.82
CA GLY H 13 -10.36 -7.98 48.33
C GLY H 13 -10.82 -6.84 49.20
N THR H 14 -10.60 -7.06 50.47
CA THR H 14 -11.07 -6.18 51.55
C THR H 14 -10.69 -4.70 51.27
N ARG H 15 -9.42 -4.50 50.96
CA ARG H 15 -8.93 -3.13 50.67
C ARG H 15 -9.75 -2.49 49.57
N LEU H 16 -10.36 -3.24 48.62
CA LEU H 16 -11.23 -2.60 47.64
C LEU H 16 -12.74 -2.70 47.91
N HIS H 17 -13.15 -3.02 49.14
CA HIS H 17 -14.55 -2.67 49.51
C HIS H 17 -14.90 -1.16 49.39
N PRO H 18 -16.13 -0.83 49.03
CA PRO H 18 -17.15 -1.77 48.65
C PRO H 18 -16.97 -1.99 47.14
N ALA H 19 -16.05 -1.28 46.46
CA ALA H 19 -15.78 -1.56 45.06
C ALA H 19 -15.91 -3.09 44.80
N THR H 20 -15.47 -4.00 45.75
CA THR H 20 -15.48 -5.52 45.69
C THR H 20 -16.48 -6.42 46.40
N LEU H 21 -17.55 -5.86 46.91
CA LEU H 21 -18.47 -6.71 47.66
C LEU H 21 -19.24 -7.69 46.83
N ALA H 22 -19.48 -7.32 45.60
CA ALA H 22 -20.32 -8.05 44.65
C ALA H 22 -19.54 -8.81 43.55
N ILE H 23 -18.25 -8.58 43.40
CA ILE H 23 -17.43 -9.30 42.39
C ILE H 23 -15.96 -9.24 42.72
N SER H 24 -15.24 -10.20 42.17
CA SER H 24 -13.82 -10.30 42.41
C SER H 24 -13.02 -9.12 41.83
N LYS H 25 -12.02 -8.71 42.62
CA LYS H 25 -11.10 -7.75 42.26
C LYS H 25 -10.49 -8.06 40.89
N GLN H 26 -10.32 -9.33 40.54
CA GLN H 26 -9.60 -9.68 39.34
C GLN H 26 -10.46 -9.59 38.11
N LEU H 27 -11.70 -9.18 38.34
CA LEU H 27 -12.64 -8.97 37.30
C LEU H 27 -12.86 -7.45 37.10
N LEU H 28 -12.27 -6.61 37.92
CA LEU H 28 -12.33 -5.17 37.65
C LEU H 28 -11.33 -4.79 36.61
N PRO H 29 -11.50 -3.65 36.00
CA PRO H 29 -10.59 -3.26 34.91
C PRO H 29 -9.36 -2.59 35.38
N VAL H 30 -8.27 -2.89 34.71
CA VAL H 30 -7.12 -2.00 34.69
C VAL H 30 -7.07 -1.24 33.33
N TYR H 31 -7.63 -0.03 33.35
CA TYR H 31 -7.71 0.97 32.29
C TYR H 31 -8.68 0.54 31.27
N ASP H 32 -8.30 -0.44 30.49
CA ASP H 32 -9.11 -0.93 29.44
C ASP H 32 -9.50 -2.38 29.37
N LYS H 33 -8.97 -3.25 30.21
CA LYS H 33 -9.23 -4.68 30.02
C LYS H 33 -9.33 -5.28 31.43
N PRO H 34 -9.94 -6.46 31.63
CA PRO H 34 -10.08 -7.06 32.93
C PRO H 34 -8.71 -7.30 33.57
N MET H 35 -8.56 -6.99 34.83
CA MET H 35 -7.31 -7.20 35.55
C MET H 35 -6.69 -8.54 35.27
N ILE H 36 -7.46 -9.61 35.27
CA ILE H 36 -6.85 -10.93 35.12
C ILE H 36 -6.14 -11.14 33.80
N TYR H 37 -6.42 -10.31 32.79
CA TYR H 37 -5.67 -10.41 31.52
C TYR H 37 -4.16 -10.15 31.76
N TYR H 38 -3.82 -9.30 32.73
CA TYR H 38 -2.42 -8.99 33.00
C TYR H 38 -1.61 -10.18 33.47
N PRO H 39 -1.97 -10.86 34.58
CA PRO H 39 -1.23 -12.08 34.97
C PRO H 39 -1.35 -13.18 33.96
N LEU H 40 -2.48 -13.31 33.31
CA LEU H 40 -2.61 -14.32 32.28
C LEU H 40 -1.60 -14.06 31.16
N SER H 41 -1.38 -12.81 30.79
CA SER H 41 -0.44 -12.47 29.76
C SER H 41 0.98 -12.74 30.21
N THR H 42 1.24 -12.50 31.49
CA THR H 42 2.54 -12.84 32.09
C THR H 42 2.84 -14.33 31.87
N LEU H 43 1.91 -15.20 32.25
CA LEU H 43 2.13 -16.59 32.01
C LEU H 43 2.38 -16.94 30.52
N MET H 44 1.53 -16.38 29.66
CA MET H 44 1.69 -16.59 28.23
C MET H 44 3.08 -16.20 27.70
N LEU H 45 3.58 -15.09 28.18
CA LEU H 45 4.88 -14.59 27.71
C LEU H 45 5.99 -15.45 28.29
N ALA H 46 5.70 -16.22 29.29
CA ALA H 46 6.68 -17.19 29.87
C ALA H 46 6.60 -18.54 29.12
N GLY H 47 5.81 -18.54 28.04
CA GLY H 47 5.61 -19.75 27.25
C GLY H 47 4.59 -20.74 27.76
N ILE H 48 3.83 -20.34 28.74
CA ILE H 48 2.91 -21.29 29.43
C ILE H 48 1.54 -21.26 28.84
N ARG H 49 1.07 -22.41 28.39
CA ARG H 49 -0.25 -22.52 27.73
C ARG H 49 -1.40 -23.21 28.50
N GLU H 50 -1.02 -24.03 29.49
CA GLU H 50 -1.91 -24.83 30.30
C GLU H 50 -1.95 -24.23 31.66
N ILE H 51 -3.11 -23.69 31.99
CA ILE H 51 -3.23 -22.82 33.14
C ILE H 51 -4.43 -23.11 33.98
N LEU H 52 -4.22 -23.18 35.26
CA LEU H 52 -5.31 -23.38 36.21
C LEU H 52 -5.61 -22.02 36.89
N ILE H 53 -6.87 -21.62 36.79
CA ILE H 53 -7.36 -20.45 37.45
C ILE H 53 -8.14 -20.80 38.72
N ILE H 54 -7.66 -20.29 39.86
CA ILE H 54 -8.30 -20.47 41.14
C ILE H 54 -8.97 -19.24 41.58
N SER H 55 -10.28 -19.38 41.83
CA SER H 55 -11.02 -18.31 42.46
C SER H 55 -11.98 -18.81 43.55
N THR H 56 -12.79 -17.93 44.07
CA THR H 56 -13.81 -18.22 45.08
C THR H 56 -14.95 -19.00 44.46
N PRO H 57 -15.75 -19.64 45.32
CA PRO H 57 -16.87 -20.40 44.84
C PRO H 57 -17.82 -19.54 43.95
N GLN H 58 -18.02 -18.29 44.34
CA GLN H 58 -18.89 -17.39 43.61
C GLN H 58 -18.35 -16.82 42.28
N ASP H 59 -17.04 -16.54 42.21
CA ASP H 59 -16.46 -15.89 41.05
C ASP H 59 -15.85 -16.84 39.99
N THR H 60 -15.52 -18.05 40.38
CA THR H 60 -14.92 -18.96 39.40
C THR H 60 -15.72 -19.17 38.16
N PRO H 61 -17.01 -19.32 38.35
CA PRO H 61 -17.90 -19.46 37.20
C PRO H 61 -17.84 -18.21 36.37
N ARG H 62 -17.69 -17.04 36.97
CA ARG H 62 -17.59 -15.81 36.14
C ARG H 62 -16.29 -15.77 35.30
N PHE H 63 -15.18 -16.27 35.89
CA PHE H 63 -13.97 -16.32 35.16
C PHE H 63 -14.18 -17.26 34.00
N GLN H 64 -14.83 -18.38 34.28
CA GLN H 64 -15.06 -19.37 33.27
C GLN H 64 -15.94 -18.81 32.16
N GLN H 65 -16.96 -18.03 32.55
CA GLN H 65 -17.83 -17.43 31.54
C GLN H 65 -17.02 -16.48 30.65
N LEU H 66 -16.07 -15.76 31.26
CA LEU H 66 -15.25 -14.79 30.57
C LEU H 66 -14.18 -15.42 29.71
N LEU H 67 -13.51 -16.45 30.19
CA LEU H 67 -12.37 -17.00 29.48
C LEU H 67 -12.57 -18.31 28.78
N GLY H 68 -13.60 -19.03 29.17
CA GLY H 68 -13.89 -20.34 28.63
C GLY H 68 -12.69 -21.24 28.84
N ASP H 69 -12.50 -22.16 27.89
CA ASP H 69 -11.49 -23.20 28.02
C ASP H 69 -10.13 -22.79 27.40
N GLY H 70 -10.06 -21.55 26.93
CA GLY H 70 -8.87 -20.92 26.35
C GLY H 70 -8.57 -21.23 24.90
N SER H 71 -9.29 -22.21 24.36
CA SER H 71 -9.04 -22.69 23.03
C SER H 71 -9.13 -21.56 21.99
N ASN H 72 -9.97 -20.54 22.21
CA ASN H 72 -10.05 -19.40 21.31
C ASN H 72 -8.74 -18.64 21.23
N TRP H 73 -7.91 -18.80 22.23
CA TRP H 73 -6.66 -18.14 22.32
C TRP H 73 -5.49 -19.10 22.38
N GLY H 74 -5.74 -20.34 21.97
CA GLY H 74 -4.71 -21.33 21.87
C GLY H 74 -4.16 -21.83 23.21
N LEU H 75 -4.99 -21.70 24.24
CA LEU H 75 -4.60 -22.06 25.54
C LEU H 75 -5.52 -23.22 26.00
N ASP H 76 -5.06 -23.82 27.05
CA ASP H 76 -5.86 -24.87 27.76
C ASP H 76 -6.07 -24.41 29.18
N LEU H 77 -7.20 -23.74 29.38
CA LEU H 77 -7.61 -23.20 30.66
C LEU H 77 -8.48 -24.13 31.41
N GLN H 78 -8.19 -24.27 32.70
CA GLN H 78 -8.94 -25.09 33.67
C GLN H 78 -9.16 -24.24 34.93
N TYR H 79 -10.14 -24.64 35.73
CA TYR H 79 -10.58 -23.83 36.86
C TYR H 79 -10.75 -24.64 38.11
N ALA H 80 -10.50 -24.04 39.24
CA ALA H 80 -10.73 -24.75 40.48
C ALA H 80 -11.14 -23.73 41.50
N VAL H 81 -11.92 -24.15 42.49
CA VAL H 81 -12.37 -23.28 43.59
C VAL H 81 -11.48 -23.36 44.85
N GLN H 82 -11.13 -22.22 45.40
CA GLN H 82 -10.57 -22.10 46.78
C GLN H 82 -11.70 -21.66 47.74
N PRO H 83 -12.18 -22.57 48.59
CA PRO H 83 -13.40 -22.31 49.40
C PRO H 83 -13.17 -21.11 50.31
N SER H 84 -11.94 -20.88 50.84
CA SER H 84 -11.69 -19.78 51.71
C SER H 84 -10.29 -19.28 51.47
N PRO H 85 -10.02 -17.97 51.53
CA PRO H 85 -8.70 -17.43 51.15
C PRO H 85 -7.64 -17.63 52.23
N ASP H 86 -7.25 -18.87 52.41
CA ASP H 86 -6.41 -19.31 53.49
C ASP H 86 -4.90 -19.39 53.19
N GLY H 87 -4.44 -18.75 52.10
CA GLY H 87 -3.02 -18.62 51.83
C GLY H 87 -2.60 -18.94 50.40
N LEU H 88 -1.63 -18.19 49.92
CA LEU H 88 -1.10 -18.36 48.58
C LEU H 88 -0.63 -19.77 48.41
N ALA H 89 0.02 -20.34 49.43
CA ALA H 89 0.48 -21.76 49.26
C ALA H 89 -0.59 -22.81 49.05
N GLN H 90 -1.87 -22.49 49.36
CA GLN H 90 -3.00 -23.44 49.04
C GLN H 90 -3.11 -23.74 47.55
N ALA H 91 -2.63 -22.82 46.74
CA ALA H 91 -2.60 -23.04 45.30
C ALA H 91 -2.00 -24.38 44.90
N PHE H 92 -0.98 -24.79 45.61
CA PHE H 92 -0.37 -26.07 45.37
C PHE H 92 -1.09 -27.25 45.87
N LEU H 93 -2.04 -27.04 46.78
CA LEU H 93 -2.80 -28.18 47.31
C LEU H 93 -3.99 -28.28 46.43
N ILE H 94 -4.58 -27.17 46.14
CA ILE H 94 -5.77 -27.14 45.30
C ILE H 94 -5.36 -27.59 43.93
N GLY H 95 -4.14 -27.26 43.53
CA GLY H 95 -3.71 -27.52 42.20
C GLY H 95 -2.86 -28.75 42.05
N GLU H 96 -2.87 -29.64 43.05
CA GLU H 96 -1.95 -30.83 43.07
C GLU H 96 -2.14 -31.73 41.86
N SER H 97 -3.39 -32.09 41.65
CA SER H 97 -3.61 -33.01 40.53
C SER H 97 -3.42 -32.33 39.20
N PHE H 98 -3.73 -31.02 39.13
CA PHE H 98 -3.53 -30.29 37.89
C PHE H 98 -2.04 -30.31 37.56
N ILE H 99 -1.22 -30.08 38.56
CA ILE H 99 0.20 -30.09 38.30
C ILE H 99 0.75 -31.45 37.87
N GLY H 100 0.37 -32.48 38.58
CA GLY H 100 0.95 -33.76 38.30
C GLY H 100 2.41 -33.71 38.67
N ASN H 101 3.27 -34.25 37.81
CA ASN H 101 4.69 -34.34 38.12
C ASN H 101 5.37 -33.35 37.23
N ASP H 102 4.83 -32.17 37.07
CA ASP H 102 5.42 -31.16 36.13
C ASP H 102 5.96 -29.98 36.83
N LEU H 103 6.84 -29.23 36.13
CA LEU H 103 7.29 -27.91 36.63
C LEU H 103 6.10 -27.02 36.72
N SER H 104 6.11 -26.08 37.65
CA SER H 104 4.97 -25.19 37.73
C SER H 104 5.38 -23.70 37.87
N ALA H 105 4.36 -22.88 37.78
CA ALA H 105 4.50 -21.42 37.96
C ALA H 105 3.21 -20.87 38.54
N LEU H 106 3.36 -19.99 39.56
CA LEU H 106 2.21 -19.30 40.19
C LEU H 106 2.32 -17.76 39.98
N VAL H 107 1.26 -17.13 39.52
CA VAL H 107 1.22 -15.68 39.44
C VAL H 107 -0.04 -15.16 40.19
N LEU H 108 0.09 -14.06 40.93
CA LEU H 108 -1.01 -13.48 41.67
C LEU H 108 -1.85 -12.72 40.73
N GLY H 109 -3.15 -12.77 41.02
CA GLY H 109 -4.11 -12.15 40.16
C GLY H 109 -4.10 -10.65 40.14
N ASP H 110 -3.50 -10.00 41.09
CA ASP H 110 -3.55 -8.53 41.14
C ASP H 110 -2.15 -7.90 40.88
N ASN H 111 -1.20 -8.68 40.39
CA ASN H 111 0.12 -8.23 39.97
C ASN H 111 0.22 -7.96 38.43
N LEU H 112 0.60 -6.75 38.13
CA LEU H 112 0.93 -6.25 36.81
C LEU H 112 2.44 -6.05 36.64
N TYR H 113 2.96 -6.49 35.52
CA TYR H 113 4.38 -6.31 35.24
C TYR H 113 4.53 -5.66 33.89
N TYR H 114 5.59 -4.88 33.73
N TYR H 114 5.60 -4.90 33.73
CA TYR H 114 5.93 -4.29 32.46
CA TYR H 114 5.92 -4.31 32.45
C TYR H 114 7.35 -3.85 32.32
C TYR H 114 7.31 -3.76 32.30
N GLY H 115 7.87 -4.00 31.10
CA GLY H 115 9.21 -3.62 30.76
C GLY H 115 9.91 -4.40 29.65
N HIS H 116 10.96 -3.74 29.19
CA HIS H 116 11.84 -4.16 28.08
C HIS H 116 12.49 -5.44 28.41
N ASP H 117 12.37 -6.40 27.52
CA ASP H 117 12.94 -7.78 27.79
C ASP H 117 12.34 -8.62 28.90
N PHE H 118 11.12 -8.32 29.28
CA PHE H 118 10.40 -9.08 30.29
C PHE H 118 10.26 -10.46 29.78
N HIS H 119 10.10 -10.58 28.51
CA HIS H 119 9.92 -11.90 27.93
C HIS H 119 11.19 -12.77 28.08
N GLU H 120 12.35 -12.16 28.19
CA GLU H 120 13.56 -12.89 28.36
C GLU H 120 13.81 -13.19 29.81
N LEU H 121 13.46 -12.24 30.69
CA LEU H 121 13.46 -12.44 32.12
C LEU H 121 12.59 -13.66 32.50
N LEU H 122 11.36 -13.69 31.98
CA LEU H 122 10.49 -14.80 32.13
C LEU H 122 11.01 -16.12 31.60
N GLY H 123 11.53 -16.06 30.41
CA GLY H 123 11.96 -17.22 29.67
C GLY H 123 13.11 -17.87 30.37
N SER H 124 13.97 -17.03 30.91
CA SER H 124 15.06 -17.63 31.68
C SER H 124 14.62 -18.41 32.86
N ALA H 125 13.67 -17.85 33.62
CA ALA H 125 13.23 -18.56 34.81
C ALA H 125 12.47 -19.83 34.42
N SER H 126 11.63 -19.71 33.38
CA SER H 126 10.70 -20.77 33.06
C SER H 126 11.38 -22.01 32.48
N GLN H 127 12.54 -21.79 31.92
CA GLN H 127 13.29 -22.79 31.22
C GLN H 127 14.20 -23.54 32.14
N ARG H 128 14.40 -23.02 33.34
CA ARG H 128 15.17 -23.79 34.28
C ARG H 128 14.34 -25.05 34.57
N GLN H 129 15.01 -26.11 34.95
CA GLN H 129 14.34 -27.34 35.28
C GLN H 129 14.57 -27.74 36.74
N THR H 130 15.03 -26.84 37.56
CA THR H 130 15.20 -27.20 38.94
C THR H 130 15.08 -26.01 39.89
N GLY H 131 14.86 -26.32 41.17
CA GLY H 131 14.75 -25.36 42.23
C GLY H 131 13.52 -24.50 42.08
N ALA H 132 13.63 -23.31 42.67
CA ALA H 132 12.60 -22.31 42.60
C ALA H 132 13.21 -20.99 42.16
N SER H 133 12.41 -20.20 41.45
CA SER H 133 12.84 -18.88 41.11
C SER H 133 11.86 -17.83 41.48
N VAL H 134 12.36 -16.74 42.06
CA VAL H 134 11.60 -15.58 42.34
C VAL H 134 12.35 -14.32 41.99
N PHE H 135 11.59 -13.22 42.01
CA PHE H 135 12.03 -11.90 41.59
C PHE H 135 12.01 -10.88 42.75
N ALA H 136 13.13 -10.16 42.86
CA ALA H 136 13.24 -9.13 43.85
C ALA H 136 13.17 -7.75 43.22
N TYR H 137 12.29 -6.93 43.74
CA TYR H 137 12.08 -5.52 43.24
C TYR H 137 12.20 -4.43 44.35
N HIS H 138 13.01 -3.43 44.12
CA HIS H 138 13.15 -2.33 45.06
C HIS H 138 11.86 -1.52 45.18
N VAL H 139 11.28 -1.48 46.40
CA VAL H 139 10.04 -0.75 46.63
C VAL H 139 10.21 0.22 47.77
N LEU H 140 9.28 1.17 47.84
CA LEU H 140 9.18 2.11 48.91
C LEU H 140 8.62 1.47 50.19
N ASP H 141 7.64 0.59 50.14
CA ASP H 141 7.09 0.13 51.43
C ASP H 141 7.22 -1.34 51.53
N PRO H 142 8.42 -1.89 51.76
CA PRO H 142 8.62 -3.34 51.78
C PRO H 142 7.76 -4.01 52.81
N GLU H 143 7.52 -3.33 53.91
CA GLU H 143 6.73 -3.92 55.00
C GLU H 143 5.45 -4.63 54.51
N ARG H 144 4.93 -4.24 53.36
CA ARG H 144 3.71 -4.81 52.86
C ARG H 144 3.86 -6.10 52.11
N TYR H 145 5.10 -6.54 51.93
CA TYR H 145 5.37 -7.75 51.18
C TYR H 145 6.28 -8.74 51.84
N GLY H 146 6.60 -9.79 51.07
CA GLY H 146 7.68 -10.72 51.35
C GLY H 146 8.98 -9.98 51.00
N VAL H 147 9.94 -10.01 51.92
CA VAL H 147 11.14 -9.18 51.86
C VAL H 147 12.37 -10.05 51.88
N VAL H 148 13.24 -9.86 50.90
CA VAL H 148 14.44 -10.67 50.77
C VAL H 148 15.61 -9.81 51.14
N GLU H 149 16.45 -10.31 52.02
CA GLU H 149 17.70 -9.70 52.43
C GLU H 149 18.87 -10.42 51.74
N PHE H 150 19.84 -9.65 51.36
CA PHE H 150 21.01 -10.15 50.64
C PHE H 150 22.29 -9.85 51.45
N ASP H 151 23.26 -10.74 51.38
CA ASP H 151 24.58 -10.49 51.95
C ASP H 151 25.40 -9.50 51.11
N GLN H 152 26.62 -9.20 51.55
CA GLN H 152 27.49 -8.19 50.92
C GLN H 152 27.83 -8.67 49.54
N GLY H 153 27.80 -9.96 49.33
CA GLY H 153 28.04 -10.47 48.00
C GLY H 153 26.84 -10.67 47.09
N GLY H 154 25.65 -10.24 47.52
CA GLY H 154 24.45 -10.30 46.68
C GLY H 154 23.67 -11.57 46.72
N LYS H 155 24.10 -12.46 47.60
CA LYS H 155 23.45 -13.66 47.90
C LYS H 155 22.21 -13.47 48.89
N ALA H 156 21.06 -13.95 48.50
CA ALA H 156 19.90 -13.91 49.40
C ALA H 156 20.12 -14.77 50.65
N ILE H 157 20.00 -14.19 51.83
CA ILE H 157 20.19 -14.88 53.09
C ILE H 157 18.96 -14.97 54.00
N SER H 158 17.91 -14.18 53.77
CA SER H 158 16.71 -14.33 54.60
C SER H 158 15.48 -13.88 53.85
N LEU H 159 14.37 -14.52 54.14
CA LEU H 159 13.05 -14.11 53.71
C LEU H 159 12.14 -13.86 54.88
N GLU H 160 11.44 -12.72 54.92
CA GLU H 160 10.41 -12.46 55.96
C GLU H 160 9.12 -12.00 55.39
N GLU H 161 7.99 -12.55 55.86
CA GLU H 161 6.69 -12.05 55.38
C GLU H 161 6.16 -10.84 56.18
N LYS H 162 6.05 -9.71 55.50
CA LYS H 162 5.53 -8.45 56.00
C LYS H 162 6.16 -8.03 57.32
N PRO H 163 7.49 -7.95 57.42
CA PRO H 163 8.10 -7.55 58.69
C PRO H 163 7.85 -6.10 58.95
N LEU H 164 7.66 -5.81 60.22
CA LEU H 164 7.48 -4.49 60.68
C LEU H 164 8.75 -3.69 60.47
N GLU H 165 9.91 -4.36 60.55
CA GLU H 165 11.23 -3.77 60.37
C GLU H 165 11.97 -4.52 59.27
N PRO H 166 11.65 -4.16 58.02
CA PRO H 166 12.27 -4.83 56.90
C PRO H 166 13.80 -4.76 56.91
N LYS H 167 14.41 -5.86 56.56
CA LYS H 167 15.87 -5.89 56.45
C LYS H 167 16.39 -5.33 55.20
N SER H 168 15.51 -5.06 54.23
CA SER H 168 15.91 -4.42 52.99
C SER H 168 14.67 -3.85 52.33
N ASN H 169 14.88 -3.18 51.21
CA ASN H 169 13.80 -2.58 50.43
C ASN H 169 13.46 -3.41 49.19
N TYR H 170 13.85 -4.70 49.18
CA TYR H 170 13.58 -5.64 48.13
C TYR H 170 12.47 -6.58 48.47
N ALA H 171 11.34 -6.35 47.85
CA ALA H 171 10.17 -7.21 47.91
C ALA H 171 10.24 -8.38 46.94
N VAL H 172 9.68 -9.51 47.32
CA VAL H 172 9.53 -10.69 46.53
C VAL H 172 8.19 -10.47 45.77
N THR H 173 8.23 -10.42 44.46
CA THR H 173 6.98 -10.13 43.74
C THR H 173 6.08 -11.31 43.65
N GLY H 174 4.82 -11.06 43.24
CA GLY H 174 3.87 -12.17 43.04
C GLY H 174 4.01 -13.09 41.78
N LEU H 175 5.17 -13.66 41.57
CA LEU H 175 5.45 -14.51 40.39
C LEU H 175 6.51 -15.50 40.90
N TYR H 176 6.22 -16.77 40.77
CA TYR H 176 6.97 -17.85 41.42
C TYR H 176 7.06 -18.99 40.42
N PHE H 177 8.25 -19.52 40.26
CA PHE H 177 8.49 -20.66 39.39
C PHE H 177 9.06 -21.78 40.31
N TYR H 178 8.49 -23.00 40.14
CA TYR H 178 8.86 -24.15 40.93
C TYR H 178 9.05 -25.45 40.12
N ASP H 179 9.96 -26.23 40.70
CA ASP H 179 10.22 -27.57 40.25
C ASP H 179 9.21 -28.55 40.93
N GLN H 180 9.50 -29.86 40.87
CA GLN H 180 8.59 -30.82 41.39
C GLN H 180 8.54 -30.92 42.94
N GLN H 181 9.37 -30.17 43.63
CA GLN H 181 9.42 -30.23 45.07
C GLN H 181 8.25 -29.49 45.70
N VAL H 182 7.58 -28.63 44.98
CA VAL H 182 6.72 -27.70 45.65
C VAL H 182 5.49 -28.26 46.33
N VAL H 183 4.83 -29.18 45.68
CA VAL H 183 3.66 -29.78 46.30
C VAL H 183 3.92 -30.39 47.64
N ASP H 184 5.01 -31.16 47.75
CA ASP H 184 5.31 -31.77 49.07
C ASP H 184 5.72 -30.74 50.11
N ILE H 185 6.29 -29.61 49.69
CA ILE H 185 6.68 -28.61 50.66
C ILE H 185 5.39 -28.01 51.21
N ALA H 186 4.46 -27.68 50.30
CA ALA H 186 3.23 -27.01 50.68
C ALA H 186 2.39 -27.91 51.64
N ARG H 187 2.37 -29.20 51.30
CA ARG H 187 1.62 -30.22 52.02
C ARG H 187 2.03 -30.35 53.47
N ASP H 188 3.25 -29.96 53.75
CA ASP H 188 3.77 -30.06 55.11
C ASP H 188 3.76 -28.72 55.83
N LEU H 189 3.30 -27.64 55.14
CA LEU H 189 3.21 -26.33 55.78
C LEU H 189 2.10 -26.31 56.85
N LYS H 190 2.30 -25.49 57.90
CA LYS H 190 1.31 -25.19 58.96
C LYS H 190 0.94 -23.72 58.84
N PRO H 191 -0.28 -23.31 59.13
CA PRO H 191 -0.66 -21.91 58.93
C PRO H 191 0.18 -21.00 59.78
N SER H 192 0.41 -19.80 59.30
CA SER H 192 1.23 -18.87 60.04
C SER H 192 0.38 -18.16 61.11
N PRO H 193 1.04 -17.41 61.99
CA PRO H 193 0.33 -16.70 63.06
C PRO H 193 -0.78 -15.92 62.47
N ARG H 194 -0.49 -15.26 61.34
CA ARG H 194 -1.46 -14.52 60.50
C ARG H 194 -2.64 -15.37 60.05
N GLY H 195 -2.55 -16.69 60.22
CA GLY H 195 -3.61 -17.58 59.72
C GLY H 195 -3.56 -18.02 58.22
N GLU H 196 -2.40 -17.97 57.64
CA GLU H 196 -2.32 -18.31 56.22
C GLU H 196 -1.20 -19.29 55.94
N LEU H 197 -1.41 -20.12 54.96
CA LEU H 197 -0.31 -20.93 54.44
C LEU H 197 0.44 -19.98 53.47
N GLU H 198 1.65 -19.70 53.85
CA GLU H 198 2.43 -18.66 53.22
C GLU H 198 3.33 -19.12 52.07
N ILE H 199 3.27 -18.43 50.94
CA ILE H 199 4.22 -18.66 49.82
C ILE H 199 5.66 -18.42 50.34
N THR H 200 5.82 -17.47 51.27
CA THR H 200 7.10 -17.15 51.78
C THR H 200 7.76 -18.31 52.49
N ASP H 201 6.98 -19.15 53.16
CA ASP H 201 7.48 -20.35 53.81
C ASP H 201 7.93 -21.39 52.79
N VAL H 202 7.21 -21.45 51.67
CA VAL H 202 7.60 -22.30 50.58
C VAL H 202 8.96 -21.85 50.05
N ASN H 203 9.09 -20.55 49.87
CA ASN H 203 10.29 -20.03 49.30
C ASN H 203 11.47 -20.27 50.24
N ARG H 204 11.25 -20.09 51.55
CA ARG H 204 12.29 -20.33 52.56
C ARG H 204 12.76 -21.79 52.59
N ALA H 205 11.86 -22.69 52.32
CA ALA H 205 12.22 -24.10 52.40
C ALA H 205 13.26 -24.40 51.24
N TYR H 206 13.01 -23.79 50.10
CA TYR H 206 13.93 -23.88 48.96
C TYR H 206 15.27 -23.17 49.33
N LEU H 207 15.16 -21.99 49.97
CA LEU H 207 16.32 -21.24 50.33
C LEU H 207 17.17 -22.05 51.34
N GLU H 208 16.52 -22.63 52.30
CA GLU H 208 17.22 -23.51 53.25
C GLU H 208 17.96 -24.68 52.59
N ARG H 209 17.54 -25.10 51.41
CA ARG H 209 18.24 -26.12 50.65
C ARG H 209 19.20 -25.61 49.62
N GLY H 210 19.42 -24.28 49.57
CA GLY H 210 20.29 -23.76 48.58
C GLY H 210 19.71 -23.91 47.20
N GLN H 211 18.39 -23.78 47.05
CA GLN H 211 17.79 -24.09 45.80
C GLN H 211 16.74 -23.04 45.44
N LEU H 212 16.89 -21.83 45.98
CA LEU H 212 16.07 -20.71 45.65
C LEU H 212 16.92 -19.77 44.86
N SER H 213 16.55 -19.55 43.62
CA SER H 213 17.10 -18.44 42.79
C SER H 213 16.25 -17.18 42.95
N VAL H 214 16.90 -16.12 43.45
CA VAL H 214 16.31 -14.82 43.59
C VAL H 214 16.98 -13.93 42.47
N GLU H 215 16.22 -13.56 41.50
CA GLU H 215 16.71 -12.70 40.45
C GLU H 215 16.23 -11.31 40.69
N ILE H 216 17.11 -10.36 40.51
CA ILE H 216 16.74 -8.94 40.65
C ILE H 216 15.89 -8.49 39.44
N MET H 217 14.76 -7.87 39.71
CA MET H 217 13.98 -7.23 38.67
C MET H 217 14.30 -5.76 38.84
N GLY H 218 15.01 -5.22 37.86
CA GLY H 218 15.62 -3.86 37.96
C GLY H 218 14.62 -2.74 37.86
N ARG H 219 15.03 -1.53 38.20
CA ARG H 219 14.20 -0.38 38.32
C ARG H 219 13.57 0.02 36.97
N GLY H 220 14.16 -0.44 35.86
CA GLY H 220 13.58 -0.20 34.56
C GLY H 220 12.32 -0.89 34.32
N TYR H 221 12.05 -1.93 35.10
CA TYR H 221 10.77 -2.54 35.06
C TYR H 221 9.73 -1.87 35.96
N ALA H 222 8.45 -1.94 35.53
CA ALA H 222 7.33 -1.63 36.40
C ALA H 222 6.65 -2.88 36.91
N TRP H 223 6.62 -3.02 38.25
CA TRP H 223 5.89 -4.04 39.01
C TRP H 223 4.89 -3.27 39.92
N LEU H 224 3.62 -3.45 39.66
CA LEU H 224 2.55 -2.74 40.33
C LEU H 224 1.57 -3.72 40.86
N ASP H 225 1.01 -3.34 41.99
CA ASP H 225 0.08 -4.23 42.71
C ASP H 225 -1.23 -3.47 42.78
N THR H 226 -2.26 -3.99 42.19
CA THR H 226 -3.52 -3.33 42.16
C THR H 226 -4.38 -3.58 43.36
N GLY H 227 -3.79 -3.59 44.53
CA GLY H 227 -4.58 -3.98 45.71
C GLY H 227 -5.42 -2.95 46.45
N THR H 228 -5.15 -1.66 46.18
CA THR H 228 -5.77 -0.57 46.83
C THR H 228 -6.33 0.39 45.81
N HIS H 229 -7.22 1.24 46.24
CA HIS H 229 -7.86 2.22 45.36
C HIS H 229 -6.82 3.05 44.68
N ASP H 230 -5.87 3.52 45.46
CA ASP H 230 -4.82 4.35 44.86
C ASP H 230 -3.97 3.62 43.89
N SER H 231 -3.52 2.42 44.23
CA SER H 231 -2.58 1.67 43.37
C SER H 231 -3.30 1.18 42.16
N LEU H 232 -4.61 0.90 42.27
CA LEU H 232 -5.33 0.52 41.10
C LEU H 232 -5.45 1.69 40.08
N LEU H 233 -5.81 2.86 40.58
CA LEU H 233 -5.95 4.05 39.75
C LEU H 233 -4.63 4.34 39.02
N GLU H 234 -3.53 4.40 39.74
CA GLU H 234 -2.19 4.61 39.17
C GLU H 234 -1.83 3.62 38.11
N ALA H 235 -2.03 2.35 38.41
CA ALA H 235 -1.80 1.30 37.39
C ALA H 235 -2.62 1.59 36.08
N GLY H 236 -3.90 1.88 36.22
CA GLY H 236 -4.71 2.26 35.09
C GLY H 236 -4.11 3.48 34.35
N GLN H 237 -3.67 4.51 35.04
CA GLN H 237 -3.08 5.65 34.31
C GLN H 237 -1.78 5.33 33.61
N PHE H 238 -1.03 4.42 34.25
CA PHE H 238 0.26 3.91 33.72
C PHE H 238 0.06 3.22 32.37
N ILE H 239 -0.85 2.28 32.36
CA ILE H 239 -1.13 1.53 31.22
C ILE H 239 -1.71 2.50 30.12
N ALA H 240 -2.60 3.39 30.53
CA ALA H 240 -3.19 4.38 29.64
C ALA H 240 -2.12 5.22 28.89
N THR H 241 -1.15 5.69 29.67
CA THR H 241 -0.08 6.46 29.14
C THR H 241 0.78 5.73 28.12
N LEU H 242 1.13 4.48 28.36
CA LEU H 242 1.88 3.73 27.39
C LEU H 242 1.05 3.45 26.16
N GLU H 243 -0.20 3.07 26.36
CA GLU H 243 -1.02 2.64 25.21
C GLU H 243 -1.35 3.81 24.26
N ASN H 244 -1.73 4.95 24.82
CA ASN H 244 -2.01 6.11 24.13
C ASN H 244 -0.77 6.68 23.43
N ARG H 245 0.41 6.50 23.98
CA ARG H 245 1.58 6.97 23.32
C ARG H 245 1.99 6.12 22.16
N GLN H 246 1.97 4.79 22.39
CA GLN H 246 2.48 3.82 21.44
C GLN H 246 1.49 3.38 20.37
N GLY H 247 0.20 3.46 20.64
CA GLY H 247 -0.78 2.81 19.78
C GLY H 247 -0.65 1.27 19.86
N LEU H 248 -0.05 0.74 20.94
CA LEU H 248 0.06 -0.71 21.16
C LEU H 248 -0.59 -1.00 22.46
N LYS H 249 -1.02 -2.21 22.68
CA LYS H 249 -1.71 -2.54 23.95
C LYS H 249 -0.87 -3.51 24.83
N VAL H 250 -0.89 -3.33 26.15
CA VAL H 250 -0.24 -4.25 27.08
C VAL H 250 -1.20 -5.29 27.47
N ALA H 251 -0.75 -6.51 27.41
CA ALA H 251 -1.46 -7.66 27.93
C ALA H 251 -2.73 -7.92 27.22
N CYS H 252 -2.68 -7.81 25.91
N CYS H 252 -2.69 -7.80 25.89
CA CYS H 252 -3.76 -8.21 25.03
CA CYS H 252 -3.76 -8.27 25.01
C CYS H 252 -3.51 -9.74 24.73
C CYS H 252 -3.50 -9.75 24.73
N PRO H 253 -4.26 -10.63 25.38
CA PRO H 253 -4.04 -12.06 25.17
C PRO H 253 -4.09 -12.52 23.68
N GLU H 254 -5.00 -11.95 22.91
CA GLU H 254 -5.15 -12.31 21.52
C GLU H 254 -3.89 -12.01 20.76
N GLU H 255 -3.30 -10.86 21.06
CA GLU H 255 -2.06 -10.46 20.45
C GLU H 255 -0.91 -11.40 20.81
N ILE H 256 -0.81 -11.78 22.09
CA ILE H 256 0.35 -12.52 22.50
C ILE H 256 0.28 -13.92 21.88
N ALA H 257 -0.93 -14.48 21.94
CA ALA H 257 -1.18 -15.81 21.40
C ALA H 257 -0.79 -15.89 19.89
N TYR H 258 -1.13 -14.84 19.15
CA TYR H 258 -0.75 -14.70 17.78
C TYR H 258 0.74 -14.57 17.57
N ARG H 259 1.42 -13.82 18.43
CA ARG H 259 2.83 -13.55 18.29
C ARG H 259 3.55 -14.85 18.66
N GLN H 260 2.99 -15.60 19.57
CA GLN H 260 3.62 -16.85 19.88
C GLN H 260 3.25 -17.98 18.92
N LYS H 261 2.48 -17.70 17.87
CA LYS H 261 1.99 -18.77 16.98
C LYS H 261 1.03 -19.85 17.61
N TRP H 262 0.28 -19.49 18.64
CA TRP H 262 -0.61 -20.39 19.29
C TRP H 262 -1.96 -20.30 18.55
N ILE H 263 -2.17 -19.23 17.85
CA ILE H 263 -3.31 -19.13 16.96
C ILE H 263 -2.83 -18.52 15.67
N ASP H 264 -3.57 -18.71 14.62
CA ASP H 264 -3.15 -18.08 13.39
C ASP H 264 -4.00 -16.87 12.90
N ALA H 265 -3.65 -16.36 11.73
CA ALA H 265 -4.18 -15.06 11.23
C ALA H 265 -5.65 -15.10 11.14
N ALA H 266 -6.10 -16.18 10.60
CA ALA H 266 -7.49 -16.38 10.44
C ALA H 266 -8.11 -16.50 11.78
N GLN H 267 -7.45 -17.11 12.75
CA GLN H 267 -8.11 -17.24 14.05
C GLN H 267 -8.26 -15.85 14.71
N LEU H 268 -7.22 -15.04 14.59
CA LEU H 268 -7.27 -13.69 15.07
C LEU H 268 -8.34 -12.81 14.43
N GLU H 269 -8.53 -12.94 13.12
CA GLU H 269 -9.51 -12.12 12.41
C GLU H 269 -10.84 -12.44 13.02
N LYS H 270 -11.07 -13.70 13.26
CA LYS H 270 -12.32 -14.14 13.83
C LYS H 270 -12.49 -13.55 15.25
N LEU H 271 -11.42 -13.41 16.04
CA LEU H 271 -11.57 -12.91 17.36
C LEU H 271 -11.87 -11.46 17.35
N ALA H 272 -11.36 -10.77 16.36
CA ALA H 272 -11.55 -9.35 16.26
C ALA H 272 -12.95 -8.95 15.91
N ALA H 273 -13.62 -9.74 15.11
CA ALA H 273 -14.94 -9.42 14.59
C ALA H 273 -15.95 -8.96 15.60
N PRO H 274 -16.21 -9.78 16.58
CA PRO H 274 -17.21 -9.42 17.57
C PRO H 274 -16.82 -8.16 18.35
N LEU H 275 -15.55 -7.78 18.28
CA LEU H 275 -15.08 -6.63 18.97
C LEU H 275 -14.89 -5.49 18.03
N ALA H 276 -15.20 -5.69 16.78
CA ALA H 276 -14.90 -4.70 15.76
C ALA H 276 -15.56 -3.33 15.93
N LYS H 277 -16.62 -3.19 16.74
CA LYS H 277 -17.19 -1.87 16.90
C LYS H 277 -16.46 -0.95 17.91
N ASN H 278 -15.36 -1.38 18.53
CA ASN H 278 -14.60 -0.51 19.45
C ASN H 278 -13.11 -0.62 19.17
N GLY H 279 -12.34 0.13 19.95
CA GLY H 279 -10.95 0.26 19.65
C GLY H 279 -10.19 -1.04 19.79
N TYR H 280 -10.72 -1.92 20.63
CA TYR H 280 -9.93 -3.11 21.01
C TYR H 280 -9.92 -3.99 19.77
N GLY H 281 -11.10 -4.14 19.22
CA GLY H 281 -11.25 -4.97 18.05
C GLY H 281 -10.57 -4.44 16.80
N GLN H 282 -10.57 -3.12 16.66
CA GLN H 282 -9.85 -2.48 15.57
C GLN H 282 -8.35 -2.68 15.73
N TYR H 283 -7.87 -2.61 16.96
CA TYR H 283 -6.48 -2.89 17.24
C TYR H 283 -6.15 -4.32 16.79
N LEU H 284 -6.92 -5.31 17.14
CA LEU H 284 -6.55 -6.67 16.79
C LEU H 284 -6.44 -6.84 15.24
N LYS H 285 -7.34 -6.14 14.56
CA LYS H 285 -7.37 -6.11 13.11
C LYS H 285 -6.09 -5.51 12.57
N ARG H 286 -5.69 -4.39 13.16
CA ARG H 286 -4.60 -3.66 12.67
C ARG H 286 -3.36 -4.51 12.71
N LEU H 287 -3.31 -5.36 13.68
CA LEU H 287 -2.15 -6.16 13.94
C LEU H 287 -1.91 -7.23 12.87
N LEU H 288 -2.93 -7.51 12.06
CA LEU H 288 -2.78 -8.49 11.00
C LEU H 288 -2.04 -7.86 9.81
N THR H 289 -2.05 -6.55 9.70
CA THR H 289 -1.37 -5.97 8.56
C THR H 289 -0.28 -5.03 8.89
N GLU H 290 0.31 -5.19 10.07
CA GLU H 290 1.33 -4.32 10.52
C GLU H 290 2.39 -5.16 11.14
N THR H 291 3.66 -4.87 10.90
CA THR H 291 4.68 -5.63 11.57
C THR H 291 5.10 -4.85 12.78
N VAL H 292 5.16 -5.48 13.94
CA VAL H 292 5.55 -4.74 15.13
C VAL H 292 6.78 -5.35 15.71
N TYR H 293 7.86 -4.57 15.85
CA TYR H 293 9.14 -5.15 16.27
C TYR H 293 9.21 -5.30 17.78
#